data_6CH8
#
_entry.id   6CH8
#
_cell.length_a   239.223
_cell.length_b   239.223
_cell.length_c   355.266
_cell.angle_alpha   90.00
_cell.angle_beta   90.00
_cell.angle_gamma   120.00
#
_symmetry.space_group_name_H-M   'H 3 2'
#
loop_
_entity.id
_entity.type
_entity.pdbx_description
1 polymer 'Envelope glycoprotein gp41'
2 polymer '35O22 Heavy Chain'
3 polymer '35O22 Light Chain'
4 polymer 'Envelope glycoprotein gp120'
5 polymer 'BG18 Heavy Chain'
6 polymer 'BG18 Light Chain'
7 branched beta-D-mannopyranose-(1-4)-2-acetamido-2-deoxy-beta-D-glucopyranose-(1-4)-2-acetamido-2-deoxy-beta-D-glucopyranose
8 branched alpha-D-mannopyranose-(1-6)-alpha-D-mannopyranose-(1-6)-beta-D-mannopyranose-(1-4)-2-acetamido-2-deoxy-beta-D-glucopyranose-(1-4)-2-acetamido-2-deoxy-beta-D-glucopyranose
9 branched alpha-D-mannopyranose-(1-6)-alpha-D-mannopyranose-(1-3)-[alpha-D-mannopyranose-(1-3)-alpha-D-mannopyranose-(1-6)]beta-D-mannopyranose-(1-4)-2-acetamido-2-deoxy-beta-D-glucopyranose-(1-4)-2-acetamido-2-deoxy-beta-D-glucopyranose
10 branched alpha-D-mannopyranose-(1-3)-[alpha-D-mannopyranose-(1-6)]beta-D-mannopyranose-(1-4)-2-acetamido-2-deoxy-beta-D-glucopyranose-(1-4)-2-acetamido-2-deoxy-beta-D-glucopyranose
11 branched alpha-D-mannopyranose-(1-6)-alpha-D-mannopyranose-(1-3)-[alpha-D-mannopyranose-(1-6)]alpha-D-mannopyranose-(1-6)-beta-D-mannopyranose-(1-4)-2-acetamido-2-deoxy-beta-D-glucopyranose-(1-4)-2-acetamido-2-deoxy-beta-D-glucopyranose
12 branched alpha-D-mannopyranose-(1-3)-beta-D-mannopyranose-(1-4)-2-acetamido-2-deoxy-beta-D-glucopyranose-(1-4)-2-acetamido-2-deoxy-beta-D-glucopyranose
13 branched alpha-D-mannopyranose-(1-6)-beta-D-mannopyranose-(1-4)-2-acetamido-2-deoxy-beta-D-glucopyranose-(1-4)-2-acetamido-2-deoxy-beta-D-glucopyranose
14 branched alpha-D-mannopyranose-(1-3)-[alpha-D-mannopyranose-(1-6)]alpha-D-mannopyranose-(1-6)-[alpha-D-mannopyranose-(1-3)]beta-D-mannopyranose-(1-4)-2-acetamido-2-deoxy-beta-D-glucopyranose-(1-4)-2-acetamido-2-deoxy-beta-D-glucopyranose
15 branched alpha-D-mannopyranose-(1-6)-alpha-D-mannopyranose-(1-3)-[alpha-D-mannopyranose-(1-6)]alpha-D-mannopyranose-(1-6)-[alpha-D-mannopyranose-(1-3)]beta-D-mannopyranose-(1-4)-2-acetamido-2-deoxy-beta-D-glucopyranose-(1-4)-2-acetamido-2-deoxy-beta-D-glucopyranose
16 branched alpha-D-mannopyranose-(1-6)-alpha-D-mannopyranose-(1-6)-[alpha-D-mannopyranose-(1-3)]beta-D-mannopyranose-(1-4)-2-acetamido-2-deoxy-beta-D-glucopyranose-(1-4)-2-acetamido-2-deoxy-beta-D-glucopyranose
17 branched alpha-D-mannopyranose-(1-2)-alpha-D-mannopyranose-(1-3)-[alpha-D-mannopyranose-(1-3)-[alpha-D-mannopyranose-(1-6)]alpha-D-mannopyranose-(1-6)]beta-D-mannopyranose-(1-4)-2-acetamido-2-deoxy-beta-D-glucopyranose-(1-4)-2-acetamido-2-deoxy-beta-D-glucopyranose
18 branched alpha-D-mannopyranose-(1-2)-alpha-D-mannopyranose-(1-6)-[alpha-D-mannopyranose-(1-3)]alpha-D-mannopyranose-(1-6)-[alpha-D-mannopyranose-(1-6)-alpha-D-mannopyranose-(1-3)]beta-D-mannopyranose-(1-4)-2-acetamido-2-deoxy-beta-D-glucopyranose-(1-4)-2-acetamido-2-deoxy-beta-D-glucopyranose
19 non-polymer 2-acetamido-2-deoxy-beta-D-glucopyranose
#
loop_
_entity_poly.entity_id
_entity_poly.type
_entity_poly.pdbx_seq_one_letter_code
_entity_poly.pdbx_strand_id
1 'polypeptide(L)'
;AVGIGAVFLGFLGAAGSTMGAASMTLTVQARNLLSGIVQQQSNLLRAIEAQQHLLKLTVWGIKQLQARVLAVERYLRDQQ
LLGIWGCSGKLICCTNVPWNSSWSNRNLSEIWDNMTWLQWDKEISNYTQIIYGLLEESQNQQEKNEQDLLALD
;
B
2 'polypeptide(L)'
;EGQLVQSGAELKKPGASVKISCKTSGYRFNFYHINWIRQTAGRGPEWMGWISPYSGDKNLAPAFQDRVIMTTDTEVPVTS
FTSTGAAYMEIRNLKFDDTGTYFCAKGLLRDGSSTWLPYLWGQGTLLTVSSASTKGPSVFPLAPSSKSTSGGTAALGCLV
KDYFPEPVTVSWNSGALTSGVHTFPAVLQSSGLYSLSSVVTVPSSSLGTQTYICNVNHKPSNTKVDKRVEPKSCDKGLEV
LFQ
;
D
3 'polypeptide(L)'
;QSVLTQSASVSGSLGQSVTISCTGPNSVCCSHKSISWYQWPPGRAPTLIIYEDNERAPGISPRFSGYKSYWSAYLTISDL
RPEDETTYYCCSYTHNSGCVFGTGTKVSVLGQSKANPSVTLFPPSSEELQANKATLVCLISDFYPGAVTVAWKADSSPVK
AGVETTTPSKQSNNKYAASSYLSLTPEQWKSHRSYSCQVTHEGSTVEKTVAPTECS
;
E
4 'polypeptide(L)'
;AENLWVTVYYGVPVWKDAETTLFCASDAKAYETEKHNVWATHACVPTDPNPQEIHLENVTEEFNMWKNNMVEQMHTDIIS
LWDQSLKPCVKLTPLCVTLQCTNVTNNITDDMRGELKNCSFNMTTELRDKKQKVYSLFYRLDVVQINENQGNRSNNSNKE
YRLINCNTSAITQACPKVSFEPIPIHYCAPAGFAILKCKDKKFNGTGPCPSVSTVQCTHGIKPVVSTQLLLNGSLAEEEV
MIRSENITNNAKNILVQFNTPVQINCTRPNNNTRKSIRIGPGQAFYATGDIIGDIRQAHCNVSKATWNETLGKVVKQLRK
HFGNNTIIRFANSSGGDLEVTTHSFNCGGEFFYCNTSGLFNSTWISNTSVQGSNSTGSNDSITLPCRIKQIINMWQRIGQ
AMYAPPIQGVIRCVSNITGLILTRDGGSTNSTTETFRPGGGDMRDNWRSELYKYKVVKIEPLGVAPTRCKRRVVGREKR
;
G
5 'polypeptide(L)'
;QVQLRESGPGLVKPSETLSLSCTVSQDSRPSDHSWTWVRQSPGKALEWIGDIHYNGATTYNPSLRSRVRIELDQSIPRFS
LKMTSMTAADTGMYYCARNAIRIYGVVALGEWFHYGMDVWGQGTAVTVSSASTKGPSVFPLAPSSKSTSGGTAALGCLVK
DYFPEPVTVSWNSGALTSGVHTFPAVLQSSGLYSLSSVVTVPSSSLGTQTYICNVNHKPSNTKVDKRVEPKSCDKHHHHH
H
;
Q
6 'polypeptide(L)'
;WASSELTQPPSVSVSPGQTARITCSGAPLTSRFTYWYRQKPGQAPVLIISRSSQRSSGWSGRFSASWSGTTVTLTIRGVQ
ADDEADYYCQSSDTSDSYKMFGGGTKLTVLGQPAAAPSVTLFPPSSEELQANKATLVCLISDFYPGAVTVAWKADSSPVK
AGVETTTPSKQSNNKYAASSYLSLTPEQWKSHKSYSCQVTHEGSTVEKTVAPTEC
;
R
#
# COMPACT_ATOMS: atom_id res chain seq x y z
N LEU A 9 -35.15 -18.54 5.10
CA LEU A 9 -34.92 -19.40 6.27
C LEU A 9 -33.43 -19.58 6.52
N GLY A 10 -33.10 -20.53 7.40
CA GLY A 10 -31.75 -20.73 7.88
C GLY A 10 -31.59 -20.30 9.33
N PHE A 11 -30.47 -20.68 9.91
CA PHE A 11 -30.20 -20.36 11.31
C PHE A 11 -30.14 -18.86 11.51
N LEU A 12 -31.07 -18.31 12.31
CA LEU A 12 -31.21 -16.87 12.51
C LEU A 12 -31.61 -16.14 11.23
N GLY A 13 -32.18 -16.87 10.26
CA GLY A 13 -32.50 -16.27 8.98
C GLY A 13 -33.44 -15.09 9.09
N ALA A 14 -34.34 -15.10 10.09
CA ALA A 14 -35.28 -14.02 10.31
C ALA A 14 -34.86 -13.11 11.45
N ALA A 15 -33.56 -13.08 11.78
CA ALA A 15 -33.10 -12.25 12.90
C ALA A 15 -33.37 -10.77 12.65
N GLY A 16 -33.29 -10.34 11.39
CA GLY A 16 -33.57 -8.96 11.04
C GLY A 16 -34.99 -8.67 10.61
N SER A 17 -35.77 -9.70 10.31
CA SER A 17 -37.15 -9.51 9.91
C SER A 17 -38.03 -9.20 11.13
N THR A 18 -39.28 -8.81 10.84
CA THR A 18 -40.21 -8.43 11.88
C THR A 18 -40.48 -9.59 12.84
N MET A 19 -40.99 -9.25 14.03
CA MET A 19 -41.27 -10.28 15.03
C MET A 19 -42.30 -11.29 14.53
N GLY A 20 -43.19 -10.86 13.63
CA GLY A 20 -44.18 -11.79 13.10
C GLY A 20 -43.56 -12.90 12.27
N ALA A 21 -42.42 -12.64 11.65
CA ALA A 21 -41.75 -13.67 10.86
C ALA A 21 -40.97 -14.63 11.74
N ALA A 22 -40.26 -14.12 12.74
CA ALA A 22 -39.58 -15.00 13.68
C ALA A 22 -40.57 -15.87 14.44
N SER A 23 -41.77 -15.34 14.69
CA SER A 23 -42.84 -16.17 15.25
C SER A 23 -43.19 -17.32 14.32
N MET A 24 -43.05 -17.12 13.01
CA MET A 24 -43.52 -18.12 12.06
C MET A 24 -42.57 -19.29 11.94
N THR A 25 -41.26 -19.06 11.95
CA THR A 25 -40.29 -20.16 11.85
C THR A 25 -39.88 -20.65 13.24
N LEU A 26 -38.78 -20.11 13.76
CA LEU A 26 -38.37 -20.25 15.16
C LEU A 26 -37.66 -21.56 15.48
N THR A 27 -38.09 -22.67 14.88
CA THR A 27 -37.46 -23.96 15.21
C THR A 27 -36.01 -23.99 14.76
N VAL A 28 -35.72 -23.46 13.56
CA VAL A 28 -34.37 -23.52 12.99
C VAL A 28 -33.36 -22.98 13.99
N GLN A 29 -33.75 -21.95 14.75
CA GLN A 29 -32.90 -21.46 15.84
C GLN A 29 -32.88 -22.46 17.00
N ALA A 30 -34.04 -23.01 17.37
CA ALA A 30 -34.10 -23.90 18.52
C ALA A 30 -33.42 -25.24 18.23
N ARG A 31 -33.53 -25.72 16.99
CA ARG A 31 -32.92 -26.99 16.62
C ARG A 31 -31.41 -26.93 16.78
N ASN A 32 -30.77 -25.99 16.08
CA ASN A 32 -29.31 -25.86 16.11
C ASN A 32 -28.86 -25.09 17.35
N LEU A 33 -29.14 -25.67 18.52
CA LEU A 33 -28.84 -24.97 19.76
C LEU A 33 -28.05 -25.84 20.72
N LEU A 34 -28.26 -27.14 20.66
CA LEU A 34 -27.59 -28.06 21.56
C LEU A 34 -26.47 -28.84 20.88
N SER A 35 -26.75 -29.50 19.77
CA SER A 35 -25.77 -30.33 19.08
C SER A 35 -25.37 -29.66 17.78
N GLY A 36 -24.09 -29.89 17.47
CA GLY A 36 -23.42 -29.43 16.29
C GLY A 36 -22.46 -30.39 15.57
N ILE A 37 -22.46 -30.21 14.25
CA ILE A 37 -21.60 -30.93 13.31
C ILE A 37 -20.14 -30.59 13.63
N VAL A 38 -20.00 -29.43 14.23
CA VAL A 38 -18.74 -28.92 14.69
C VAL A 38 -18.17 -29.86 15.75
N GLN A 39 -19.00 -30.36 16.67
CA GLN A 39 -18.45 -31.25 17.68
C GLN A 39 -17.92 -32.51 16.99
N GLN A 40 -18.69 -33.04 16.05
CA GLN A 40 -18.27 -34.14 15.20
C GLN A 40 -17.70 -35.38 15.90
N GLN A 41 -18.24 -35.74 17.05
CA GLN A 41 -17.79 -36.94 17.77
C GLN A 41 -16.27 -37.06 18.07
N SER A 42 -15.66 -35.91 18.32
CA SER A 42 -14.30 -35.95 18.80
C SER A 42 -13.33 -36.80 18.02
N ASN A 43 -12.71 -37.66 18.81
CA ASN A 43 -11.66 -38.59 18.40
C ASN A 43 -11.11 -38.69 16.98
N LEU A 44 -9.79 -38.82 16.88
CA LEU A 44 -9.10 -38.89 15.59
C LEU A 44 -9.53 -40.09 14.78
N LEU A 45 -9.69 -41.24 15.44
CA LEU A 45 -10.12 -42.46 14.76
C LEU A 45 -9.28 -42.81 13.54
N ARG A 46 -9.95 -43.11 12.44
CA ARG A 46 -9.30 -43.45 11.18
C ARG A 46 -8.21 -44.50 11.35
N HIS A 53 2.54 -40.48 19.14
CA HIS A 53 2.18 -39.81 20.39
C HIS A 53 0.82 -40.28 20.88
N LEU A 54 0.68 -40.42 22.20
CA LEU A 54 -0.54 -40.94 22.80
C LEU A 54 -0.86 -40.17 24.09
N LEU A 55 -1.06 -38.86 23.96
CA LEU A 55 -1.49 -38.01 25.07
C LEU A 55 -2.52 -37.02 24.53
N LYS A 56 -3.76 -37.12 25.02
CA LYS A 56 -4.82 -36.20 24.62
C LYS A 56 -4.99 -35.05 25.60
N LEU A 57 -3.96 -34.73 26.36
CA LEU A 57 -3.98 -33.60 27.28
C LEU A 57 -3.70 -32.27 26.58
N THR A 58 -3.73 -32.25 25.25
CA THR A 58 -3.33 -31.08 24.49
C THR A 58 -4.27 -29.91 24.76
N VAL A 59 -3.78 -28.70 24.45
CA VAL A 59 -4.56 -27.48 24.65
C VAL A 59 -5.89 -27.54 23.92
N TRP A 60 -5.93 -28.23 22.78
CA TRP A 60 -7.17 -28.32 22.02
C TRP A 60 -8.24 -29.10 22.78
N GLY A 61 -7.86 -30.24 23.36
CA GLY A 61 -8.83 -31.03 24.11
C GLY A 61 -9.42 -30.30 25.29
N ILE A 62 -8.65 -29.38 25.88
CA ILE A 62 -9.16 -28.61 27.00
C ILE A 62 -10.21 -27.61 26.54
N LYS A 63 -9.94 -26.91 25.43
CA LYS A 63 -10.91 -25.94 24.92
C LYS A 63 -12.18 -26.60 24.42
N GLN A 64 -12.04 -27.78 23.82
CA GLN A 64 -13.22 -28.47 23.30
C GLN A 64 -14.13 -28.92 24.43
N LEU A 65 -13.59 -29.63 25.42
CA LEU A 65 -14.42 -30.20 26.48
C LEU A 65 -15.09 -29.12 27.31
N GLN A 66 -14.35 -28.07 27.65
CA GLN A 66 -14.96 -26.94 28.37
C GLN A 66 -16.01 -26.22 27.52
N ALA A 67 -15.93 -26.34 26.19
CA ALA A 67 -16.97 -25.80 25.32
C ALA A 67 -18.16 -26.74 25.18
N ARG A 68 -17.93 -28.06 25.22
CA ARG A 68 -19.04 -29.00 25.22
C ARG A 68 -19.82 -28.92 26.53
N VAL A 69 -19.17 -28.55 27.63
CA VAL A 69 -19.86 -28.46 28.91
C VAL A 69 -20.79 -27.24 28.92
N LEU A 70 -20.24 -26.05 28.64
CA LEU A 70 -21.07 -24.86 28.60
C LEU A 70 -22.16 -24.95 27.54
N ALA A 71 -21.99 -25.84 26.57
CA ALA A 71 -23.05 -26.10 25.60
C ALA A 71 -24.30 -26.59 26.31
N VAL A 72 -24.20 -27.75 26.98
CA VAL A 72 -25.36 -28.29 27.69
C VAL A 72 -25.63 -27.55 28.98
N GLU A 73 -24.63 -26.87 29.56
CA GLU A 73 -24.87 -26.08 30.76
C GLU A 73 -25.76 -24.88 30.46
N ARG A 74 -25.60 -24.27 29.29
CA ARG A 74 -26.46 -23.16 28.90
C ARG A 74 -27.79 -23.64 28.34
N TYR A 75 -27.82 -24.81 27.71
CA TYR A 75 -29.08 -25.35 27.22
C TYR A 75 -29.97 -25.77 28.37
N LEU A 76 -29.40 -26.45 29.38
CA LEU A 76 -30.20 -26.93 30.50
C LEU A 76 -30.59 -25.80 31.45
N ARG A 77 -29.79 -24.73 31.51
CA ARG A 77 -30.17 -23.58 32.34
C ARG A 77 -31.41 -22.90 31.78
N ASP A 78 -31.56 -22.88 30.46
CA ASP A 78 -32.75 -22.30 29.85
C ASP A 78 -33.89 -23.31 29.79
N GLN A 79 -33.58 -24.58 29.53
CA GLN A 79 -34.61 -25.59 29.47
C GLN A 79 -35.22 -25.89 30.84
N GLN A 80 -34.45 -25.68 31.91
CA GLN A 80 -35.03 -25.78 33.25
C GLN A 80 -36.08 -24.71 33.48
N LEU A 81 -35.92 -23.54 32.85
CA LEU A 81 -36.91 -22.48 32.98
C LEU A 81 -38.22 -22.86 32.29
N LEU A 82 -38.14 -23.56 31.16
CA LEU A 82 -39.36 -23.97 30.47
C LEU A 82 -40.13 -25.03 31.26
N GLY A 83 -39.43 -25.85 32.05
CA GLY A 83 -40.11 -26.88 32.81
C GLY A 83 -40.86 -26.38 34.01
N ILE A 84 -40.36 -25.33 34.66
CA ILE A 84 -41.03 -24.75 35.82
C ILE A 84 -42.13 -23.77 35.43
N TRP A 85 -42.40 -23.62 34.13
CA TRP A 85 -43.49 -22.78 33.65
C TRP A 85 -44.61 -23.59 33.01
N GLY A 86 -44.51 -24.92 33.03
CA GLY A 86 -45.47 -25.78 32.37
C GLY A 86 -45.37 -25.79 30.86
N CYS A 87 -44.27 -25.32 30.30
CA CYS A 87 -44.11 -25.19 28.86
C CYS A 87 -43.02 -26.11 28.31
N SER A 88 -42.67 -27.16 29.06
CA SER A 88 -41.54 -27.99 28.68
C SER A 88 -41.80 -28.73 27.37
N GLY A 89 -43.00 -29.30 27.24
CA GLY A 89 -43.29 -30.14 26.08
C GLY A 89 -43.41 -29.41 24.77
N LYS A 90 -43.66 -28.09 24.81
CA LYS A 90 -43.97 -27.33 23.61
C LYS A 90 -42.98 -26.19 23.41
N LEU A 91 -42.98 -25.62 22.20
CA LEU A 91 -42.08 -24.55 21.82
C LEU A 91 -42.66 -23.15 22.06
N ILE A 92 -43.99 -23.02 22.05
CA ILE A 92 -44.65 -21.76 22.36
C ILE A 92 -45.90 -22.04 23.19
N CYS A 93 -45.91 -21.59 24.44
CA CYS A 93 -47.05 -21.80 25.32
C CYS A 93 -47.58 -20.48 25.85
N CYS A 94 -48.89 -20.41 26.04
CA CYS A 94 -49.53 -19.23 26.58
C CYS A 94 -49.52 -19.30 28.10
N THR A 95 -49.55 -18.13 28.73
CA THR A 95 -49.47 -18.01 30.17
C THR A 95 -50.68 -17.28 30.71
N ASN A 96 -50.93 -17.44 32.02
CA ASN A 96 -52.04 -16.79 32.70
C ASN A 96 -51.60 -15.57 33.50
N VAL A 97 -50.50 -14.94 33.09
CA VAL A 97 -50.00 -13.72 33.71
C VAL A 97 -50.50 -12.55 32.87
N PRO A 98 -51.29 -11.64 33.43
CA PRO A 98 -51.73 -10.47 32.66
C PRO A 98 -50.55 -9.55 32.36
N TRP A 99 -50.60 -8.90 31.20
CA TRP A 99 -49.54 -7.98 30.85
C TRP A 99 -49.76 -6.63 31.52
N ASN A 100 -48.70 -6.14 32.17
CA ASN A 100 -48.75 -4.92 32.96
C ASN A 100 -48.31 -3.75 32.10
N SER A 101 -49.12 -2.69 32.07
CA SER A 101 -48.94 -1.62 31.11
C SER A 101 -47.64 -0.85 31.34
N SER A 102 -47.09 -0.88 32.55
CA SER A 102 -45.84 -0.18 32.82
C SER A 102 -44.68 -0.75 32.01
N TRP A 103 -44.82 -1.97 31.49
CA TRP A 103 -43.74 -2.58 30.72
C TRP A 103 -43.61 -1.92 29.35
N SER A 104 -44.71 -1.84 28.60
CA SER A 104 -44.70 -1.13 27.34
C SER A 104 -46.06 -0.46 27.14
N ASN A 105 -46.04 0.73 26.55
CA ASN A 105 -47.26 1.47 26.25
C ASN A 105 -47.78 1.19 24.85
N ARG A 106 -47.03 0.46 24.02
CA ARG A 106 -47.35 0.26 22.63
C ARG A 106 -48.50 -0.74 22.54
N ASN A 107 -49.11 -0.81 21.37
CA ASN A 107 -50.34 -1.56 21.19
C ASN A 107 -50.07 -2.86 20.44
N LEU A 108 -51.12 -3.67 20.35
CA LEU A 108 -51.01 -5.04 19.85
C LEU A 108 -50.27 -5.19 18.52
N SER A 109 -50.79 -4.56 17.47
CA SER A 109 -50.16 -4.63 16.16
C SER A 109 -48.98 -3.67 16.04
N GLU A 110 -48.76 -2.81 17.03
CA GLU A 110 -47.67 -1.84 16.92
C GLU A 110 -46.31 -2.47 17.20
N ILE A 111 -46.25 -3.51 18.02
CA ILE A 111 -44.96 -4.12 18.35
C ILE A 111 -44.62 -5.27 17.41
N TRP A 112 -45.55 -6.21 17.21
CA TRP A 112 -45.30 -7.35 16.34
C TRP A 112 -45.04 -6.94 14.89
N ASP A 113 -45.36 -5.73 14.47
CA ASP A 113 -45.01 -5.45 13.09
C ASP A 113 -43.94 -4.39 12.90
N ASN A 114 -43.51 -3.77 14.00
CA ASN A 114 -42.50 -2.71 13.94
C ASN A 114 -41.22 -2.82 14.77
N MET A 115 -40.99 -3.92 15.50
CA MET A 115 -39.78 -3.97 16.31
C MET A 115 -38.80 -5.15 16.15
N THR A 116 -39.16 -6.31 15.61
CA THR A 116 -38.06 -7.28 15.29
C THR A 116 -37.31 -8.28 16.25
N TRP A 117 -37.67 -8.28 17.53
CA TRP A 117 -37.00 -9.11 18.52
C TRP A 117 -35.62 -8.62 18.95
N LEU A 118 -34.74 -8.33 17.99
CA LEU A 118 -33.43 -7.81 18.36
C LEU A 118 -33.67 -6.51 19.14
N GLN A 119 -34.53 -5.64 18.62
CA GLN A 119 -34.84 -4.41 19.34
C GLN A 119 -35.64 -4.69 20.60
N TRP A 120 -36.49 -5.73 20.57
CA TRP A 120 -37.41 -5.96 21.68
C TRP A 120 -36.67 -6.43 22.92
N ASP A 121 -35.65 -7.26 22.76
CA ASP A 121 -34.91 -7.74 23.93
C ASP A 121 -34.27 -6.60 24.71
N LYS A 122 -33.92 -5.51 24.02
CA LYS A 122 -33.40 -4.33 24.71
C LYS A 122 -34.49 -3.52 25.38
N GLU A 123 -35.75 -3.68 24.97
CA GLU A 123 -36.84 -2.91 25.54
C GLU A 123 -37.36 -3.51 26.85
N ILE A 124 -37.12 -4.79 27.09
CA ILE A 124 -37.58 -5.44 28.31
C ILE A 124 -36.45 -5.87 29.22
N SER A 125 -35.19 -5.74 28.79
CA SER A 125 -34.06 -6.25 29.56
C SER A 125 -33.96 -5.63 30.95
N ASN A 126 -34.62 -4.49 31.18
CA ASN A 126 -34.56 -3.87 32.50
C ASN A 126 -35.33 -4.68 33.54
N TYR A 127 -36.59 -4.98 33.24
CA TYR A 127 -37.46 -5.71 34.15
C TYR A 127 -37.75 -7.12 33.64
N THR A 128 -36.89 -7.66 32.78
CA THR A 128 -37.11 -8.99 32.25
C THR A 128 -37.09 -10.04 33.34
N GLN A 129 -36.19 -9.87 34.33
CA GLN A 129 -36.12 -10.82 35.43
C GLN A 129 -37.37 -10.76 36.30
N ILE A 130 -37.99 -9.59 36.39
CA ILE A 130 -39.20 -9.46 37.20
C ILE A 130 -40.36 -10.20 36.56
N ILE A 131 -40.44 -10.17 35.22
CA ILE A 131 -41.46 -10.95 34.53
C ILE A 131 -41.26 -12.44 34.79
N TYR A 132 -40.01 -12.90 34.77
CA TYR A 132 -39.72 -14.31 35.02
C TYR A 132 -40.20 -14.73 36.40
N GLY A 133 -40.06 -13.84 37.40
CA GLY A 133 -40.52 -14.17 38.73
C GLY A 133 -42.02 -14.39 38.78
N LEU A 134 -42.77 -13.46 38.19
CA LEU A 134 -44.23 -13.61 38.16
C LEU A 134 -44.65 -14.79 37.29
N LEU A 135 -43.76 -15.28 36.43
CA LEU A 135 -44.14 -16.34 35.50
C LEU A 135 -44.24 -17.69 36.20
N GLU A 136 -43.34 -17.96 37.14
CA GLU A 136 -43.39 -19.22 37.88
C GLU A 136 -44.66 -19.30 38.73
N GLU A 137 -45.19 -18.15 39.14
CA GLU A 137 -46.28 -18.14 40.10
C GLU A 137 -47.62 -18.50 39.44
N SER A 138 -48.08 -17.65 38.53
CA SER A 138 -49.45 -17.76 38.06
C SER A 138 -49.70 -19.02 37.24
N GLN A 139 -48.68 -19.53 36.55
CA GLN A 139 -48.87 -20.65 35.65
C GLN A 139 -48.53 -22.00 36.28
N ASN A 140 -47.70 -22.05 37.32
CA ASN A 140 -47.31 -23.31 37.92
C ASN A 140 -47.36 -23.34 39.44
N GLN A 141 -47.28 -22.20 40.11
CA GLN A 141 -47.39 -22.22 41.56
C GLN A 141 -48.86 -22.32 41.98
N GLN A 142 -49.75 -21.61 41.29
CA GLN A 142 -51.17 -21.68 41.57
C GLN A 142 -51.86 -22.72 40.68
N GLU A 143 -51.53 -22.70 39.38
CA GLU A 143 -52.25 -23.52 38.41
C GLU A 143 -52.07 -25.02 38.69
N LYS A 144 -50.82 -25.44 38.95
CA LYS A 144 -50.61 -26.84 39.32
C LYS A 144 -51.17 -27.14 40.70
N ASN A 145 -51.34 -26.13 41.54
CA ASN A 145 -51.95 -26.33 42.86
C ASN A 145 -53.46 -26.45 42.76
N GLU A 146 -54.09 -25.80 41.79
CA GLU A 146 -55.54 -25.76 41.68
C GLU A 146 -56.19 -27.13 41.58
N GLN A 147 -55.40 -28.21 41.47
CA GLN A 147 -55.99 -29.53 41.43
C GLN A 147 -56.66 -29.88 42.76
N ASP A 148 -56.05 -29.44 43.87
CA ASP A 148 -56.56 -29.62 45.23
C ASP A 148 -58.09 -29.66 45.28
N LEU A 149 -58.74 -28.65 44.69
CA LEU A 149 -60.19 -28.66 44.64
C LEU A 149 -60.73 -29.52 43.49
N LEU A 150 -60.07 -29.50 42.34
CA LEU A 150 -60.61 -30.18 41.16
C LEU A 150 -60.05 -31.59 40.94
N ALA A 151 -58.90 -31.92 41.54
CA ALA A 151 -58.34 -33.26 41.33
C ALA A 151 -59.32 -34.34 41.78
N LEU A 152 -60.03 -34.10 42.89
CA LEU A 152 -61.06 -35.03 43.35
C LEU A 152 -61.94 -34.36 44.40
N ASP A 153 -63.26 -34.47 44.24
CA ASP A 153 -64.20 -33.94 45.23
C ASP A 153 -65.11 -35.05 45.73
N GLU B 1 -40.00 8.72 14.60
CA GLU B 1 -39.36 9.28 15.79
C GLU B 1 -38.26 10.28 15.37
N GLY B 2 -37.79 10.14 14.14
CA GLY B 2 -36.75 10.97 13.59
C GLY B 2 -37.34 11.92 12.55
N GLN B 3 -37.07 13.20 12.76
CA GLN B 3 -37.63 14.26 11.91
C GLN B 3 -37.16 14.13 10.47
N LEU B 4 -38.00 13.56 9.62
CA LEU B 4 -37.78 13.62 8.18
C LEU B 4 -37.97 15.05 7.73
N VAL B 5 -36.89 15.72 7.34
CA VAL B 5 -36.92 17.12 6.95
C VAL B 5 -36.84 17.22 5.43
N GLN B 6 -37.71 18.03 4.84
CA GLN B 6 -37.72 18.25 3.41
C GLN B 6 -37.01 19.55 3.07
N SER B 7 -36.09 19.48 2.12
CA SER B 7 -35.45 20.66 1.56
C SER B 7 -36.23 21.10 0.34
N GLY B 8 -36.62 22.37 0.30
CA GLY B 8 -37.47 22.88 -0.76
C GLY B 8 -37.29 24.36 -1.00
N ALA B 9 -38.40 25.01 -1.37
CA ALA B 9 -38.54 26.38 -1.87
C ALA B 9 -38.13 26.47 -3.33
N GLU B 10 -37.70 25.37 -3.96
CA GLU B 10 -37.36 25.40 -5.38
C GLU B 10 -38.62 25.58 -6.21
N LEU B 11 -38.63 26.62 -7.04
CA LEU B 11 -39.76 26.90 -7.91
C LEU B 11 -39.24 27.55 -9.18
N LYS B 12 -39.83 27.17 -10.31
CA LYS B 12 -39.32 27.59 -11.61
C LYS B 12 -40.52 27.91 -12.52
N LYS B 13 -40.21 28.13 -13.80
CA LYS B 13 -41.23 28.45 -14.78
C LYS B 13 -42.10 27.23 -15.08
N PRO B 14 -43.32 27.44 -15.57
CA PRO B 14 -44.17 26.31 -15.95
C PRO B 14 -43.55 25.49 -17.07
N GLY B 15 -43.46 24.18 -16.85
CA GLY B 15 -42.88 23.27 -17.80
C GLY B 15 -41.39 23.05 -17.67
N ALA B 16 -40.72 23.77 -16.78
CA ALA B 16 -39.27 23.63 -16.61
C ALA B 16 -38.83 22.29 -16.02
N SER B 17 -39.58 21.91 -14.98
CA SER B 17 -39.41 20.67 -14.23
C SER B 17 -38.47 20.89 -13.04
N VAL B 18 -38.61 20.08 -12.01
CA VAL B 18 -37.71 20.18 -10.87
C VAL B 18 -37.66 18.90 -10.04
N LYS B 19 -36.58 18.74 -9.29
CA LYS B 19 -36.45 17.59 -8.40
C LYS B 19 -36.44 18.06 -6.94
N ILE B 20 -37.19 17.36 -6.10
CA ILE B 20 -37.30 17.70 -4.69
C ILE B 20 -36.61 16.63 -3.87
N SER B 21 -36.16 17.01 -2.67
CA SER B 21 -35.42 16.12 -1.80
C SER B 21 -36.01 16.14 -0.39
N CYS B 22 -35.80 15.04 0.34
CA CYS B 22 -36.22 14.93 1.73
C CYS B 22 -35.17 14.13 2.50
N LYS B 23 -34.52 14.79 3.45
CA LYS B 23 -33.47 14.15 4.25
C LYS B 23 -34.09 13.48 5.47
N THR B 24 -33.74 12.21 5.68
CA THR B 24 -34.28 11.42 6.78
C THR B 24 -33.21 11.19 7.84
N SER B 25 -33.68 10.82 9.03
CA SER B 25 -32.83 10.45 10.15
C SER B 25 -33.73 9.89 11.24
N GLY B 26 -33.12 9.16 12.17
CA GLY B 26 -33.83 8.67 13.34
C GLY B 26 -34.64 7.41 13.13
N TYR B 27 -34.44 6.68 12.03
CA TYR B 27 -35.16 5.44 11.79
C TYR B 27 -34.44 4.65 10.71
N ARG B 28 -34.65 3.34 10.74
CA ARG B 28 -34.11 2.46 9.70
C ARG B 28 -34.71 2.82 8.35
N PHE B 29 -33.99 3.63 7.57
CA PHE B 29 -34.47 4.06 6.26
C PHE B 29 -34.69 2.89 5.30
N ASN B 30 -34.21 1.70 5.63
CA ASN B 30 -34.18 0.60 4.67
C ASN B 30 -35.58 0.14 4.28
N PHE B 31 -36.45 -0.13 5.26
CA PHE B 31 -37.66 -0.89 4.99
C PHE B 31 -38.97 -0.17 5.29
N TYR B 32 -38.94 1.10 5.67
CA TYR B 32 -40.16 1.90 5.69
C TYR B 32 -40.33 2.58 4.33
N HIS B 33 -41.54 2.53 3.81
CA HIS B 33 -41.81 3.19 2.55
C HIS B 33 -41.89 4.70 2.76
N ILE B 34 -41.74 5.45 1.67
CA ILE B 34 -41.79 6.90 1.70
C ILE B 34 -42.78 7.35 0.63
N ASN B 35 -43.74 8.18 1.04
CA ASN B 35 -44.84 8.59 0.18
C ASN B 35 -44.70 10.07 -0.19
N TRP B 36 -45.49 10.46 -1.19
CA TRP B 36 -45.49 11.83 -1.69
C TRP B 36 -46.93 12.28 -1.87
N ILE B 37 -47.33 13.30 -1.11
CA ILE B 37 -48.68 13.86 -1.19
C ILE B 37 -48.56 15.37 -1.27
N ARG B 38 -49.47 15.99 -2.03
CA ARG B 38 -49.51 17.43 -2.20
C ARG B 38 -50.94 17.93 -2.00
N GLN B 39 -51.04 19.18 -1.55
CA GLN B 39 -52.32 19.89 -1.53
C GLN B 39 -52.19 21.13 -2.39
N THR B 40 -53.10 21.26 -3.36
CA THR B 40 -53.10 22.40 -4.26
C THR B 40 -54.06 23.47 -3.75
N ALA B 41 -54.11 24.59 -4.47
CA ALA B 41 -54.97 25.70 -4.05
C ALA B 41 -56.44 25.31 -4.13
N GLY B 42 -56.81 24.45 -5.07
CA GLY B 42 -58.18 24.01 -5.18
C GLY B 42 -58.52 22.86 -4.25
N ARG B 43 -57.82 22.80 -3.11
CA ARG B 43 -58.00 21.77 -2.08
C ARG B 43 -57.77 20.38 -2.65
N GLY B 44 -58.20 19.36 -1.90
CA GLY B 44 -58.09 17.99 -2.34
C GLY B 44 -56.66 17.51 -2.42
N PRO B 45 -56.08 17.12 -1.28
CA PRO B 45 -54.75 16.53 -1.29
C PRO B 45 -54.72 15.27 -2.15
N GLU B 46 -53.67 15.15 -2.96
CA GLU B 46 -53.55 14.06 -3.93
C GLU B 46 -52.28 13.28 -3.65
N TRP B 47 -52.43 11.99 -3.38
CA TRP B 47 -51.29 11.11 -3.17
C TRP B 47 -50.60 10.81 -4.50
N MET B 48 -49.28 10.97 -4.53
CA MET B 48 -48.52 10.76 -5.76
C MET B 48 -48.13 9.29 -5.95
N GLY B 49 -47.29 8.77 -5.06
CA GLY B 49 -46.89 7.38 -5.16
C GLY B 49 -46.02 6.98 -4.00
N TRP B 50 -45.97 5.67 -3.75
CA TRP B 50 -45.11 5.09 -2.74
C TRP B 50 -43.97 4.33 -3.39
N ILE B 51 -42.89 4.17 -2.63
CA ILE B 51 -41.68 3.51 -3.12
C ILE B 51 -40.97 2.88 -1.93
N SER B 52 -40.43 1.67 -2.15
CA SER B 52 -39.76 0.93 -1.10
C SER B 52 -38.25 1.04 -1.28
N PRO B 53 -37.49 1.50 -0.28
CA PRO B 53 -36.03 1.55 -0.42
C PRO B 53 -35.39 0.18 -0.62
N TYR B 54 -36.03 -0.89 -0.17
CA TYR B 54 -35.57 -2.23 -0.47
C TYR B 54 -36.26 -2.75 -1.72
N SER B 55 -35.54 -3.57 -2.49
CA SER B 55 -36.01 -4.14 -3.75
C SER B 55 -36.29 -3.06 -4.79
N GLY B 56 -37.14 -2.08 -4.46
CA GLY B 56 -37.38 -0.94 -5.31
C GLY B 56 -38.73 -0.91 -5.98
N ASP B 57 -39.60 -1.88 -5.73
CA ASP B 57 -40.94 -1.89 -6.32
C ASP B 57 -41.71 -0.65 -5.89
N LYS B 58 -42.30 0.04 -6.86
CA LYS B 58 -43.09 1.23 -6.59
C LYS B 58 -44.40 1.15 -7.38
N ASN B 59 -45.44 1.75 -6.82
CA ASN B 59 -46.73 1.88 -7.51
C ASN B 59 -47.19 3.31 -7.39
N LEU B 60 -47.07 4.06 -8.48
CA LEU B 60 -47.50 5.45 -8.54
C LEU B 60 -48.90 5.52 -9.13
N ALA B 61 -49.63 6.57 -8.73
CA ALA B 61 -51.01 6.75 -9.19
C ALA B 61 -51.07 6.80 -10.71
N PRO B 62 -52.17 6.34 -11.31
CA PRO B 62 -52.27 6.37 -12.78
C PRO B 62 -52.31 7.78 -13.35
N ALA B 63 -52.78 8.76 -12.57
CA ALA B 63 -52.83 10.14 -13.04
C ALA B 63 -51.45 10.78 -13.19
N PHE B 64 -50.41 10.18 -12.60
CA PHE B 64 -49.06 10.73 -12.68
C PHE B 64 -48.02 9.69 -13.10
N GLN B 65 -48.44 8.47 -13.45
CA GLN B 65 -47.48 7.41 -13.74
C GLN B 65 -46.80 7.57 -15.10
N ASP B 66 -47.21 8.55 -15.90
CA ASP B 66 -46.60 8.78 -17.20
C ASP B 66 -45.63 9.97 -17.21
N ARG B 67 -45.81 10.91 -16.28
CA ARG B 67 -44.94 12.09 -16.21
C ARG B 67 -44.11 12.24 -14.94
N VAL B 68 -44.31 11.36 -13.97
CA VAL B 68 -43.58 11.43 -12.71
C VAL B 68 -42.83 10.11 -12.53
N ILE B 69 -41.51 10.21 -12.36
CA ILE B 69 -40.66 9.06 -12.07
C ILE B 69 -39.78 9.43 -10.88
N MET B 70 -39.95 8.70 -9.78
CA MET B 70 -39.23 8.97 -8.54
C MET B 70 -38.25 7.84 -8.24
N THR B 71 -37.05 8.20 -7.79
CA THR B 71 -36.03 7.24 -7.44
C THR B 71 -35.36 7.67 -6.14
N THR B 72 -34.57 6.76 -5.56
CA THR B 72 -33.99 6.97 -4.25
C THR B 72 -32.78 6.06 -4.08
N ASP B 73 -31.74 6.59 -3.42
CA ASP B 73 -30.49 5.90 -3.22
C ASP B 73 -30.53 5.10 -1.90
N THR B 74 -29.38 4.58 -1.48
CA THR B 74 -29.28 3.78 -0.27
C THR B 74 -29.01 4.68 0.94
N GLU B 75 -28.80 4.06 2.09
CA GLU B 75 -28.62 4.76 3.35
C GLU B 75 -27.33 4.33 4.02
N VAL B 76 -26.81 5.19 4.88
CA VAL B 76 -25.61 4.94 5.67
C VAL B 76 -26.05 4.65 7.09
N PRO B 77 -25.73 3.47 7.65
CA PRO B 77 -26.13 3.19 9.02
C PRO B 77 -25.41 4.08 10.02
N VAL B 78 -26.18 4.46 11.07
CA VAL B 78 -25.64 5.15 12.24
C VAL B 78 -25.49 4.18 13.42
N THR B 79 -26.57 3.54 13.83
CA THR B 79 -26.52 2.46 14.80
C THR B 79 -27.15 1.22 14.16
N SER B 80 -27.37 0.16 14.95
CA SER B 80 -28.03 -1.03 14.43
C SER B 80 -29.49 -0.79 14.06
N PHE B 81 -30.10 0.27 14.59
CA PHE B 81 -31.54 0.50 14.45
C PHE B 81 -31.88 1.87 13.86
N THR B 82 -30.91 2.75 13.68
CA THR B 82 -31.14 4.04 13.03
C THR B 82 -30.24 4.15 11.81
N SER B 83 -30.56 5.13 10.96
CA SER B 83 -29.79 5.40 9.76
C SER B 83 -30.26 6.73 9.18
N THR B 84 -29.49 7.22 8.21
CA THR B 84 -29.79 8.46 7.52
C THR B 84 -29.93 8.18 6.03
N GLY B 85 -31.01 8.69 5.43
CA GLY B 85 -31.27 8.49 4.03
C GLY B 85 -31.86 9.73 3.39
N ALA B 86 -32.19 9.61 2.12
CA ALA B 86 -32.75 10.73 1.36
C ALA B 86 -33.54 10.16 0.18
N ALA B 87 -34.57 10.90 -0.23
CA ALA B 87 -35.44 10.49 -1.32
C ALA B 87 -35.60 11.64 -2.31
N TYR B 88 -35.78 11.29 -3.58
CA TYR B 88 -35.93 12.25 -4.65
C TYR B 88 -37.20 11.97 -5.43
N MET B 89 -37.66 12.98 -6.17
CA MET B 89 -38.89 12.88 -6.95
C MET B 89 -38.77 13.80 -8.14
N GLU B 90 -38.90 13.26 -9.35
CA GLU B 90 -38.79 14.02 -10.58
C GLU B 90 -40.16 14.13 -11.25
N ILE B 91 -40.46 15.32 -11.76
CA ILE B 91 -41.72 15.61 -12.43
C ILE B 91 -41.42 16.34 -13.72
N ARG B 92 -42.36 16.26 -14.67
CA ARG B 92 -42.18 16.86 -16.00
C ARG B 92 -43.47 17.53 -16.44
N ASN B 93 -43.35 18.76 -16.93
CA ASN B 93 -44.47 19.55 -17.44
C ASN B 93 -45.47 19.90 -16.34
N LEU B 94 -45.61 21.19 -16.04
CA LEU B 94 -46.47 21.62 -14.93
C LEU B 94 -47.10 22.97 -15.26
N LYS B 95 -48.22 23.25 -14.61
CA LYS B 95 -48.94 24.50 -14.78
C LYS B 95 -49.42 24.98 -13.41
N PHE B 96 -50.17 26.09 -13.41
CA PHE B 96 -50.61 26.70 -12.15
C PHE B 96 -51.39 25.72 -11.28
N ASP B 97 -52.11 24.78 -11.89
CA ASP B 97 -52.85 23.79 -11.12
C ASP B 97 -51.92 22.89 -10.31
N ASP B 98 -50.65 22.82 -10.68
CA ASP B 98 -49.65 22.05 -9.95
C ASP B 98 -48.97 22.85 -8.84
N THR B 99 -49.35 24.12 -8.66
CA THR B 99 -48.83 24.91 -7.57
C THR B 99 -49.45 24.46 -6.24
N GLY B 100 -48.64 24.48 -5.19
CA GLY B 100 -49.13 24.14 -3.87
C GLY B 100 -48.00 23.72 -2.96
N THR B 101 -48.39 23.16 -1.82
CA THR B 101 -47.45 22.67 -0.82
C THR B 101 -47.28 21.16 -0.95
N TYR B 102 -46.04 20.69 -0.83
CA TYR B 102 -45.69 19.30 -1.06
C TYR B 102 -45.06 18.70 0.20
N PHE B 103 -45.54 17.52 0.57
CA PHE B 103 -45.05 16.82 1.75
C PHE B 103 -44.51 15.45 1.36
N CYS B 104 -43.43 15.04 2.02
CA CYS B 104 -42.94 13.68 2.00
C CYS B 104 -43.10 13.11 3.40
N ALA B 105 -43.55 11.86 3.49
CA ALA B 105 -43.87 11.30 4.79
C ALA B 105 -43.55 9.82 4.84
N LYS B 106 -43.04 9.38 5.98
CA LYS B 106 -42.58 8.01 6.17
C LYS B 106 -43.75 7.05 6.22
N GLY B 107 -43.60 5.89 5.58
CA GLY B 107 -44.63 4.87 5.63
C GLY B 107 -44.84 4.38 7.06
N LEU B 108 -46.09 4.01 7.36
CA LEU B 108 -46.47 3.79 8.75
C LEU B 108 -45.74 2.60 9.35
N LEU B 109 -45.95 1.41 8.78
CA LEU B 109 -45.54 0.19 9.45
C LEU B 109 -44.77 -0.72 8.49
N ARG B 110 -44.11 -1.73 9.07
CA ARG B 110 -43.30 -2.70 8.36
C ARG B 110 -44.02 -4.04 8.27
N ASP B 111 -45.22 -4.05 7.71
CA ASP B 111 -46.02 -5.28 7.69
C ASP B 111 -46.78 -5.34 6.37
N GLY B 112 -47.80 -6.17 6.31
CA GLY B 112 -48.48 -6.41 5.05
C GLY B 112 -49.94 -6.01 4.99
N SER B 113 -50.51 -5.61 6.12
CA SER B 113 -51.91 -5.18 6.11
C SER B 113 -52.05 -3.73 5.63
N SER B 114 -51.15 -2.82 6.03
CA SER B 114 -51.25 -1.41 5.64
C SER B 114 -49.90 -0.72 5.85
N THR B 115 -49.29 -0.24 4.77
CA THR B 115 -47.98 0.40 4.90
C THR B 115 -47.99 1.59 4.00
N TRP B 116 -48.70 1.47 2.89
CA TRP B 116 -48.68 2.53 1.90
C TRP B 116 -49.12 3.88 2.47
N LEU B 117 -49.73 3.90 3.67
CA LEU B 117 -50.13 5.18 4.24
C LEU B 117 -48.97 5.83 4.98
N PRO B 118 -48.86 7.15 4.89
CA PRO B 118 -47.79 7.85 5.61
C PRO B 118 -48.05 7.89 7.11
N TYR B 119 -47.00 8.24 7.85
CA TYR B 119 -47.00 8.27 9.31
C TYR B 119 -46.42 9.59 9.81
N LEU B 120 -45.12 9.77 9.62
CA LEU B 120 -44.43 10.97 10.06
C LEU B 120 -44.06 11.82 8.86
N TRP B 121 -44.42 13.10 8.92
CA TRP B 121 -44.46 13.98 7.77
C TRP B 121 -43.28 14.95 7.78
N GLY B 122 -42.82 15.28 6.58
CA GLY B 122 -41.80 16.30 6.42
C GLY B 122 -42.31 17.68 6.78
N GLN B 123 -41.39 18.63 6.79
CA GLN B 123 -41.76 20.00 7.11
C GLN B 123 -42.52 20.68 5.97
N GLY B 124 -42.52 20.08 4.79
CA GLY B 124 -43.26 20.65 3.67
C GLY B 124 -42.43 21.63 2.87
N THR B 125 -42.77 21.72 1.58
CA THR B 125 -42.08 22.60 0.64
C THR B 125 -43.10 23.36 -0.18
N LEU B 126 -42.96 24.67 -0.26
CA LEU B 126 -43.89 25.51 -1.00
C LEU B 126 -43.34 25.75 -2.40
N LEU B 127 -44.05 25.21 -3.40
CA LEU B 127 -43.70 25.37 -4.81
C LEU B 127 -44.61 26.40 -5.46
N THR B 128 -44.03 27.27 -6.27
CA THR B 128 -44.77 28.29 -7.00
C THR B 128 -44.53 28.10 -8.49
N VAL B 129 -45.59 27.76 -9.22
CA VAL B 129 -45.51 27.63 -10.67
C VAL B 129 -46.17 28.84 -11.31
N SER B 130 -45.65 30.03 -11.00
CA SER B 130 -46.17 31.28 -11.53
C SER B 130 -45.31 31.76 -12.69
N SER B 131 -45.95 32.40 -13.66
CA SER B 131 -45.23 32.97 -14.80
C SER B 131 -44.57 34.29 -14.45
N ALA B 132 -44.84 34.86 -13.27
CA ALA B 132 -44.23 36.12 -12.88
C ALA B 132 -42.76 35.91 -12.51
N SER B 133 -41.98 36.97 -12.66
CA SER B 133 -40.54 36.91 -12.47
C SER B 133 -40.16 37.12 -11.00
N THR B 134 -38.91 36.82 -10.69
CA THR B 134 -38.41 36.94 -9.32
C THR B 134 -38.21 38.42 -8.97
N LYS B 135 -38.59 38.77 -7.74
CA LYS B 135 -38.44 40.14 -7.25
C LYS B 135 -37.94 40.12 -5.81
N GLY B 136 -36.90 40.90 -5.54
CA GLY B 136 -36.43 41.08 -4.18
C GLY B 136 -37.43 41.87 -3.35
N PRO B 137 -37.52 41.57 -2.06
CA PRO B 137 -38.49 42.25 -1.20
C PRO B 137 -37.99 43.64 -0.82
N SER B 138 -38.88 44.39 -0.16
CA SER B 138 -38.58 45.72 0.34
C SER B 138 -38.83 45.74 1.84
N VAL B 139 -37.84 46.22 2.59
CA VAL B 139 -37.92 46.29 4.05
C VAL B 139 -38.30 47.70 4.47
N PHE B 140 -39.23 47.79 5.42
CA PHE B 140 -39.69 49.07 5.95
C PHE B 140 -39.85 48.95 7.45
N PRO B 141 -39.54 50.00 8.20
CA PRO B 141 -39.67 49.94 9.66
C PRO B 141 -41.13 50.01 10.08
N LEU B 142 -41.41 49.46 11.26
CA LEU B 142 -42.73 49.51 11.87
C LEU B 142 -42.76 50.64 12.89
N ALA B 143 -43.65 51.61 12.68
CA ALA B 143 -43.67 52.80 13.51
C ALA B 143 -44.07 52.46 14.95
N PRO B 144 -43.60 53.26 15.92
CA PRO B 144 -43.97 53.01 17.34
C PRO B 144 -45.38 53.50 17.66
N SER B 145 -46.36 52.77 17.15
CA SER B 145 -47.75 53.04 17.51
C SER B 145 -47.94 52.75 18.99
N SER B 146 -48.39 53.77 19.73
CA SER B 146 -48.42 53.72 21.19
C SER B 146 -49.21 52.51 21.68
N LYS B 147 -48.60 51.76 22.61
CA LYS B 147 -49.25 50.61 23.21
C LYS B 147 -48.86 50.55 24.69
N SER B 148 -49.80 50.06 25.50
CA SER B 148 -49.58 49.98 26.93
C SER B 148 -48.36 49.12 27.23
N THR B 149 -47.47 49.64 28.09
CA THR B 149 -46.24 48.97 28.47
C THR B 149 -46.10 48.89 29.99
N SER B 150 -47.22 48.62 30.67
CA SER B 150 -47.19 48.47 32.13
C SER B 150 -46.31 47.28 32.51
N GLY B 151 -45.41 47.52 33.47
CA GLY B 151 -44.35 46.58 33.76
C GLY B 151 -43.08 46.79 32.96
N GLY B 152 -43.07 47.76 32.05
CA GLY B 152 -41.88 48.06 31.27
C GLY B 152 -41.65 47.14 30.08
N THR B 153 -42.72 46.58 29.51
CA THR B 153 -42.64 45.64 28.41
C THR B 153 -43.64 46.01 27.34
N ALA B 154 -43.20 46.00 26.07
CA ALA B 154 -44.08 46.37 24.97
C ALA B 154 -43.64 45.66 23.69
N ALA B 155 -44.60 45.49 22.79
CA ALA B 155 -44.39 44.81 21.52
C ALA B 155 -43.92 45.80 20.45
N LEU B 156 -43.28 45.25 19.41
CA LEU B 156 -42.80 46.00 18.25
C LEU B 156 -42.67 45.02 17.08
N GLY B 157 -42.02 45.44 16.01
CA GLY B 157 -41.79 44.57 14.88
C GLY B 157 -41.20 45.31 13.71
N CYS B 158 -41.21 44.64 12.55
CA CYS B 158 -40.72 45.19 11.29
C CYS B 158 -41.58 44.69 10.15
N LEU B 159 -41.86 45.59 9.20
CA LEU B 159 -42.82 45.34 8.13
C LEU B 159 -42.12 44.99 6.81
N VAL B 160 -42.78 44.14 6.03
CA VAL B 160 -42.30 43.72 4.72
C VAL B 160 -43.42 43.96 3.71
N LYS B 161 -43.08 44.63 2.60
CA LYS B 161 -44.06 45.01 1.59
C LYS B 161 -43.56 44.64 0.21
N ASP B 162 -44.47 44.11 -0.62
CA ASP B 162 -44.22 43.82 -2.03
C ASP B 162 -43.06 42.86 -2.24
N TYR B 163 -43.33 41.56 -2.17
CA TYR B 163 -42.32 40.55 -2.46
C TYR B 163 -42.95 39.41 -3.25
N PHE B 164 -42.09 38.58 -3.85
CA PHE B 164 -42.48 37.48 -4.72
C PHE B 164 -41.23 36.76 -5.19
N PRO B 165 -41.24 35.43 -5.33
CA PRO B 165 -42.30 34.47 -5.00
C PRO B 165 -42.02 33.70 -3.71
N GLU B 166 -43.02 32.95 -3.24
CA GLU B 166 -42.95 32.11 -2.04
C GLU B 166 -42.78 32.97 -0.78
N PRO B 167 -43.29 32.53 0.35
CA PRO B 167 -43.08 33.27 1.60
C PRO B 167 -41.80 32.86 2.30
N VAL B 168 -41.43 33.65 3.30
CA VAL B 168 -40.24 33.40 4.11
C VAL B 168 -40.54 33.85 5.53
N THR B 169 -39.58 33.67 6.44
CA THR B 169 -39.78 33.96 7.85
C THR B 169 -38.88 35.09 8.30
N VAL B 170 -39.10 35.51 9.55
CA VAL B 170 -38.30 36.55 10.20
C VAL B 170 -37.61 35.92 11.39
N SER B 171 -36.32 36.20 11.54
CA SER B 171 -35.52 35.67 12.64
C SER B 171 -34.95 36.82 13.46
N TRP B 172 -34.07 36.49 14.39
CA TRP B 172 -33.40 37.47 15.24
C TRP B 172 -31.91 37.19 15.25
N ASN B 173 -31.15 38.17 15.71
CA ASN B 173 -29.69 38.06 15.71
C ASN B 173 -29.24 37.03 16.73
N SER B 174 -28.43 36.08 16.27
CA SER B 174 -27.84 35.02 17.11
C SER B 174 -28.90 34.14 17.76
N GLY B 175 -30.09 34.08 17.20
CA GLY B 175 -31.14 33.22 17.71
C GLY B 175 -31.65 33.62 19.08
N ALA B 176 -31.50 32.72 20.07
CA ALA B 176 -31.83 32.97 21.46
C ALA B 176 -33.31 33.27 21.70
N LEU B 177 -33.85 34.25 20.98
CA LEU B 177 -35.22 34.73 21.20
C LEU B 177 -36.14 34.10 20.16
N THR B 178 -36.80 33.01 20.55
CA THR B 178 -37.78 32.35 19.69
C THR B 178 -39.14 32.15 20.33
N SER B 179 -39.24 32.09 21.66
CA SER B 179 -40.50 31.89 22.34
C SER B 179 -41.16 33.23 22.65
N GLY B 180 -42.46 33.30 22.43
CA GLY B 180 -43.20 34.52 22.70
C GLY B 180 -42.92 35.64 21.72
N VAL B 181 -42.88 35.32 20.43
CA VAL B 181 -42.84 36.32 19.37
C VAL B 181 -43.80 35.85 18.28
N HIS B 182 -44.57 36.78 17.71
CA HIS B 182 -45.70 36.42 16.85
C HIS B 182 -45.64 37.21 15.53
N THR B 183 -45.15 36.57 14.46
CA THR B 183 -45.22 37.15 13.14
C THR B 183 -46.48 36.65 12.43
N PHE B 184 -47.08 37.52 11.62
CA PHE B 184 -48.42 37.34 11.11
C PHE B 184 -48.42 36.77 9.69
N PRO B 185 -49.54 36.19 9.26
CA PRO B 185 -49.56 35.51 7.96
C PRO B 185 -49.32 36.47 6.80
N ALA B 186 -48.92 35.90 5.67
CA ALA B 186 -48.66 36.67 4.47
C ALA B 186 -49.97 37.19 3.88
N VAL B 187 -49.86 38.24 3.07
CA VAL B 187 -51.00 38.87 2.43
C VAL B 187 -50.78 38.88 0.92
N LEU B 188 -51.86 38.75 0.17
CA LEU B 188 -51.83 38.79 -1.29
C LEU B 188 -52.55 40.04 -1.74
N GLN B 189 -51.79 41.02 -2.24
CA GLN B 189 -52.40 42.21 -2.82
C GLN B 189 -53.14 41.87 -4.10
N SER B 190 -54.08 42.75 -4.46
CA SER B 190 -54.74 42.63 -5.76
C SER B 190 -53.76 42.89 -6.90
N SER B 191 -52.62 43.51 -6.61
CA SER B 191 -51.58 43.77 -7.60
C SER B 191 -50.70 42.56 -7.89
N GLY B 192 -50.78 41.51 -7.08
CA GLY B 192 -49.94 40.35 -7.24
C GLY B 192 -48.68 40.35 -6.41
N LEU B 193 -48.46 41.36 -5.58
CA LEU B 193 -47.29 41.47 -4.73
C LEU B 193 -47.65 41.06 -3.30
N TYR B 194 -46.86 40.15 -2.74
CA TYR B 194 -47.11 39.69 -1.38
C TYR B 194 -46.49 40.63 -0.35
N SER B 195 -46.96 40.51 0.88
CA SER B 195 -46.41 41.28 1.99
C SER B 195 -46.69 40.52 3.28
N LEU B 196 -46.02 40.93 4.35
CA LEU B 196 -46.20 40.27 5.64
C LEU B 196 -45.73 41.21 6.75
N SER B 197 -46.00 40.81 7.99
CA SER B 197 -45.68 41.62 9.16
C SER B 197 -45.19 40.72 10.29
N SER B 198 -44.50 41.34 11.24
CA SER B 198 -43.97 40.65 12.40
C SER B 198 -44.20 41.51 13.64
N VAL B 199 -44.54 40.85 14.75
CA VAL B 199 -44.77 41.55 16.02
C VAL B 199 -44.21 40.69 17.15
N VAL B 200 -43.26 41.25 17.89
CA VAL B 200 -42.51 40.52 18.91
C VAL B 200 -43.11 40.80 20.28
N THR B 201 -43.22 39.76 21.11
CA THR B 201 -43.79 39.87 22.45
C THR B 201 -42.68 39.71 23.48
N VAL B 202 -41.88 40.76 23.63
CA VAL B 202 -40.78 40.77 24.59
C VAL B 202 -40.74 42.11 25.30
N PRO B 203 -40.07 42.19 26.45
CA PRO B 203 -39.91 43.47 27.14
C PRO B 203 -39.10 44.45 26.30
N SER B 204 -39.67 45.64 26.08
CA SER B 204 -39.00 46.70 25.34
C SER B 204 -38.44 47.81 26.23
N SER B 205 -39.06 48.06 27.38
CA SER B 205 -38.56 49.02 28.38
C SER B 205 -38.45 50.38 27.71
N SER B 206 -37.29 51.02 27.71
CA SER B 206 -37.07 52.24 26.95
C SER B 206 -36.17 51.91 25.78
N LEU B 207 -36.49 52.48 24.62
CA LEU B 207 -35.72 52.20 23.41
C LEU B 207 -34.29 52.69 23.56
N GLY B 208 -33.33 51.84 23.19
CA GLY B 208 -31.94 52.23 23.23
C GLY B 208 -30.97 51.10 23.51
N THR B 209 -30.86 50.71 24.80
CA THR B 209 -29.84 49.75 25.21
C THR B 209 -30.16 48.32 24.78
N GLN B 210 -31.44 47.97 24.65
CA GLN B 210 -31.81 46.64 24.21
C GLN B 210 -31.61 46.49 22.70
N THR B 211 -31.68 45.26 22.23
CA THR B 211 -31.52 44.96 20.80
C THR B 211 -32.87 45.03 20.09
N TYR B 212 -32.93 45.81 19.02
CA TYR B 212 -34.16 46.00 18.25
C TYR B 212 -33.97 45.69 16.77
N ILE B 213 -32.94 44.93 16.43
CA ILE B 213 -32.65 44.63 15.03
C ILE B 213 -33.37 43.35 14.65
N CYS B 214 -34.31 43.45 13.71
CA CYS B 214 -35.01 42.28 13.21
C CYS B 214 -34.24 41.70 12.03
N ASN B 215 -34.14 40.37 12.00
CA ASN B 215 -33.34 39.67 11.01
C ASN B 215 -34.27 38.99 10.01
N VAL B 216 -33.93 39.11 8.72
CA VAL B 216 -34.76 38.61 7.64
C VAL B 216 -33.89 37.76 6.71
N ASN B 217 -34.31 36.52 6.48
CA ASN B 217 -33.66 35.62 5.52
C ASN B 217 -34.68 35.21 4.48
N HIS B 218 -34.24 35.04 3.24
CA HIS B 218 -35.17 35.14 2.12
C HIS B 218 -34.86 34.11 1.04
N LYS B 219 -35.38 34.43 -0.16
CA LYS B 219 -35.32 33.62 -1.41
C LYS B 219 -34.28 33.95 -2.52
N PRO B 220 -34.75 34.17 -3.80
CA PRO B 220 -33.81 34.43 -4.91
C PRO B 220 -33.00 35.65 -4.57
N SER B 221 -33.65 36.72 -4.16
CA SER B 221 -32.91 37.79 -3.50
C SER B 221 -31.89 37.57 -2.39
N ASN B 222 -32.06 36.50 -1.59
CA ASN B 222 -31.26 36.24 -0.41
C ASN B 222 -31.32 37.45 0.52
N THR B 223 -30.37 37.57 1.43
CA THR B 223 -30.43 38.65 2.40
C THR B 223 -29.06 39.27 2.61
N LYS B 224 -29.07 40.57 2.91
CA LYS B 224 -27.88 41.33 3.24
C LYS B 224 -28.27 42.47 4.16
N VAL B 225 -29.46 43.03 3.94
CA VAL B 225 -29.95 44.17 4.69
C VAL B 225 -30.89 43.67 5.78
N ASP B 226 -30.60 44.04 7.02
CA ASP B 226 -31.48 43.79 8.16
C ASP B 226 -31.60 45.09 8.94
N LYS B 227 -32.76 45.75 8.82
CA LYS B 227 -32.92 47.11 9.30
C LYS B 227 -33.50 47.15 10.71
N ARG B 228 -33.11 48.19 11.46
CA ARG B 228 -33.66 48.47 12.78
C ARG B 228 -34.78 49.49 12.65
N VAL B 229 -35.38 49.84 13.79
CA VAL B 229 -36.50 50.76 13.84
C VAL B 229 -36.01 52.17 14.12
N GLU B 230 -36.63 53.15 13.46
CA GLU B 230 -36.21 54.54 13.60
C GLU B 230 -36.55 55.07 14.99
N PRO B 231 -35.74 55.99 15.54
CA PRO B 231 -35.81 56.27 16.98
C PRO B 231 -36.94 57.20 17.44
N LYS B 232 -37.30 58.21 16.66
CA LYS B 232 -38.31 59.18 17.09
C LYS B 232 -39.60 58.46 17.50
N SER B 233 -40.14 58.82 18.66
CA SER B 233 -41.17 57.99 19.28
C SER B 233 -42.13 58.83 20.11
N CYS B 234 -43.27 58.21 20.43
CA CYS B 234 -44.29 58.76 21.30
C CYS B 234 -44.08 58.29 22.74
N ASP B 235 -44.93 58.77 23.65
CA ASP B 235 -44.88 58.53 25.10
C ASP B 235 -43.55 57.99 25.64
N SER C 2 -62.10 14.74 -6.74
CA SER C 2 -62.07 13.57 -5.87
C SER C 2 -63.44 12.89 -5.83
N VAL C 3 -63.46 11.59 -6.10
CA VAL C 3 -64.70 10.82 -6.10
C VAL C 3 -64.99 10.34 -4.68
N LEU C 4 -65.14 11.29 -3.77
CA LEU C 4 -65.48 11.02 -2.39
C LEU C 4 -66.14 12.27 -1.82
N THR C 5 -67.02 12.07 -0.84
CA THR C 5 -67.64 13.18 -0.12
C THR C 5 -67.45 13.01 1.38
N GLN C 6 -67.12 14.11 2.03
CA GLN C 6 -67.00 14.17 3.48
C GLN C 6 -68.18 14.94 4.05
N SER C 7 -68.19 15.08 5.37
CA SER C 7 -69.30 15.73 6.07
C SER C 7 -69.26 17.26 5.97
N ALA C 8 -68.39 17.82 5.12
CA ALA C 8 -68.35 19.25 4.82
C ALA C 8 -68.20 20.04 6.13
N SER C 9 -69.07 20.99 6.42
CA SER C 9 -68.95 21.78 7.64
C SER C 9 -69.81 21.18 8.75
N VAL C 10 -69.19 20.91 9.89
CA VAL C 10 -69.88 20.42 11.08
C VAL C 10 -69.37 21.21 12.28
N SER C 11 -70.22 21.35 13.29
CA SER C 11 -69.89 22.11 14.49
C SER C 11 -70.10 21.25 15.73
N GLY C 12 -69.55 21.71 16.84
CA GLY C 12 -69.67 21.01 18.10
C GLY C 12 -69.25 21.89 19.25
N SER C 13 -69.72 21.54 20.44
CA SER C 13 -69.46 22.31 21.64
C SER C 13 -68.40 21.63 22.51
N LEU C 14 -67.79 22.44 23.39
CA LEU C 14 -66.77 21.94 24.30
C LEU C 14 -67.33 20.85 25.21
N GLY C 15 -66.46 19.95 25.65
CA GLY C 15 -66.89 18.89 26.54
C GLY C 15 -67.94 17.96 25.96
N GLN C 16 -68.19 18.03 24.66
CA GLN C 16 -69.19 17.21 23.98
C GLN C 16 -68.52 16.39 22.88
N SER C 17 -69.34 15.80 22.02
CA SER C 17 -68.83 14.95 20.95
C SER C 17 -69.28 15.47 19.59
N VAL C 18 -68.65 14.95 18.54
CA VAL C 18 -68.98 15.28 17.16
C VAL C 18 -68.58 14.11 16.29
N THR C 19 -69.36 13.88 15.24
CA THR C 19 -69.12 12.77 14.33
C THR C 19 -69.12 13.26 12.90
N ILE C 20 -68.16 12.78 12.11
CA ILE C 20 -67.99 13.18 10.72
C ILE C 20 -68.08 11.92 9.85
N SER C 21 -68.87 12.00 8.78
CA SER C 21 -69.03 10.90 7.84
C SER C 21 -68.25 11.16 6.56
N CYS C 22 -67.79 10.06 5.96
CA CYS C 22 -67.19 10.08 4.63
C CYS C 22 -67.64 8.84 3.90
N THR C 23 -67.91 8.98 2.61
CA THR C 23 -68.43 7.86 1.83
C THR C 23 -68.13 8.09 0.35
N GLY C 24 -68.44 7.08 -0.45
CA GLY C 24 -68.22 7.12 -1.88
C GLY C 24 -68.94 6.01 -2.61
N PRO C 25 -68.67 5.88 -3.91
CA PRO C 25 -69.31 4.82 -4.71
C PRO C 25 -68.57 3.51 -4.62
N ASN C 26 -68.99 2.52 -5.43
CA ASN C 26 -68.48 1.16 -5.26
C ASN C 26 -67.02 1.03 -5.67
N SER C 27 -66.55 1.84 -6.62
CA SER C 27 -65.16 1.75 -7.06
C SER C 27 -64.21 2.05 -5.90
N VAL C 28 -64.46 3.13 -5.18
CA VAL C 28 -63.64 3.52 -4.05
C VAL C 28 -64.33 3.15 -2.73
N CYS C 29 -65.28 2.20 -2.77
CA CYS C 29 -66.13 1.89 -1.63
C CYS C 29 -65.31 1.42 -0.44
N CYS C 30 -65.92 1.53 0.74
CA CYS C 30 -65.32 1.12 1.99
C CYS C 30 -65.88 -0.20 2.52
N SER C 31 -66.68 -0.90 1.70
CA SER C 31 -67.18 -2.21 2.10
C SER C 31 -66.04 -3.14 2.47
N HIS C 32 -64.99 -3.16 1.65
CA HIS C 32 -63.83 -4.01 1.86
C HIS C 32 -62.53 -3.24 2.07
N LYS C 33 -62.39 -2.06 1.46
CA LYS C 33 -61.16 -1.29 1.60
C LYS C 33 -61.06 -0.68 2.99
N SER C 34 -59.91 -0.85 3.62
CA SER C 34 -59.66 -0.24 4.92
C SER C 34 -59.58 1.28 4.79
N ILE C 35 -59.77 1.96 5.92
CA ILE C 35 -59.93 3.41 5.95
C ILE C 35 -58.98 4.00 6.97
N SER C 36 -58.39 5.16 6.62
CA SER C 36 -57.54 5.91 7.52
C SER C 36 -57.99 7.37 7.53
N TRP C 37 -57.65 8.08 8.60
CA TRP C 37 -58.04 9.47 8.82
C TRP C 37 -56.82 10.31 9.16
N TYR C 38 -56.90 11.60 8.85
CA TYR C 38 -55.80 12.52 9.08
C TYR C 38 -56.30 13.84 9.64
N GLN C 39 -55.52 14.41 10.55
CA GLN C 39 -55.69 15.79 11.00
C GLN C 39 -54.74 16.67 10.20
N TRP C 40 -55.25 17.81 9.73
CA TRP C 40 -54.52 18.63 8.77
C TRP C 40 -54.79 20.11 9.02
N PRO C 41 -54.01 20.74 9.89
CA PRO C 41 -54.01 22.21 9.93
C PRO C 41 -53.50 22.77 8.61
N PRO C 42 -54.22 23.70 7.99
CA PRO C 42 -53.80 24.23 6.70
C PRO C 42 -52.43 24.92 6.79
N GLY C 43 -51.60 24.69 5.79
CA GLY C 43 -50.21 25.16 5.84
C GLY C 43 -49.27 24.45 6.80
N ARG C 44 -49.69 24.26 8.05
CA ARG C 44 -48.89 23.54 9.04
C ARG C 44 -48.74 22.07 8.64
N ALA C 45 -47.90 21.37 9.39
CA ALA C 45 -47.63 19.96 9.11
C ALA C 45 -48.79 19.10 9.62
N PRO C 46 -49.27 18.15 8.82
CA PRO C 46 -50.41 17.34 9.25
C PRO C 46 -50.04 16.29 10.29
N THR C 47 -51.04 15.54 10.75
CA THR C 47 -50.87 14.54 11.80
C THR C 47 -51.86 13.42 11.57
N LEU C 48 -51.38 12.17 11.71
CA LEU C 48 -52.21 10.99 11.57
C LEU C 48 -52.90 10.66 12.88
N ILE C 49 -54.14 10.17 12.80
CA ILE C 49 -54.94 9.93 13.99
C ILE C 49 -55.51 8.51 13.99
N ILE C 50 -56.01 8.06 12.85
CA ILE C 50 -56.66 6.76 12.71
C ILE C 50 -56.08 6.06 11.49
N TYR C 51 -55.64 4.81 11.66
CA TYR C 51 -54.95 4.13 10.57
C TYR C 51 -55.62 2.84 10.10
N GLU C 52 -56.16 2.03 11.00
CA GLU C 52 -56.82 0.77 10.62
C GLU C 52 -58.23 0.77 11.19
N ASP C 53 -59.14 1.44 10.49
CA ASP C 53 -60.55 1.49 10.85
C ASP C 53 -60.76 2.02 12.26
N ASN C 54 -60.92 1.13 13.25
CA ASN C 54 -61.17 1.59 14.60
C ASN C 54 -59.88 1.91 15.36
N GLU C 55 -58.79 1.20 15.06
CA GLU C 55 -57.56 1.34 15.83
C GLU C 55 -56.91 2.69 15.59
N ARG C 56 -56.57 3.37 16.68
CA ARG C 56 -56.01 4.72 16.62
C ARG C 56 -54.48 4.67 16.62
N ALA C 57 -53.88 5.70 16.01
CA ALA C 57 -52.44 5.76 15.86
C ALA C 57 -51.75 5.83 17.23
N PRO C 58 -50.46 5.45 17.29
CA PRO C 58 -49.76 5.51 18.58
C PRO C 58 -49.70 6.92 19.14
N GLY C 59 -49.82 7.01 20.47
CA GLY C 59 -49.81 8.29 21.16
C GLY C 59 -51.10 9.08 21.09
N ILE C 60 -51.96 8.80 20.10
CA ILE C 60 -53.22 9.51 19.98
C ILE C 60 -54.14 9.13 21.13
N SER C 61 -54.65 10.14 21.84
CA SER C 61 -55.55 9.95 22.96
C SER C 61 -56.74 9.10 22.52
N PRO C 62 -57.38 8.36 23.44
CA PRO C 62 -58.58 7.61 23.07
C PRO C 62 -59.78 8.53 22.83
N ARG C 63 -59.53 9.84 22.80
CA ARG C 63 -60.57 10.80 22.45
C ARG C 63 -61.22 10.49 21.12
N PHE C 64 -60.49 9.83 20.21
CA PHE C 64 -60.97 9.53 18.88
C PHE C 64 -61.36 8.05 18.78
N SER C 65 -62.41 7.77 17.99
CA SER C 65 -62.90 6.41 17.83
C SER C 65 -63.19 6.09 16.36
N GLY C 66 -64.41 5.65 16.06
CA GLY C 66 -64.85 5.43 14.69
C GLY C 66 -65.57 4.09 14.55
N TYR C 67 -65.91 3.77 13.31
CA TYR C 67 -66.54 2.51 12.92
C TYR C 67 -66.67 2.47 11.40
N LYS C 68 -66.77 1.26 10.86
CA LYS C 68 -66.92 1.04 9.43
C LYS C 68 -68.15 0.19 9.17
N SER C 69 -69.03 0.64 8.26
CA SER C 69 -70.28 -0.05 7.96
C SER C 69 -70.23 -0.65 6.55
N TYR C 70 -71.42 -0.98 6.03
CA TYR C 70 -71.47 -1.58 4.71
C TYR C 70 -71.29 -0.56 3.62
N TRP C 71 -71.47 0.72 3.93
CA TRP C 71 -71.44 1.73 2.88
C TRP C 71 -70.67 3.00 3.23
N SER C 72 -70.32 3.24 4.50
CA SER C 72 -69.59 4.45 4.87
C SER C 72 -68.80 4.18 6.15
N ALA C 73 -67.85 5.08 6.43
CA ALA C 73 -67.02 5.01 7.63
C ALA C 73 -67.07 6.34 8.37
N TYR C 74 -66.81 6.29 9.67
CA TYR C 74 -67.12 7.40 10.56
C TYR C 74 -65.98 7.64 11.52
N LEU C 75 -66.00 8.83 12.15
CA LEU C 75 -64.97 9.25 13.08
C LEU C 75 -65.64 9.97 14.25
N THR C 76 -65.47 9.43 15.46
CA THR C 76 -66.12 9.95 16.66
C THR C 76 -65.08 10.65 17.53
N ILE C 77 -65.22 11.96 17.68
CA ILE C 77 -64.34 12.76 18.52
C ILE C 77 -65.10 13.12 19.79
N SER C 78 -64.60 12.67 20.93
CA SER C 78 -65.28 12.87 22.21
C SER C 78 -64.54 13.92 23.03
N ASP C 79 -65.27 14.59 23.91
CA ASP C 79 -64.75 15.65 24.78
C ASP C 79 -63.96 16.67 23.97
N LEU C 80 -64.71 17.47 23.21
CA LEU C 80 -64.12 18.46 22.33
C LEU C 80 -63.38 19.53 23.13
N ARG C 81 -62.09 19.65 22.88
CA ARG C 81 -61.26 20.75 23.35
C ARG C 81 -60.97 21.70 22.20
N PRO C 82 -60.47 22.90 22.48
CA PRO C 82 -60.29 23.88 21.39
C PRO C 82 -59.36 23.40 20.29
N GLU C 83 -58.41 22.51 20.59
CA GLU C 83 -57.42 22.12 19.60
C GLU C 83 -58.04 21.45 18.38
N ASP C 84 -59.21 20.83 18.55
CA ASP C 84 -59.82 20.07 17.47
C ASP C 84 -60.27 20.96 16.31
N GLU C 85 -60.40 22.26 16.52
CA GLU C 85 -60.88 23.16 15.48
C GLU C 85 -59.87 23.27 14.34
N THR C 86 -59.98 22.37 13.37
CA THR C 86 -59.15 22.40 12.17
C THR C 86 -59.82 21.54 11.11
N THR C 87 -59.08 21.21 10.05
CA THR C 87 -59.63 20.46 8.93
C THR C 87 -59.17 19.01 8.99
N TYR C 88 -60.09 18.10 8.68
CA TYR C 88 -59.82 16.66 8.70
C TYR C 88 -60.10 16.06 7.34
N TYR C 89 -59.31 15.04 6.97
CA TYR C 89 -59.49 14.34 5.71
C TYR C 89 -59.60 12.84 5.94
N CYS C 90 -59.55 12.06 4.85
CA CYS C 90 -59.63 10.61 4.93
C CYS C 90 -59.10 10.03 3.63
N CYS C 91 -58.69 8.76 3.69
CA CYS C 91 -58.15 8.09 2.53
C CYS C 91 -58.52 6.61 2.57
N SER C 92 -58.95 6.09 1.42
CA SER C 92 -59.30 4.69 1.27
C SER C 92 -58.19 3.97 0.52
N TYR C 93 -58.03 2.68 0.82
CA TYR C 93 -56.89 1.93 0.33
C TYR C 93 -57.09 0.46 0.63
N THR C 94 -56.39 -0.38 -0.11
CA THR C 94 -56.17 -1.77 0.26
C THR C 94 -54.72 -1.92 0.70
N HIS C 95 -54.32 -3.16 1.01
CA HIS C 95 -52.95 -3.38 1.48
C HIS C 95 -51.93 -3.07 0.39
N ASN C 96 -52.24 -3.40 -0.86
CA ASN C 96 -51.29 -3.24 -1.96
C ASN C 96 -51.49 -1.95 -2.75
N SER C 97 -52.59 -1.24 -2.53
CA SER C 97 -52.88 -0.01 -3.26
C SER C 97 -52.48 1.21 -2.45
N GLY C 98 -52.59 2.37 -3.09
CA GLY C 98 -52.30 3.64 -2.43
C GLY C 98 -53.55 4.30 -1.89
N CYS C 99 -53.35 5.46 -1.29
CA CYS C 99 -54.44 6.23 -0.70
C CYS C 99 -55.26 6.92 -1.78
N VAL C 100 -56.54 7.09 -1.49
CA VAL C 100 -57.45 7.90 -2.30
C VAL C 100 -58.09 8.90 -1.34
N PHE C 101 -57.61 10.14 -1.34
CA PHE C 101 -57.98 11.09 -0.31
C PHE C 101 -59.38 11.65 -0.54
N GLY C 102 -59.87 12.39 0.44
CA GLY C 102 -61.21 12.93 0.45
C GLY C 102 -61.31 14.31 -0.16
N THR C 103 -62.25 15.09 0.36
CA THR C 103 -62.49 16.45 -0.11
C THR C 103 -62.27 17.51 0.95
N GLY C 104 -62.41 17.18 2.23
CA GLY C 104 -62.22 18.14 3.29
C GLY C 104 -63.41 18.26 4.22
N THR C 105 -63.14 18.64 5.47
CA THR C 105 -64.19 18.80 6.47
C THR C 105 -63.84 20.01 7.35
N LYS C 106 -64.61 21.07 7.20
CA LYS C 106 -64.45 22.25 8.03
C LYS C 106 -65.13 22.00 9.38
N VAL C 107 -64.34 21.98 10.45
CA VAL C 107 -64.85 21.74 11.79
C VAL C 107 -64.67 23.01 12.61
N SER C 108 -65.75 23.44 13.26
CA SER C 108 -65.74 24.60 14.14
C SER C 108 -66.19 24.18 15.52
N VAL C 109 -65.44 24.59 16.54
CA VAL C 109 -65.75 24.27 17.93
C VAL C 109 -66.36 25.50 18.57
N LEU C 110 -67.67 25.47 18.79
CA LEU C 110 -68.38 26.59 19.37
C LEU C 110 -68.43 26.44 20.89
N GLY C 111 -69.19 27.30 21.55
CA GLY C 111 -69.25 27.31 22.99
C GLY C 111 -68.04 27.93 23.67
N GLN C 112 -67.00 28.29 22.92
CA GLN C 112 -65.84 28.93 23.49
C GLN C 112 -66.19 30.32 24.03
N SER C 113 -65.38 30.79 24.96
CA SER C 113 -65.50 32.16 25.43
C SER C 113 -64.97 33.11 24.37
N LYS C 114 -65.72 34.18 24.11
CA LYS C 114 -65.28 35.19 23.15
C LYS C 114 -64.23 36.08 23.81
N ALA C 115 -63.10 36.24 23.13
CA ALA C 115 -61.99 37.03 23.65
C ALA C 115 -61.92 38.36 22.91
N ASN C 116 -61.58 39.41 23.65
CA ASN C 116 -61.47 40.74 23.06
C ASN C 116 -60.11 40.92 22.41
N PRO C 117 -60.05 41.29 21.13
CA PRO C 117 -58.75 41.46 20.47
C PRO C 117 -58.06 42.74 20.91
N SER C 118 -56.74 42.65 21.09
CA SER C 118 -55.91 43.82 21.40
C SER C 118 -55.53 44.45 20.06
N VAL C 119 -56.21 45.53 19.71
CA VAL C 119 -56.12 46.15 18.39
C VAL C 119 -55.18 47.33 18.43
N THR C 120 -54.36 47.46 17.39
CA THR C 120 -53.40 48.56 17.29
C THR C 120 -53.30 48.99 15.83
N LEU C 121 -53.44 50.30 15.59
CA LEU C 121 -53.19 50.89 14.28
C LEU C 121 -51.69 51.10 14.12
N PHE C 122 -51.22 51.05 12.87
CA PHE C 122 -49.79 51.19 12.58
C PHE C 122 -49.57 52.22 11.48
N PRO C 123 -49.05 53.39 11.81
CA PRO C 123 -48.85 54.44 10.80
C PRO C 123 -47.58 54.20 9.99
N PRO C 124 -47.44 54.85 8.84
CA PRO C 124 -46.21 54.69 8.05
C PRO C 124 -45.00 55.29 8.76
N SER C 125 -43.83 54.84 8.32
CA SER C 125 -42.57 55.19 8.96
C SER C 125 -41.85 56.30 8.17
N SER C 126 -40.73 56.77 8.71
CA SER C 126 -39.95 57.80 8.04
C SER C 126 -39.17 57.24 6.85
N GLU C 127 -38.86 55.94 6.86
CA GLU C 127 -38.20 55.33 5.72
C GLU C 127 -39.19 54.92 4.64
N GLU C 128 -40.48 54.86 4.97
CA GLU C 128 -41.50 54.51 3.97
C GLU C 128 -41.82 55.68 3.06
N LEU C 129 -41.80 56.91 3.58
CA LEU C 129 -42.05 58.08 2.74
C LEU C 129 -40.95 58.30 1.71
N GLN C 130 -39.76 57.74 1.95
CA GLN C 130 -38.69 57.81 0.95
C GLN C 130 -39.05 57.03 -0.31
N ALA C 131 -39.84 55.96 -0.17
CA ALA C 131 -40.18 55.09 -1.29
C ALA C 131 -41.46 55.51 -2.02
N ASN C 132 -42.26 56.40 -1.43
CA ASN C 132 -43.51 56.87 -2.03
C ASN C 132 -44.48 55.73 -2.26
N LYS C 133 -44.60 54.83 -1.27
CA LYS C 133 -45.58 53.75 -1.29
C LYS C 133 -46.34 53.80 0.03
N ALA C 134 -47.65 54.06 -0.06
CA ALA C 134 -48.49 54.18 1.11
C ALA C 134 -49.04 52.81 1.50
N THR C 135 -48.85 52.43 2.76
CA THR C 135 -49.37 51.17 3.27
C THR C 135 -49.64 51.33 4.76
N LEU C 136 -50.82 50.89 5.20
CA LEU C 136 -51.23 50.95 6.59
C LEU C 136 -51.94 49.65 6.95
N VAL C 137 -51.56 49.06 8.08
CA VAL C 137 -52.10 47.76 8.47
C VAL C 137 -52.74 47.86 9.85
N CYS C 138 -53.22 46.72 10.34
CA CYS C 138 -53.80 46.63 11.68
C CYS C 138 -53.84 45.16 12.07
N LEU C 139 -53.80 44.90 13.37
CA LEU C 139 -53.67 43.55 13.89
C LEU C 139 -54.80 43.21 14.85
N ILE C 140 -55.20 41.95 14.83
CA ILE C 140 -56.17 41.39 15.77
C ILE C 140 -55.77 39.96 16.07
N SER C 141 -55.92 39.56 17.33
CA SER C 141 -55.59 38.20 17.75
C SER C 141 -56.47 37.84 18.94
N ASP C 142 -56.73 36.54 19.08
CA ASP C 142 -57.58 36.02 20.15
C ASP C 142 -58.92 36.78 20.20
N PHE C 143 -59.74 36.51 19.20
CA PHE C 143 -61.03 37.18 19.09
C PHE C 143 -62.13 36.21 18.69
N TYR C 144 -62.03 34.96 19.12
CA TYR C 144 -62.99 33.94 18.70
C TYR C 144 -64.40 34.39 19.03
N PRO C 145 -65.39 34.14 18.14
CA PRO C 145 -65.33 33.42 16.87
C PRO C 145 -64.48 34.09 15.79
N GLY C 146 -64.18 33.35 14.71
CA GLY C 146 -63.38 33.88 13.63
C GLY C 146 -64.17 34.66 12.61
N ALA C 147 -64.77 35.78 13.05
CA ALA C 147 -65.55 36.66 12.20
C ALA C 147 -64.89 38.03 12.12
N VAL C 148 -64.84 38.58 10.90
CA VAL C 148 -64.10 39.81 10.64
C VAL C 148 -64.97 40.80 9.89
N THR C 149 -64.57 42.07 9.95
CA THR C 149 -65.25 43.17 9.27
C THR C 149 -64.22 44.20 8.87
N VAL C 150 -64.15 44.50 7.57
CA VAL C 150 -63.14 45.42 7.03
C VAL C 150 -63.78 46.79 6.82
N ALA C 151 -63.15 47.84 7.34
CA ALA C 151 -63.63 49.19 7.19
C ALA C 151 -62.51 50.17 7.52
N TRP C 152 -62.37 51.20 6.68
CA TRP C 152 -61.37 52.24 6.88
C TRP C 152 -61.98 53.59 6.55
N LYS C 153 -61.49 54.63 7.24
CA LYS C 153 -61.90 56.01 6.97
C LYS C 153 -60.65 56.83 6.65
N ALA C 154 -60.63 57.39 5.45
CA ALA C 154 -59.53 58.25 5.00
C ALA C 154 -60.04 59.69 5.00
N ASP C 155 -59.92 60.35 6.16
CA ASP C 155 -60.39 61.73 6.33
C ASP C 155 -61.89 61.84 6.05
N SER C 156 -62.67 60.88 6.56
CA SER C 156 -64.12 60.83 6.46
C SER C 156 -64.61 60.71 5.02
N SER C 157 -63.74 60.28 4.10
CA SER C 157 -64.13 60.10 2.71
C SER C 157 -64.21 58.62 2.35
N PRO C 158 -65.11 58.23 1.44
CA PRO C 158 -65.25 56.82 1.10
C PRO C 158 -63.99 56.28 0.43
N VAL C 159 -63.74 54.98 0.64
CA VAL C 159 -62.58 54.30 0.10
C VAL C 159 -63.02 53.01 -0.59
N LYS C 160 -62.45 52.76 -1.77
CA LYS C 160 -62.71 51.52 -2.50
C LYS C 160 -61.46 50.88 -3.08
N ALA C 161 -60.33 51.59 -3.16
CA ALA C 161 -59.09 51.06 -3.70
C ALA C 161 -58.05 50.71 -2.64
N GLY C 162 -57.95 51.51 -1.58
CA GLY C 162 -57.04 51.21 -0.50
C GLY C 162 -57.52 50.11 0.43
N VAL C 163 -58.79 49.74 0.36
CA VAL C 163 -59.33 48.66 1.19
C VAL C 163 -58.98 47.33 0.54
N GLU C 164 -58.24 46.50 1.25
CA GLU C 164 -57.84 45.17 0.78
C GLU C 164 -58.37 44.14 1.78
N THR C 165 -59.41 43.40 1.38
CA THR C 165 -60.01 42.37 2.23
C THR C 165 -59.28 41.06 1.97
N THR C 166 -58.42 40.67 2.90
CA THR C 166 -57.53 39.52 2.76
C THR C 166 -57.97 38.39 3.67
N THR C 167 -57.32 37.24 3.50
CA THR C 167 -57.77 36.02 4.17
C THR C 167 -57.38 36.02 5.64
N PRO C 168 -58.25 35.53 6.51
CA PRO C 168 -57.88 35.34 7.91
C PRO C 168 -57.09 34.05 8.10
N SER C 169 -56.31 34.02 9.18
CA SER C 169 -55.48 32.87 9.49
C SER C 169 -55.72 32.42 10.92
N LYS C 170 -55.49 31.13 11.15
CA LYS C 170 -55.61 30.58 12.49
C LYS C 170 -54.31 30.78 13.25
N GLN C 171 -54.42 31.36 14.44
CA GLN C 171 -53.25 31.66 15.26
C GLN C 171 -52.66 30.37 15.81
N SER C 172 -51.36 30.44 16.16
CA SER C 172 -50.70 29.29 16.78
C SER C 172 -51.33 28.94 18.11
N ASN C 173 -51.86 29.94 18.83
CA ASN C 173 -52.58 29.71 20.07
C ASN C 173 -54.00 29.19 19.84
N ASN C 174 -54.23 28.58 18.67
CA ASN C 174 -55.51 28.01 18.27
C ASN C 174 -56.62 29.05 18.17
N LYS C 175 -56.29 30.32 18.28
CA LYS C 175 -57.25 31.39 18.04
C LYS C 175 -57.11 31.85 16.59
N TYR C 176 -57.63 33.03 16.28
CA TYR C 176 -57.56 33.56 14.93
C TYR C 176 -56.74 34.84 14.90
N ALA C 177 -56.30 35.20 13.70
CA ALA C 177 -55.53 36.42 13.47
C ALA C 177 -55.68 36.80 12.01
N ALA C 178 -55.49 38.09 11.74
CA ALA C 178 -55.62 38.62 10.39
C ALA C 178 -55.00 40.01 10.35
N SER C 179 -54.84 40.51 9.13
CA SER C 179 -54.33 41.86 8.89
C SER C 179 -54.82 42.35 7.54
N SER C 180 -55.07 43.65 7.46
CA SER C 180 -55.50 44.30 6.23
C SER C 180 -54.43 45.29 5.77
N TYR C 181 -54.37 45.52 4.47
CA TYR C 181 -53.29 46.30 3.88
C TYR C 181 -53.84 47.42 3.02
N LEU C 182 -52.95 48.38 2.71
CA LEU C 182 -53.32 49.61 2.02
C LEU C 182 -52.41 49.76 0.80
N SER C 183 -53.01 49.81 -0.38
CA SER C 183 -52.30 50.06 -1.63
C SER C 183 -52.80 51.37 -2.21
N LEU C 184 -51.95 52.39 -2.18
CA LEU C 184 -52.30 53.70 -2.71
C LEU C 184 -51.04 54.37 -3.26
N THR C 185 -51.25 55.47 -3.95
CA THR C 185 -50.26 56.35 -4.52
C THR C 185 -49.96 57.51 -3.57
N PRO C 186 -48.72 57.98 -3.52
CA PRO C 186 -48.36 59.01 -2.52
C PRO C 186 -49.08 60.34 -2.67
N GLU C 187 -49.66 60.63 -3.84
CA GLU C 187 -50.37 61.90 -4.02
C GLU C 187 -51.70 61.90 -3.29
N GLN C 188 -52.60 60.99 -3.65
CA GLN C 188 -53.86 60.84 -2.90
C GLN C 188 -53.60 60.46 -1.45
N TRP C 189 -52.41 59.94 -1.14
CA TRP C 189 -52.08 59.57 0.23
C TRP C 189 -51.83 60.79 1.10
N LYS C 190 -50.90 61.66 0.67
CA LYS C 190 -50.53 62.81 1.47
C LYS C 190 -51.63 63.85 1.55
N SER C 191 -52.58 63.84 0.60
CA SER C 191 -53.72 64.77 0.63
C SER C 191 -54.66 64.52 1.80
N HIS C 192 -54.47 63.43 2.53
CA HIS C 192 -55.27 63.11 3.72
C HIS C 192 -54.31 62.81 4.86
N ARG C 193 -54.20 63.73 5.82
CA ARG C 193 -53.21 63.61 6.88
C ARG C 193 -53.68 62.77 8.07
N SER C 194 -54.96 62.84 8.42
CA SER C 194 -55.50 62.08 9.54
C SER C 194 -56.15 60.80 9.05
N TYR C 195 -56.13 59.77 9.90
CA TYR C 195 -56.67 58.47 9.54
C TYR C 195 -57.33 57.83 10.77
N SER C 196 -58.27 56.93 10.49
CA SER C 196 -59.04 56.26 11.53
C SER C 196 -59.13 54.78 11.24
N CYS C 197 -59.22 53.98 12.30
CA CYS C 197 -59.30 52.53 12.21
C CYS C 197 -60.67 52.06 12.69
N GLN C 198 -61.36 51.27 11.86
CA GLN C 198 -62.71 50.80 12.15
C GLN C 198 -62.69 49.28 12.28
N VAL C 199 -62.83 48.81 13.51
CA VAL C 199 -62.90 47.38 13.81
C VAL C 199 -64.26 47.10 14.41
N THR C 200 -65.15 46.48 13.63
CA THR C 200 -66.50 46.17 14.10
C THR C 200 -66.44 44.87 14.90
N HIS C 201 -66.28 45.02 16.21
CA HIS C 201 -66.25 43.91 17.15
C HIS C 201 -67.36 44.13 18.16
N GLU C 202 -68.39 43.27 18.12
CA GLU C 202 -69.57 43.46 18.95
C GLU C 202 -69.21 43.46 20.43
N GLY C 203 -69.21 44.64 21.05
CA GLY C 203 -68.86 44.78 22.45
C GLY C 203 -68.79 46.22 22.89
N SER C 204 -67.71 46.60 23.56
CA SER C 204 -67.53 47.96 24.05
C SER C 204 -66.75 48.78 23.03
N THR C 205 -67.04 50.09 23.00
CA THR C 205 -66.42 51.00 22.04
C THR C 205 -65.04 51.40 22.57
N VAL C 206 -64.08 50.48 22.40
CA VAL C 206 -62.69 50.70 22.79
C VAL C 206 -61.83 50.22 21.62
N GLU C 207 -61.61 51.11 20.65
CA GLU C 207 -60.76 50.83 19.50
C GLU C 207 -59.68 51.90 19.39
N LYS C 208 -58.45 51.48 19.15
CA LYS C 208 -57.35 52.43 18.99
C LYS C 208 -57.47 53.17 17.66
N THR C 209 -57.25 54.47 17.70
CA THR C 209 -57.39 55.31 16.51
C THR C 209 -56.36 56.43 16.59
N VAL C 210 -55.35 56.38 15.71
CA VAL C 210 -54.30 57.38 15.68
C VAL C 210 -54.05 57.80 14.24
N ALA C 211 -53.51 59.01 14.08
CA ALA C 211 -53.24 59.57 12.76
C ALA C 211 -51.82 59.24 12.32
N GLU D 2 -57.25 -4.58 28.05
CA GLU D 2 -57.65 -5.48 26.97
C GLU D 2 -57.30 -6.91 27.33
N ASN D 3 -56.90 -7.11 28.60
CA ASN D 3 -56.50 -8.43 29.09
C ASN D 3 -55.38 -9.03 28.25
N LEU D 4 -54.35 -8.23 28.01
CA LEU D 4 -53.20 -8.74 27.27
C LEU D 4 -52.40 -9.69 28.17
N TRP D 5 -52.14 -10.89 27.67
CA TRP D 5 -51.44 -11.92 28.44
C TRP D 5 -50.04 -12.12 27.88
N VAL D 6 -49.13 -12.56 28.73
CA VAL D 6 -47.77 -12.82 28.29
C VAL D 6 -47.66 -14.21 27.70
N THR D 7 -46.80 -14.36 26.70
CA THR D 7 -46.61 -15.62 26.00
C THR D 7 -45.12 -15.82 25.75
N VAL D 8 -44.66 -17.06 25.90
CA VAL D 8 -43.24 -17.39 25.84
C VAL D 8 -42.90 -17.94 24.47
N TYR D 9 -41.65 -17.72 24.04
CA TYR D 9 -41.17 -18.15 22.74
C TYR D 9 -39.75 -18.68 22.89
N TYR D 10 -39.54 -19.95 22.56
CA TYR D 10 -38.26 -20.60 22.73
C TYR D 10 -37.57 -20.72 21.37
N GLY D 11 -36.44 -20.03 21.22
CA GLY D 11 -35.72 -20.04 19.97
C GLY D 11 -35.69 -18.69 19.30
N VAL D 12 -35.84 -17.63 20.10
CA VAL D 12 -35.92 -16.28 19.56
C VAL D 12 -34.55 -15.86 19.02
N PRO D 13 -34.47 -15.34 17.79
CA PRO D 13 -33.17 -14.86 17.28
C PRO D 13 -32.71 -13.55 17.89
N VAL D 14 -32.08 -13.63 19.05
CA VAL D 14 -31.45 -12.47 19.69
C VAL D 14 -30.12 -12.90 20.29
N TRP D 15 -29.16 -11.99 20.30
CA TRP D 15 -27.82 -12.27 20.80
C TRP D 15 -27.25 -11.05 21.49
N LYS D 16 -26.29 -11.29 22.37
CA LYS D 16 -25.54 -10.24 23.04
C LYS D 16 -24.06 -10.53 22.94
N ASP D 17 -23.26 -9.48 22.77
CA ASP D 17 -21.82 -9.65 22.56
C ASP D 17 -21.18 -10.30 23.77
N ALA D 18 -20.63 -11.49 23.55
CA ALA D 18 -19.86 -12.21 24.56
C ALA D 18 -18.82 -13.05 23.85
N GLU D 19 -17.78 -13.43 24.59
CA GLU D 19 -16.67 -14.20 24.04
C GLU D 19 -16.44 -15.44 24.88
N THR D 20 -16.66 -16.60 24.27
CA THR D 20 -16.48 -17.90 24.89
C THR D 20 -15.24 -18.58 24.31
N THR D 21 -15.03 -19.83 24.74
CA THR D 21 -13.88 -20.60 24.26
C THR D 21 -14.23 -21.30 22.96
N LEU D 22 -13.41 -21.09 21.94
CA LEU D 22 -13.56 -21.75 20.65
C LEU D 22 -12.57 -22.89 20.53
N PHE D 23 -12.58 -23.58 19.38
CA PHE D 23 -11.73 -24.74 19.20
C PHE D 23 -11.35 -24.91 17.74
N CYS D 24 -10.53 -25.94 17.47
CA CYS D 24 -9.86 -26.14 16.19
C CYS D 24 -10.72 -26.94 15.22
N ALA D 25 -10.46 -26.74 13.93
CA ALA D 25 -11.12 -27.49 12.87
C ALA D 25 -10.26 -27.47 11.62
N SER D 26 -9.98 -28.64 11.08
CA SER D 26 -9.24 -28.78 9.83
C SER D 26 -9.35 -30.23 9.36
N ASP D 27 -9.37 -30.42 8.05
CA ASP D 27 -9.59 -31.74 7.46
C ASP D 27 -8.28 -32.51 7.30
N ALA D 28 -8.18 -33.30 6.23
CA ALA D 28 -7.00 -34.13 5.98
C ALA D 28 -5.83 -33.24 5.55
N LYS D 29 -4.78 -33.20 6.38
CA LYS D 29 -3.65 -32.33 6.13
C LYS D 29 -2.38 -33.17 6.08
N ALA D 30 -1.60 -33.17 7.15
CA ALA D 30 -0.32 -33.87 7.17
C ALA D 30 -0.49 -35.37 6.96
N TYR D 31 -1.19 -36.05 7.89
CA TYR D 31 -1.46 -37.47 7.81
C TYR D 31 -0.22 -38.36 7.77
N GLU D 32 -0.24 -39.39 6.90
CA GLU D 32 0.74 -40.47 7.03
C GLU D 32 2.15 -40.09 6.59
N THR D 33 2.31 -39.40 5.45
CA THR D 33 3.63 -39.23 4.85
C THR D 33 4.55 -38.37 5.72
N GLU D 34 4.05 -37.23 6.19
CA GLU D 34 4.79 -36.39 7.13
C GLU D 34 3.77 -35.69 8.02
N LYS D 35 3.85 -35.96 9.33
CA LYS D 35 2.90 -35.41 10.29
C LYS D 35 3.61 -34.56 11.33
N HIS D 36 3.15 -34.63 12.58
CA HIS D 36 3.78 -33.96 13.71
C HIS D 36 3.86 -32.45 13.50
N ASN D 37 2.81 -31.86 12.94
CA ASN D 37 2.79 -30.41 12.78
C ASN D 37 2.74 -29.73 14.14
N VAL D 38 3.45 -28.60 14.25
CA VAL D 38 3.58 -27.94 15.55
C VAL D 38 2.23 -27.37 15.99
N TRP D 39 1.36 -26.99 15.05
CA TRP D 39 0.08 -26.37 15.35
C TRP D 39 -1.08 -27.37 15.40
N ALA D 40 -1.31 -28.13 14.32
CA ALA D 40 -2.47 -29.02 14.26
C ALA D 40 -2.36 -30.22 15.19
N THR D 41 -1.25 -30.35 15.92
CA THR D 41 -1.01 -31.49 16.81
C THR D 41 -1.15 -32.81 16.07
N HIS D 42 -1.38 -33.90 16.80
CA HIS D 42 -1.64 -35.19 16.16
C HIS D 42 -3.10 -35.35 15.75
N ALA D 43 -3.99 -34.48 16.21
CA ALA D 43 -5.41 -34.58 15.87
C ALA D 43 -6.10 -33.25 16.15
N CYS D 44 -6.84 -32.76 15.17
CA CYS D 44 -7.77 -31.66 15.34
C CYS D 44 -9.15 -32.15 14.94
N VAL D 45 -10.18 -31.56 15.53
CA VAL D 45 -11.55 -31.95 15.17
C VAL D 45 -11.77 -31.67 13.69
N PRO D 46 -12.20 -32.65 12.89
CA PRO D 46 -12.26 -32.43 11.44
C PRO D 46 -13.32 -31.41 11.06
N THR D 47 -12.98 -30.55 10.10
CA THR D 47 -13.93 -29.58 9.60
C THR D 47 -14.95 -30.26 8.70
N ASP D 48 -16.18 -29.76 8.75
CA ASP D 48 -17.21 -30.26 7.86
C ASP D 48 -16.89 -29.81 6.43
N PRO D 49 -17.04 -30.70 5.45
CA PRO D 49 -16.79 -30.28 4.05
C PRO D 49 -17.70 -29.14 3.59
N ASN D 50 -18.85 -28.94 4.24
CA ASN D 50 -19.80 -27.94 3.79
C ASN D 50 -19.73 -26.72 4.72
N PRO D 51 -19.47 -25.53 4.20
CA PRO D 51 -19.46 -24.35 5.07
C PRO D 51 -20.81 -23.66 5.08
N GLN D 52 -21.29 -23.27 6.26
CA GLN D 52 -22.64 -22.71 6.38
C GLN D 52 -22.54 -21.20 6.53
N GLU D 53 -23.07 -20.48 5.55
CA GLU D 53 -23.05 -19.02 5.60
C GLU D 53 -24.48 -18.60 5.26
N ILE D 54 -25.02 -17.69 6.06
CA ILE D 54 -26.35 -17.14 5.86
C ILE D 54 -26.21 -15.62 5.79
N HIS D 55 -26.81 -14.99 4.78
CA HIS D 55 -26.67 -13.54 4.66
C HIS D 55 -27.73 -12.84 5.50
N LEU D 56 -27.47 -12.77 6.80
CA LEU D 56 -28.42 -12.12 7.71
C LEU D 56 -28.96 -10.85 7.08
N GLU D 57 -30.27 -10.81 6.91
CA GLU D 57 -30.94 -9.69 6.26
C GLU D 57 -31.31 -8.62 7.28
N ASN D 58 -31.39 -7.37 6.80
CA ASN D 58 -31.93 -6.24 7.54
C ASN D 58 -31.12 -5.88 8.78
N VAL D 59 -30.09 -6.66 9.08
CA VAL D 59 -29.34 -6.48 10.33
C VAL D 59 -28.14 -5.60 10.07
N THR D 60 -27.80 -4.76 11.07
CA THR D 60 -26.66 -3.86 11.00
C THR D 60 -25.89 -3.91 12.31
N GLU D 61 -25.32 -5.08 12.62
CA GLU D 61 -24.55 -5.21 13.84
C GLU D 61 -23.21 -4.49 13.72
N GLU D 62 -22.76 -3.94 14.83
CA GLU D 62 -21.52 -3.18 14.87
C GLU D 62 -20.37 -4.10 15.29
N PHE D 63 -19.29 -4.05 14.52
CA PHE D 63 -18.09 -4.83 14.79
C PHE D 63 -17.02 -3.95 15.42
N ASN D 64 -16.03 -4.61 16.04
CA ASN D 64 -14.84 -3.94 16.52
C ASN D 64 -13.69 -4.94 16.46
N MET D 65 -12.66 -4.62 15.69
CA MET D 65 -11.56 -5.55 15.46
C MET D 65 -10.38 -5.32 16.40
N TRP D 66 -10.34 -4.19 17.09
CA TRP D 66 -9.28 -3.95 18.07
C TRP D 66 -9.70 -4.33 19.48
N LYS D 67 -10.99 -4.19 19.79
CA LYS D 67 -11.53 -4.66 21.05
C LYS D 67 -12.12 -6.08 20.94
N ASN D 68 -11.86 -6.77 19.83
CA ASN D 68 -12.33 -8.13 19.66
C ASN D 68 -11.41 -9.11 20.38
N ASN D 69 -12.00 -10.09 21.05
CA ASN D 69 -11.25 -11.02 21.87
C ASN D 69 -10.85 -12.29 21.14
N MET D 70 -11.35 -12.51 19.92
CA MET D 70 -10.92 -13.68 19.15
C MET D 70 -9.45 -13.58 18.78
N VAL D 71 -8.91 -12.37 18.67
CA VAL D 71 -7.50 -12.20 18.38
C VAL D 71 -6.66 -12.47 19.62
N GLU D 72 -7.17 -12.14 20.81
CA GLU D 72 -6.44 -12.43 22.04
C GLU D 72 -6.51 -13.91 22.39
N GLN D 73 -7.65 -14.55 22.16
CA GLN D 73 -7.72 -16.01 22.28
C GLN D 73 -6.73 -16.66 21.32
N MET D 74 -6.59 -16.09 20.12
CA MET D 74 -5.62 -16.60 19.17
C MET D 74 -4.20 -16.52 19.73
N HIS D 75 -3.88 -15.37 20.34
CA HIS D 75 -2.50 -15.13 20.79
C HIS D 75 -2.09 -16.13 21.87
N THR D 76 -2.87 -16.24 22.94
CA THR D 76 -2.51 -17.15 24.03
C THR D 76 -2.62 -18.61 23.63
N ASP D 77 -3.35 -18.93 22.56
CA ASP D 77 -3.39 -20.31 22.09
C ASP D 77 -2.09 -20.70 21.42
N ILE D 78 -1.56 -19.83 20.56
CA ILE D 78 -0.32 -20.15 19.85
C ILE D 78 0.83 -20.31 20.82
N ILE D 79 0.93 -19.41 21.80
CA ILE D 79 2.01 -19.49 22.79
C ILE D 79 1.94 -20.82 23.54
N SER D 80 0.76 -21.17 24.04
CA SER D 80 0.61 -22.45 24.74
C SER D 80 0.75 -23.63 23.79
N LEU D 81 0.46 -23.42 22.51
CA LEU D 81 0.62 -24.48 21.52
C LEU D 81 2.10 -24.68 21.16
N TRP D 82 2.85 -23.58 21.08
CA TRP D 82 4.27 -23.66 20.79
C TRP D 82 5.03 -24.33 21.93
N ASP D 83 4.76 -23.90 23.17
CA ASP D 83 5.48 -24.45 24.33
C ASP D 83 5.15 -25.92 24.53
N GLN D 84 3.96 -26.36 24.14
CA GLN D 84 3.62 -27.77 24.27
C GLN D 84 4.36 -28.63 23.25
N SER D 85 4.82 -28.04 22.15
CA SER D 85 5.54 -28.77 21.11
C SER D 85 7.05 -28.70 21.29
N LEU D 86 7.53 -28.17 22.42
CA LEU D 86 8.96 -28.15 22.72
C LEU D 86 9.23 -28.81 24.06
N LYS D 87 8.23 -28.82 24.92
CA LYS D 87 8.37 -29.41 26.26
C LYS D 87 8.93 -30.83 26.25
N PRO D 88 8.43 -31.76 25.43
CA PRO D 88 9.05 -33.10 25.43
C PRO D 88 10.10 -33.25 24.35
N CYS D 89 11.31 -32.76 24.58
CA CYS D 89 12.40 -32.90 23.61
C CYS D 89 13.73 -32.79 24.33
N VAL D 90 14.81 -32.70 23.55
CA VAL D 90 16.16 -32.66 24.09
C VAL D 90 16.48 -31.26 24.59
N LYS D 91 16.81 -31.15 25.88
CA LYS D 91 17.30 -29.89 26.43
C LYS D 91 18.80 -29.80 26.24
N LEU D 92 19.26 -28.61 25.83
CA LEU D 92 20.66 -28.40 25.50
C LEU D 92 21.38 -27.58 26.57
N THR D 93 21.13 -27.91 27.83
CA THR D 93 21.90 -27.31 28.92
C THR D 93 23.39 -27.57 28.83
N PRO D 94 23.89 -28.74 28.40
CA PRO D 94 25.35 -28.93 28.32
C PRO D 94 26.03 -28.03 27.28
N LEU D 95 25.29 -27.33 26.43
CA LEU D 95 25.87 -26.52 25.36
C LEU D 95 26.50 -25.23 25.86
N CYS D 96 26.54 -24.99 27.16
CA CYS D 96 27.10 -23.76 27.72
C CYS D 96 28.52 -24.07 28.22
N VAL D 97 29.48 -23.96 27.30
CA VAL D 97 30.90 -24.09 27.64
C VAL D 97 31.65 -22.98 26.91
N THR D 98 32.91 -22.82 27.27
CA THR D 98 33.76 -21.85 26.59
C THR D 98 34.02 -22.32 25.17
N LEU D 99 33.72 -21.47 24.20
CA LEU D 99 33.83 -21.81 22.78
C LEU D 99 35.00 -21.05 22.17
N GLN D 100 35.90 -21.79 21.53
CA GLN D 100 37.04 -21.19 20.83
C GLN D 100 36.78 -21.34 19.33
N CYS D 101 36.58 -20.21 18.66
CA CYS D 101 36.07 -20.19 17.29
C CYS D 101 37.01 -19.39 16.39
N THR D 102 36.90 -19.67 15.09
CA THR D 102 37.75 -19.05 14.09
C THR D 102 36.92 -18.69 12.86
N ASN D 103 37.46 -17.78 12.05
CA ASN D 103 36.85 -17.41 10.77
C ASN D 103 36.88 -18.59 9.80
N VAL D 104 36.43 -18.36 8.57
CA VAL D 104 36.39 -19.42 7.56
C VAL D 104 36.77 -18.82 6.21
N THR D 105 37.96 -19.19 5.71
CA THR D 105 38.36 -18.95 4.32
C THR D 105 38.20 -17.49 3.90
N ASN D 106 38.75 -16.59 4.72
CA ASN D 106 39.14 -15.30 4.18
C ASN D 106 40.20 -15.48 3.09
N ASN D 107 41.04 -16.51 3.26
CA ASN D 107 42.15 -16.85 2.37
C ASN D 107 43.21 -15.74 2.37
N ILE D 108 43.55 -15.25 3.55
CA ILE D 108 44.66 -14.33 3.73
C ILE D 108 45.96 -15.13 3.62
N ARG D 113 33.27 -11.71 3.77
CA ARG D 113 33.25 -13.11 3.37
C ARG D 113 33.15 -14.01 4.60
N GLY D 114 33.44 -13.46 5.77
CA GLY D 114 33.38 -14.23 6.99
C GLY D 114 32.24 -13.81 7.90
N GLU D 115 31.18 -14.62 7.95
CA GLU D 115 30.04 -14.35 8.82
C GLU D 115 29.59 -15.58 9.63
N LEU D 116 30.25 -16.72 9.45
CA LEU D 116 30.05 -17.88 10.31
C LEU D 116 31.40 -18.31 10.86
N LYS D 117 31.37 -19.04 11.97
CA LYS D 117 32.61 -19.39 12.67
C LYS D 117 32.67 -20.88 12.96
N ASN D 118 33.86 -21.44 12.80
CA ASN D 118 34.14 -22.85 13.05
C ASN D 118 34.45 -23.01 14.54
N CYS D 119 33.52 -23.61 15.28
CA CYS D 119 33.60 -23.67 16.73
C CYS D 119 34.08 -25.04 17.19
N SER D 120 35.10 -25.05 18.03
CA SER D 120 35.52 -26.24 18.75
C SER D 120 35.23 -26.03 20.24
N PHE D 121 34.72 -27.06 20.89
CA PHE D 121 34.29 -26.94 22.28
C PHE D 121 34.19 -28.34 22.87
N ASN D 122 34.09 -28.39 24.20
CA ASN D 122 34.15 -29.65 24.92
C ASN D 122 32.80 -29.95 25.58
N MET D 123 32.29 -31.15 25.31
CA MET D 123 30.89 -31.51 25.52
C MET D 123 30.78 -32.94 26.01
N THR D 124 29.78 -33.20 26.85
CA THR D 124 29.59 -34.55 27.38
C THR D 124 29.15 -35.51 26.29
N THR D 125 29.51 -36.78 26.47
CA THR D 125 29.16 -37.82 25.50
C THR D 125 28.00 -38.68 26.03
N GLU D 126 27.91 -39.92 25.55
CA GLU D 126 26.88 -40.82 26.07
C GLU D 126 27.17 -41.21 27.51
N LEU D 127 28.40 -41.65 27.79
CA LEU D 127 28.82 -41.95 29.15
C LEU D 127 29.09 -40.64 29.89
N ARG D 128 28.53 -40.53 31.10
CA ARG D 128 28.74 -39.32 31.89
C ARG D 128 30.20 -39.14 32.26
N ASP D 129 30.94 -40.24 32.41
CA ASP D 129 32.33 -40.17 32.85
C ASP D 129 33.21 -39.48 31.82
N LYS D 130 33.11 -39.89 30.56
CA LYS D 130 34.02 -39.41 29.52
C LYS D 130 33.47 -38.15 28.85
N LYS D 131 34.37 -37.45 28.16
CA LYS D 131 34.03 -36.24 27.42
C LYS D 131 34.51 -36.38 25.97
N GLN D 132 34.01 -35.51 25.11
CA GLN D 132 34.36 -35.54 23.69
C GLN D 132 34.45 -34.13 23.13
N LYS D 133 35.36 -33.94 22.17
CA LYS D 133 35.53 -32.67 21.47
C LYS D 133 35.14 -32.86 20.02
N VAL D 134 34.17 -32.05 19.55
CA VAL D 134 33.76 -32.04 18.15
C VAL D 134 33.57 -30.59 17.74
N TYR D 135 33.65 -30.35 16.43
CA TYR D 135 33.42 -29.04 15.84
C TYR D 135 31.95 -28.84 15.50
N SER D 136 31.59 -27.57 15.26
CA SER D 136 30.27 -27.21 14.80
C SER D 136 30.33 -25.77 14.28
N LEU D 137 29.45 -25.46 13.33
CA LEU D 137 29.36 -24.12 12.78
C LEU D 137 28.14 -23.42 13.36
N PHE D 138 28.29 -22.13 13.63
CA PHE D 138 27.21 -21.31 14.17
C PHE D 138 27.19 -19.98 13.44
N TYR D 139 25.99 -19.42 13.30
CA TYR D 139 25.86 -18.11 12.67
C TYR D 139 26.29 -17.02 13.63
N ARG D 140 26.63 -15.87 13.05
CA ARG D 140 27.02 -14.71 13.84
C ARG D 140 25.86 -14.25 14.73
N LEU D 141 26.19 -13.46 15.75
CA LEU D 141 25.24 -12.86 16.68
C LEU D 141 24.63 -13.90 17.61
N ASP D 142 24.48 -15.13 17.13
CA ASP D 142 24.10 -16.23 18.02
C ASP D 142 25.20 -16.54 19.03
N VAL D 143 26.41 -16.04 18.81
CA VAL D 143 27.53 -16.23 19.73
C VAL D 143 28.21 -14.89 19.93
N VAL D 144 28.85 -14.72 21.09
CA VAL D 144 29.50 -13.48 21.46
C VAL D 144 30.81 -13.79 22.18
N GLN D 145 31.77 -12.87 22.09
CA GLN D 145 33.06 -13.02 22.72
C GLN D 145 32.95 -12.80 24.24
N ILE D 146 34.06 -13.04 24.94
CA ILE D 146 34.06 -12.98 26.39
C ILE D 146 34.87 -11.77 26.86
N ASN D 147 36.18 -11.84 26.72
CA ASN D 147 37.04 -10.77 27.18
C ASN D 147 38.05 -10.34 26.11
N SER D 157 44.45 -13.17 20.94
CA SER D 157 45.24 -14.16 20.22
C SER D 157 44.38 -15.29 19.67
N ASN D 158 43.59 -15.91 20.54
CA ASN D 158 42.72 -16.99 20.16
C ASN D 158 41.43 -16.40 20.73
N LYS D 159 40.42 -16.23 19.87
CA LYS D 159 39.13 -15.68 20.28
C LYS D 159 38.35 -16.69 21.12
N GLU D 160 37.50 -16.21 22.02
CA GLU D 160 36.76 -17.13 22.86
C GLU D 160 35.31 -16.69 22.89
N TYR D 161 34.39 -17.62 22.69
CA TYR D 161 32.98 -17.27 22.48
C TYR D 161 32.07 -18.06 23.41
N ARG D 162 30.79 -17.69 23.35
CA ARG D 162 29.75 -18.25 24.21
C ARG D 162 28.41 -17.99 23.53
N LEU D 163 27.48 -18.92 23.70
CA LEU D 163 26.14 -18.74 23.16
C LEU D 163 25.46 -17.54 23.80
N ILE D 164 24.71 -16.78 22.99
CA ILE D 164 24.09 -15.56 23.47
C ILE D 164 22.96 -15.85 24.46
N ASN D 165 22.43 -17.08 24.47
CA ASN D 165 21.30 -17.39 25.35
C ASN D 165 21.73 -17.98 26.69
N CYS D 166 22.87 -18.69 26.77
CA CYS D 166 23.41 -19.09 28.07
C CYS D 166 23.65 -18.07 29.17
N ASN D 167 23.71 -16.81 28.75
CA ASN D 167 23.70 -15.61 29.59
C ASN D 167 22.34 -15.30 30.25
N THR D 168 21.32 -15.52 29.45
CA THR D 168 19.94 -15.27 29.80
C THR D 168 19.20 -16.50 30.25
N SER D 169 18.31 -17.00 29.40
CA SER D 169 17.49 -18.13 29.83
C SER D 169 18.04 -19.45 29.30
N ALA D 170 17.36 -20.53 29.64
CA ALA D 170 17.78 -21.87 29.26
C ALA D 170 17.61 -22.06 27.76
N ILE D 171 17.82 -23.28 27.28
CA ILE D 171 17.75 -23.56 25.85
C ILE D 171 17.25 -24.99 25.68
N THR D 172 16.45 -25.20 24.64
CA THR D 172 15.91 -26.51 24.30
C THR D 172 15.84 -26.65 22.79
N GLN D 173 16.36 -27.76 22.27
CA GLN D 173 16.38 -27.98 20.84
C GLN D 173 14.98 -28.28 20.31
N ALA D 174 14.66 -27.71 19.15
CA ALA D 174 13.43 -28.06 18.46
C ALA D 174 13.49 -29.52 18.02
N CYS D 175 12.32 -30.17 18.06
CA CYS D 175 12.25 -31.57 17.68
C CYS D 175 12.69 -31.74 16.23
N PRO D 176 13.33 -32.86 15.90
CA PRO D 176 13.90 -32.99 14.55
C PRO D 176 12.84 -33.13 13.46
N LYS D 177 11.75 -33.83 13.75
CA LYS D 177 10.71 -34.11 12.76
C LYS D 177 9.43 -33.37 13.15
N VAL D 178 9.50 -32.04 13.07
CA VAL D 178 8.37 -31.16 13.37
C VAL D 178 8.29 -30.10 12.29
N SER D 179 7.10 -29.97 11.68
CA SER D 179 6.88 -29.01 10.62
C SER D 179 6.42 -27.68 11.21
N PHE D 180 7.16 -26.62 10.92
CA PHE D 180 6.77 -25.27 11.31
C PHE D 180 5.99 -24.56 10.22
N GLU D 181 5.37 -25.31 9.31
CA GLU D 181 4.63 -24.72 8.21
C GLU D 181 3.22 -24.33 8.67
N PRO D 182 2.78 -23.10 8.43
CA PRO D 182 1.43 -22.70 8.83
C PRO D 182 0.39 -23.36 7.94
N ILE D 183 -0.53 -24.08 8.56
CA ILE D 183 -1.64 -24.72 7.85
C ILE D 183 -2.93 -24.09 8.36
N PRO D 184 -4.00 -24.13 7.55
CA PRO D 184 -5.23 -23.42 7.94
C PRO D 184 -5.86 -24.00 9.19
N ILE D 185 -6.08 -23.15 10.18
CA ILE D 185 -6.78 -23.51 11.41
C ILE D 185 -8.08 -22.74 11.44
N HIS D 186 -9.19 -23.44 11.67
CA HIS D 186 -10.50 -22.83 11.69
C HIS D 186 -10.95 -22.61 13.13
N TYR D 187 -11.47 -21.41 13.41
CA TYR D 187 -12.09 -21.10 14.67
C TYR D 187 -13.60 -21.18 14.52
N CYS D 188 -14.26 -21.94 15.39
CA CYS D 188 -15.71 -22.12 15.31
C CYS D 188 -16.31 -22.11 16.70
N ALA D 189 -17.57 -21.63 16.79
CA ALA D 189 -18.32 -21.48 18.02
C ALA D 189 -18.92 -22.81 18.47
N PRO D 190 -19.18 -22.83 19.79
CA PRO D 190 -19.80 -23.69 20.77
C PRO D 190 -21.30 -23.49 20.60
N ALA D 191 -22.04 -24.47 21.06
CA ALA D 191 -23.49 -24.48 20.92
C ALA D 191 -24.06 -23.28 21.62
N GLY D 192 -25.12 -22.71 21.03
CA GLY D 192 -25.67 -21.50 21.60
C GLY D 192 -24.88 -20.26 21.26
N PHE D 193 -23.82 -20.38 20.48
CA PHE D 193 -23.01 -19.26 20.05
C PHE D 193 -22.93 -19.23 18.54
N ALA D 194 -22.55 -18.07 18.00
CA ALA D 194 -22.40 -17.90 16.57
C ALA D 194 -21.36 -16.83 16.30
N ILE D 195 -20.66 -16.99 15.19
CA ILE D 195 -19.64 -16.03 14.75
C ILE D 195 -20.22 -15.19 13.62
N LEU D 196 -20.14 -13.88 13.77
CA LEU D 196 -20.69 -12.96 12.79
C LEU D 196 -19.59 -12.46 11.86
N LYS D 197 -19.86 -12.49 10.56
CA LYS D 197 -18.89 -12.12 9.54
C LYS D 197 -19.27 -10.79 8.90
N CYS D 198 -18.30 -9.89 8.80
CA CYS D 198 -18.49 -8.60 8.12
C CYS D 198 -18.30 -8.83 6.62
N LYS D 199 -19.42 -8.91 5.89
CA LYS D 199 -19.38 -9.09 4.44
C LYS D 199 -19.36 -7.76 3.69
N ASP D 200 -19.14 -6.65 4.40
CA ASP D 200 -19.03 -5.34 3.78
C ASP D 200 -17.60 -5.13 3.29
N LYS D 201 -17.43 -4.95 1.98
CA LYS D 201 -16.10 -4.89 1.39
C LYS D 201 -15.31 -3.71 1.94
N LYS D 202 -15.86 -2.50 1.84
CA LYS D 202 -15.28 -1.34 2.48
C LYS D 202 -15.72 -1.32 3.93
N PHE D 203 -14.74 -1.32 4.85
CA PHE D 203 -15.01 -1.42 6.27
C PHE D 203 -13.96 -0.58 7.00
N ASN D 204 -14.11 0.75 6.89
CA ASN D 204 -13.14 1.67 7.48
C ASN D 204 -13.08 1.46 8.99
N GLY D 205 -11.88 1.17 9.49
CA GLY D 205 -11.72 0.76 10.86
C GLY D 205 -12.77 -0.26 11.26
N THR D 206 -13.66 0.14 12.17
CA THR D 206 -14.82 -0.66 12.53
C THR D 206 -16.01 0.26 12.73
N GLY D 207 -17.19 -0.27 12.39
CA GLY D 207 -18.44 0.44 12.53
C GLY D 207 -19.60 -0.48 12.23
N PRO D 208 -20.80 0.09 12.11
CA PRO D 208 -21.97 -0.74 11.77
C PRO D 208 -21.83 -1.35 10.39
N CYS D 209 -21.84 -2.68 10.34
CA CYS D 209 -21.69 -3.40 9.09
C CYS D 209 -23.07 -3.75 8.54
N PRO D 210 -23.43 -3.27 7.35
CA PRO D 210 -24.77 -3.59 6.81
C PRO D 210 -24.93 -5.04 6.37
N SER D 211 -23.85 -5.69 5.93
CA SER D 211 -23.93 -7.06 5.39
C SER D 211 -23.29 -8.02 6.38
N VAL D 212 -24.12 -8.67 7.19
CA VAL D 212 -23.66 -9.59 8.23
C VAL D 212 -24.05 -11.01 7.82
N SER D 213 -23.22 -11.97 8.23
CA SER D 213 -23.53 -13.38 8.13
C SER D 213 -23.24 -14.03 9.47
N THR D 214 -23.90 -15.15 9.73
CA THR D 214 -23.70 -15.85 11.00
C THR D 214 -23.09 -17.23 10.77
N VAL D 215 -21.93 -17.27 10.11
CA VAL D 215 -21.29 -18.54 9.82
C VAL D 215 -20.89 -19.23 11.12
N GLN D 216 -21.03 -20.56 11.13
CA GLN D 216 -20.63 -21.34 12.29
C GLN D 216 -19.13 -21.48 12.41
N CYS D 217 -18.39 -21.23 11.33
CA CYS D 217 -16.96 -21.49 11.29
C CYS D 217 -16.28 -20.46 10.40
N THR D 218 -15.17 -19.91 10.87
CA THR D 218 -14.44 -18.89 10.12
C THR D 218 -13.84 -19.48 8.85
N HIS D 219 -13.15 -18.64 8.08
CA HIS D 219 -12.45 -19.11 6.90
C HIS D 219 -11.13 -19.77 7.31
N GLY D 220 -10.37 -20.22 6.32
CA GLY D 220 -9.09 -20.86 6.58
C GLY D 220 -8.02 -19.90 7.03
N ILE D 221 -7.71 -19.91 8.32
CA ILE D 221 -6.75 -18.97 8.92
C ILE D 221 -5.44 -19.71 9.14
N LYS D 222 -4.36 -19.18 8.52
CA LYS D 222 -3.02 -19.72 8.68
C LYS D 222 -2.23 -18.90 9.68
N PRO D 223 -1.61 -19.52 10.69
CA PRO D 223 -0.82 -18.78 11.69
C PRO D 223 0.56 -18.39 11.17
N VAL D 224 0.56 -17.49 10.20
CA VAL D 224 1.81 -17.05 9.56
C VAL D 224 2.60 -16.18 10.53
N VAL D 225 3.62 -16.77 11.17
CA VAL D 225 4.50 -16.01 12.04
C VAL D 225 5.35 -15.10 11.18
N SER D 226 5.00 -13.82 11.14
CA SER D 226 5.67 -12.86 10.27
C SER D 226 5.92 -11.58 11.05
N THR D 227 6.82 -10.75 10.54
CA THR D 227 7.15 -9.47 11.14
C THR D 227 7.09 -8.38 10.08
N GLN D 228 6.46 -7.26 10.43
CA GLN D 228 6.35 -6.08 9.57
C GLN D 228 5.49 -6.32 8.33
N LEU D 229 5.67 -7.46 7.66
CA LEU D 229 4.94 -7.76 6.44
C LEU D 229 4.28 -9.13 6.58
N LEU D 230 3.03 -9.22 6.14
CA LEU D 230 2.22 -10.40 6.35
C LEU D 230 2.23 -11.28 5.10
N LEU D 231 2.00 -12.57 5.30
CA LEU D 231 2.06 -13.55 4.21
C LEU D 231 0.85 -14.47 4.28
N ASN D 232 0.38 -14.89 3.10
CA ASN D 232 -0.68 -15.90 2.98
C ASN D 232 -1.96 -15.49 3.71
N GLY D 233 -2.32 -14.21 3.60
CA GLY D 233 -3.47 -13.67 4.31
C GLY D 233 -4.69 -13.52 3.42
N SER D 234 -5.72 -12.88 3.98
CA SER D 234 -6.96 -12.63 3.27
C SER D 234 -7.01 -11.18 2.80
N LEU D 235 -7.56 -10.96 1.61
CA LEU D 235 -7.63 -9.65 0.99
C LEU D 235 -9.03 -9.41 0.46
N ALA D 236 -9.61 -8.26 0.78
CA ALA D 236 -10.90 -7.89 0.21
C ALA D 236 -10.73 -7.36 -1.21
N GLU D 237 -11.84 -7.27 -1.93
CA GLU D 237 -11.76 -7.05 -3.37
C GLU D 237 -11.47 -5.60 -3.71
N GLU D 238 -11.95 -4.66 -2.89
CA GLU D 238 -11.75 -3.26 -3.17
C GLU D 238 -10.26 -2.91 -3.06
N GLU D 239 -9.93 -1.69 -3.49
CA GLU D 239 -8.57 -1.21 -3.35
C GLU D 239 -8.12 -1.32 -1.90
N VAL D 240 -6.80 -1.42 -1.71
CA VAL D 240 -6.16 -1.74 -0.44
C VAL D 240 -6.84 -1.05 0.73
N MET D 241 -7.10 -1.80 1.80
CA MET D 241 -7.78 -1.28 2.97
C MET D 241 -6.77 -0.83 4.01
N ILE D 242 -7.14 0.22 4.76
CA ILE D 242 -6.32 0.76 5.83
C ILE D 242 -7.15 0.75 7.10
N ARG D 243 -6.63 0.09 8.13
CA ARG D 243 -7.33 -0.04 9.41
C ARG D 243 -6.40 0.42 10.53
N SER D 244 -6.93 1.28 11.38
CA SER D 244 -6.21 1.77 12.55
C SER D 244 -7.19 1.77 13.68
N GLU D 245 -6.73 1.50 14.87
CA GLU D 245 -7.63 1.57 16.01
C GLU D 245 -8.04 3.04 16.10
N ASN D 246 -7.08 3.93 15.81
CA ASN D 246 -7.23 5.38 15.85
C ASN D 246 -6.21 5.98 14.92
N ILE D 247 -6.69 6.62 13.87
CA ILE D 247 -5.83 7.33 12.93
C ILE D 247 -5.53 8.67 13.62
N THR D 248 -4.36 9.24 13.38
CA THR D 248 -3.99 10.52 13.98
C THR D 248 -3.41 10.41 15.40
N ASN D 249 -3.33 9.20 15.93
CA ASN D 249 -2.73 8.96 17.21
C ASN D 249 -1.45 8.40 16.67
N ASN D 250 -0.63 9.27 16.08
CA ASN D 250 0.56 8.77 15.44
C ASN D 250 1.04 7.43 16.00
N ALA D 251 0.95 7.28 17.32
CA ALA D 251 1.47 6.11 18.00
C ALA D 251 0.89 4.74 17.63
N LYS D 252 -0.42 4.65 17.44
CA LYS D 252 -0.97 3.33 17.16
C LYS D 252 -0.54 2.83 15.79
N ASN D 253 -0.20 1.54 15.73
CA ASN D 253 0.27 0.92 14.50
C ASN D 253 -0.86 0.85 13.47
N ILE D 254 -0.48 0.49 12.25
CA ILE D 254 -1.38 0.52 11.10
C ILE D 254 -1.31 -0.82 10.37
N LEU D 255 -2.46 -1.48 10.22
CA LEU D 255 -2.58 -2.66 9.39
C LEU D 255 -2.97 -2.26 7.97
N VAL D 256 -2.50 -3.04 6.99
CA VAL D 256 -2.76 -2.75 5.58
C VAL D 256 -3.13 -4.04 4.87
N GLN D 257 -4.33 -4.09 4.30
CA GLN D 257 -4.78 -5.20 3.48
C GLN D 257 -4.65 -4.82 2.01
N PHE D 258 -4.07 -5.70 1.21
CA PHE D 258 -4.00 -5.47 -0.23
C PHE D 258 -5.31 -5.88 -0.90
N ASN D 259 -5.38 -5.67 -2.20
CA ASN D 259 -6.37 -6.32 -3.04
C ASN D 259 -5.77 -7.42 -3.90
N THR D 260 -4.50 -7.25 -4.30
CA THR D 260 -3.75 -8.28 -5.01
C THR D 260 -2.43 -8.48 -4.28
N PRO D 261 -2.07 -9.72 -3.95
CA PRO D 261 -0.82 -9.96 -3.23
C PRO D 261 0.38 -9.97 -4.17
N VAL D 262 1.52 -9.57 -3.64
CA VAL D 262 2.79 -9.66 -4.33
C VAL D 262 3.43 -11.00 -4.01
N GLN D 263 4.24 -11.50 -4.93
CA GLN D 263 4.92 -12.77 -4.75
C GLN D 263 6.38 -12.50 -4.44
N ILE D 264 6.84 -13.05 -3.33
CA ILE D 264 8.22 -12.93 -2.91
C ILE D 264 8.70 -14.33 -2.64
N ASN D 265 9.80 -14.70 -3.28
CA ASN D 265 10.35 -16.01 -3.08
C ASN D 265 11.69 -15.86 -2.38
N CYS D 266 11.96 -16.73 -1.42
CA CYS D 266 13.22 -16.70 -0.72
C CYS D 266 13.87 -18.07 -0.71
N THR D 267 15.20 -18.10 -0.64
CA THR D 267 15.95 -19.34 -0.75
C THR D 267 17.30 -19.16 -0.08
N ARG D 268 17.74 -20.21 0.63
CA ARG D 268 19.05 -20.21 1.26
C ARG D 268 19.98 -21.11 0.45
N PRO D 269 21.02 -20.57 -0.20
CA PRO D 269 21.85 -21.40 -1.07
C PRO D 269 22.82 -22.30 -0.31
N ASN D 270 22.94 -22.17 1.00
CA ASN D 270 23.91 -22.97 1.75
C ASN D 270 23.50 -24.43 1.78
N ASN D 271 24.49 -25.30 1.57
CA ASN D 271 24.28 -26.75 1.57
C ASN D 271 24.74 -27.28 2.92
N ASN D 272 23.85 -27.25 3.90
CA ASN D 272 24.19 -27.69 5.25
C ASN D 272 24.15 -29.21 5.35
N THR D 273 25.20 -29.78 5.93
CA THR D 273 25.24 -31.20 6.25
C THR D 273 24.83 -31.41 7.70
N ARG D 274 24.21 -32.55 7.97
CA ARG D 274 23.69 -32.85 9.30
C ARG D 274 24.73 -33.65 10.08
N LYS D 275 25.11 -33.13 11.25
CA LYS D 275 26.05 -33.81 12.13
C LYS D 275 25.38 -34.03 13.48
N SER D 276 24.97 -35.26 13.75
CA SER D 276 24.31 -35.60 14.99
C SER D 276 25.35 -36.11 15.99
N ILE D 277 25.46 -35.43 17.12
CA ILE D 277 26.42 -35.79 18.17
C ILE D 277 25.64 -35.95 19.48
N ARG D 278 25.77 -37.13 20.10
CA ARG D 278 24.98 -37.44 21.27
C ARG D 278 25.56 -36.78 22.51
N ILE D 279 24.68 -36.34 23.40
CA ILE D 279 25.11 -35.67 24.61
C ILE D 279 24.46 -36.34 25.80
N GLY D 280 24.99 -37.52 26.13
CA GLY D 280 24.19 -38.52 26.82
C GLY D 280 23.38 -39.36 25.87
N PRO D 281 22.54 -40.24 26.42
CA PRO D 281 21.66 -41.21 25.77
C PRO D 281 20.45 -40.61 25.07
N GLY D 282 19.95 -41.30 24.04
CA GLY D 282 18.78 -40.86 23.30
C GLY D 282 18.83 -39.43 22.75
N GLN D 283 19.42 -38.53 23.51
CA GLN D 283 19.54 -37.15 23.06
C GLN D 283 20.63 -37.03 22.00
N ALA D 284 20.36 -36.24 20.98
CA ALA D 284 21.31 -36.04 19.88
C ALA D 284 21.20 -34.60 19.39
N PHE D 285 22.28 -33.85 19.54
CA PHE D 285 22.32 -32.49 19.03
C PHE D 285 22.59 -32.49 17.54
N TYR D 286 21.83 -31.70 16.79
CA TYR D 286 21.96 -31.63 15.34
C TYR D 286 22.69 -30.35 14.99
N ALA D 287 24.00 -30.45 14.84
CA ALA D 287 24.85 -29.32 14.52
C ALA D 287 24.94 -29.15 13.01
N THR D 288 25.15 -27.91 12.60
CA THR D 288 25.55 -27.63 11.23
C THR D 288 26.84 -28.37 10.93
N GLY D 289 26.85 -29.12 9.83
CA GLY D 289 28.03 -29.87 9.47
C GLY D 289 29.11 -29.02 8.83
N ASP D 290 29.62 -29.48 7.69
CA ASP D 290 30.56 -28.71 6.88
C ASP D 290 29.86 -28.32 5.58
N ILE D 291 29.99 -27.04 5.20
CA ILE D 291 29.28 -26.52 4.05
C ILE D 291 29.87 -27.06 2.75
N ILE D 292 29.00 -27.31 1.78
CA ILE D 292 29.37 -27.78 0.46
C ILE D 292 29.00 -26.71 -0.56
N GLY D 293 30.00 -26.20 -1.27
CA GLY D 293 29.80 -25.13 -2.20
C GLY D 293 30.21 -23.78 -1.64
N ASP D 294 30.39 -22.81 -2.53
CA ASP D 294 30.82 -21.48 -2.12
C ASP D 294 29.73 -20.79 -1.30
N ILE D 295 30.16 -20.06 -0.28
CA ILE D 295 29.22 -19.42 0.64
C ILE D 295 28.43 -18.34 -0.09
N ARG D 296 27.10 -18.43 0.02
CA ARG D 296 26.20 -17.49 -0.64
C ARG D 296 25.20 -16.96 0.38
N GLN D 297 24.99 -15.65 0.37
CA GLN D 297 24.09 -15.03 1.32
C GLN D 297 22.64 -15.29 0.90
N ALA D 298 21.77 -15.48 1.91
CA ALA D 298 20.36 -15.72 1.63
C ALA D 298 19.69 -14.47 1.08
N HIS D 299 18.69 -14.68 0.22
CA HIS D 299 18.07 -13.57 -0.48
C HIS D 299 16.56 -13.69 -0.63
N CYS D 300 15.92 -12.54 -0.85
CA CYS D 300 14.54 -12.40 -1.26
C CYS D 300 14.20 -11.62 -2.51
N ASN D 301 13.42 -12.20 -3.42
CA ASN D 301 13.12 -11.58 -4.69
C ASN D 301 11.75 -10.94 -4.58
N VAL D 302 11.63 -9.72 -5.09
CA VAL D 302 10.37 -8.99 -5.20
C VAL D 302 10.30 -8.40 -6.60
N SER D 303 9.21 -8.70 -7.31
CA SER D 303 9.01 -8.11 -8.63
C SER D 303 8.93 -6.60 -8.49
N LYS D 304 9.98 -5.90 -8.94
CA LYS D 304 10.01 -4.45 -8.81
C LYS D 304 8.81 -3.81 -9.50
N ALA D 305 8.40 -4.36 -10.65
CA ALA D 305 7.21 -3.87 -11.32
C ALA D 305 5.98 -4.03 -10.44
N THR D 306 5.77 -5.25 -9.92
CA THR D 306 4.60 -5.51 -9.08
C THR D 306 4.65 -4.69 -7.79
N TRP D 307 5.83 -4.39 -7.28
CA TRP D 307 5.93 -3.70 -5.99
C TRP D 307 5.61 -2.22 -6.11
N ASN D 308 5.99 -1.59 -7.24
CA ASN D 308 5.83 -0.15 -7.36
C ASN D 308 4.36 0.26 -7.33
N GLU D 309 3.47 -0.58 -7.88
CA GLU D 309 2.05 -0.21 -7.90
C GLU D 309 1.37 -0.49 -6.57
N THR D 310 1.75 -1.57 -5.89
CA THR D 310 1.17 -1.86 -4.59
C THR D 310 1.50 -0.75 -3.59
N LEU D 311 2.73 -0.23 -3.65
CA LEU D 311 3.11 0.87 -2.78
C LEU D 311 2.39 2.16 -3.16
N GLY D 312 1.94 2.26 -4.41
CA GLY D 312 1.26 3.45 -4.87
C GLY D 312 -0.20 3.49 -4.47
N LYS D 313 -0.89 2.35 -4.57
CA LYS D 313 -2.29 2.31 -4.21
C LYS D 313 -2.50 2.65 -2.74
N VAL D 314 -1.50 2.38 -1.90
CA VAL D 314 -1.63 2.66 -0.48
C VAL D 314 -1.59 4.17 -0.23
N VAL D 315 -0.62 4.86 -0.84
CA VAL D 315 -0.53 6.30 -0.66
C VAL D 315 -1.75 7.00 -1.26
N LYS D 316 -2.44 6.36 -2.21
CA LYS D 316 -3.69 6.92 -2.70
C LYS D 316 -4.80 6.76 -1.67
N GLN D 317 -4.89 5.59 -1.04
CA GLN D 317 -5.88 5.40 0.03
C GLN D 317 -5.49 6.21 1.26
N LEU D 318 -4.20 6.31 1.55
CA LEU D 318 -3.74 7.09 2.69
C LEU D 318 -3.95 8.59 2.47
N ARG D 319 -4.02 9.02 1.21
CA ARG D 319 -4.23 10.43 0.91
C ARG D 319 -5.48 10.95 1.59
N LYS D 320 -6.61 10.25 1.41
CA LYS D 320 -7.87 10.68 2.01
C LYS D 320 -7.93 10.47 3.51
N HIS D 321 -6.86 9.98 4.14
CA HIS D 321 -6.84 9.79 5.57
C HIS D 321 -5.75 10.59 6.28
N PHE D 322 -4.84 11.22 5.55
CA PHE D 322 -3.74 11.97 6.16
C PHE D 322 -3.52 13.25 5.37
N GLY D 323 -4.05 14.36 5.88
CA GLY D 323 -3.78 15.68 5.34
C GLY D 323 -4.06 15.86 3.86
N ASN D 324 -4.97 15.04 3.32
CA ASN D 324 -5.31 15.08 1.89
C ASN D 324 -4.07 15.03 1.01
N ASN D 325 -3.92 16.01 0.13
CA ASN D 325 -2.79 16.10 -0.78
C ASN D 325 -1.63 16.79 -0.07
N THR D 326 -0.58 16.02 0.24
CA THR D 326 0.65 16.48 0.82
C THR D 326 1.73 15.45 0.61
N ILE D 327 2.85 15.57 1.32
CA ILE D 327 4.02 14.73 1.10
C ILE D 327 4.11 13.50 2.00
N ILE D 328 4.06 12.32 1.39
CA ILE D 328 4.12 11.06 2.12
C ILE D 328 5.42 10.35 1.72
N ARG D 329 6.27 10.09 2.72
CA ARG D 329 7.56 9.45 2.53
C ARG D 329 7.57 8.10 3.24
N PHE D 330 8.48 7.23 2.81
CA PHE D 330 8.71 5.94 3.46
C PHE D 330 10.18 5.82 3.81
N ALA D 331 10.46 5.55 5.09
CA ALA D 331 11.81 5.43 5.61
C ALA D 331 12.09 4.01 6.08
N ASN D 332 13.36 3.72 6.32
CA ASN D 332 13.70 2.40 6.84
C ASN D 332 13.26 2.31 8.30
N SER D 333 13.19 1.11 8.87
CA SER D 333 12.42 0.94 10.13
C SER D 333 12.36 2.04 11.18
N SER D 334 13.53 2.50 11.60
CA SER D 334 13.59 3.52 12.61
C SER D 334 13.76 2.93 13.97
N GLY D 335 14.93 3.11 14.56
CA GLY D 335 15.17 2.59 15.89
C GLY D 335 14.88 1.10 16.04
N GLY D 336 14.90 0.64 17.28
CA GLY D 336 14.50 -0.71 17.59
C GLY D 336 15.66 -1.70 17.58
N ASP D 337 15.28 -2.97 17.73
CA ASP D 337 16.22 -4.08 17.79
C ASP D 337 16.31 -4.76 16.42
N LEU D 338 17.40 -5.51 16.24
CA LEU D 338 17.72 -6.07 14.93
C LEU D 338 16.72 -7.12 14.47
N GLU D 339 16.09 -7.85 15.41
CA GLU D 339 15.20 -8.93 15.01
C GLU D 339 13.75 -8.49 14.86
N VAL D 340 13.39 -7.32 15.37
CA VAL D 340 12.02 -6.83 15.24
C VAL D 340 11.88 -5.80 14.12
N THR D 341 12.97 -5.19 13.68
CA THR D 341 12.94 -4.20 12.60
C THR D 341 13.15 -4.81 11.23
N THR D 342 13.42 -6.11 11.16
CA THR D 342 13.55 -6.82 9.89
C THR D 342 12.39 -7.79 9.72
N HIS D 343 12.15 -8.16 8.46
CA HIS D 343 11.05 -9.05 8.12
C HIS D 343 11.40 -10.47 8.56
N SER D 344 11.29 -10.70 9.86
CA SER D 344 11.51 -12.05 10.39
C SER D 344 10.38 -12.97 9.95
N PHE D 345 10.71 -14.27 9.83
CA PHE D 345 9.74 -15.32 9.59
C PHE D 345 10.45 -16.68 9.64
N ASN D 346 9.65 -17.73 9.57
CA ASN D 346 10.15 -19.09 9.52
C ASN D 346 9.92 -19.67 8.13
N CYS D 347 10.83 -20.53 7.69
CA CYS D 347 10.71 -21.13 6.36
C CYS D 347 11.44 -22.46 6.36
N GLY D 348 10.69 -23.55 6.25
CA GLY D 348 11.28 -24.87 6.19
C GLY D 348 11.92 -25.32 7.49
N GLY D 349 11.99 -24.43 8.47
CA GLY D 349 12.62 -24.72 9.75
C GLY D 349 13.73 -23.77 10.13
N GLU D 350 14.27 -23.01 9.19
CA GLU D 350 15.31 -22.03 9.47
C GLU D 350 14.72 -20.63 9.39
N PHE D 351 15.20 -19.74 10.25
CA PHE D 351 14.52 -18.48 10.55
C PHE D 351 15.28 -17.33 9.92
N PHE D 352 14.62 -16.64 8.99
CA PHE D 352 15.22 -15.60 8.19
C PHE D 352 14.94 -14.23 8.80
N TYR D 353 15.85 -13.29 8.54
CA TYR D 353 15.69 -11.91 8.99
C TYR D 353 16.20 -11.03 7.86
N CYS D 354 15.28 -10.49 7.06
CA CYS D 354 15.62 -9.80 5.83
C CYS D 354 15.59 -8.29 6.01
N ASN D 355 16.54 -7.61 5.39
CA ASN D 355 16.68 -6.16 5.47
C ASN D 355 15.58 -5.50 4.65
N THR D 356 14.66 -4.83 5.33
CA THR D 356 13.53 -4.19 4.67
C THR D 356 13.83 -2.76 4.21
N SER D 357 15.03 -2.25 4.49
CA SER D 357 15.36 -0.88 4.11
C SER D 357 15.32 -0.68 2.60
N GLY D 358 15.41 -1.75 1.82
CA GLY D 358 15.36 -1.65 0.37
C GLY D 358 13.98 -1.50 -0.23
N LEU D 359 12.93 -1.72 0.57
CA LEU D 359 11.56 -1.60 0.08
C LEU D 359 10.89 -0.31 0.52
N PHE D 360 11.35 0.31 1.60
CA PHE D 360 10.72 1.51 2.18
C PHE D 360 11.73 2.65 2.10
N ASN D 361 12.00 3.07 0.86
CA ASN D 361 12.95 4.13 0.55
C ASN D 361 12.45 5.08 -0.51
N SER D 362 11.58 4.65 -1.43
CA SER D 362 11.02 5.50 -2.46
C SER D 362 9.96 6.44 -1.87
N THR D 363 9.54 7.41 -2.69
CA THR D 363 8.57 8.41 -2.26
C THR D 363 7.97 9.06 -3.50
N TRP D 364 6.65 8.96 -3.66
CA TRP D 364 5.95 9.57 -4.77
C TRP D 364 4.82 10.44 -4.23
N ILE D 365 4.70 11.64 -4.79
CA ILE D 365 3.68 12.60 -4.38
C ILE D 365 3.23 13.38 -5.60
N SER D 366 2.18 14.20 -5.43
CA SER D 366 1.63 15.07 -6.46
C SER D 366 1.25 14.27 -7.70
N ASN D 367 0.18 13.49 -7.55
CA ASN D 367 -0.39 12.70 -8.63
C ASN D 367 0.63 11.75 -9.27
N SER D 378 14.80 -11.16 -17.75
CA SER D 378 13.74 -10.58 -18.57
C SER D 378 13.22 -9.28 -17.95
N ASN D 379 12.87 -9.33 -16.67
CA ASN D 379 12.37 -8.19 -15.93
C ASN D 379 13.22 -7.93 -14.70
N ASP D 380 13.39 -6.67 -14.35
CA ASP D 380 14.13 -6.31 -13.15
C ASP D 380 13.34 -6.69 -11.91
N SER D 381 14.05 -7.12 -10.87
CA SER D 381 13.39 -7.59 -9.65
C SER D 381 14.24 -7.22 -8.45
N ILE D 382 13.65 -6.52 -7.49
CA ILE D 382 14.35 -6.16 -6.25
C ILE D 382 14.73 -7.43 -5.49
N THR D 383 15.87 -7.39 -4.82
CA THR D 383 16.32 -8.47 -3.96
C THR D 383 16.67 -7.92 -2.58
N LEU D 384 16.48 -8.74 -1.56
CA LEU D 384 16.68 -8.34 -0.17
C LEU D 384 17.72 -9.23 0.50
N PRO D 385 18.73 -8.65 1.15
CA PRO D 385 19.68 -9.48 1.90
C PRO D 385 19.06 -9.99 3.18
N CYS D 386 19.40 -11.23 3.53
CA CYS D 386 18.82 -11.89 4.69
C CYS D 386 19.90 -12.65 5.45
N ARG D 387 19.86 -12.56 6.78
CA ARG D 387 20.68 -13.37 7.65
C ARG D 387 19.81 -14.40 8.36
N ILE D 388 20.46 -15.41 8.95
CA ILE D 388 19.75 -16.54 9.54
C ILE D 388 20.17 -16.69 11.00
N LYS D 389 19.20 -17.03 11.84
CA LYS D 389 19.40 -17.26 13.26
C LYS D 389 18.89 -18.64 13.62
N GLN D 390 19.64 -19.35 14.46
CA GLN D 390 19.20 -20.65 14.96
C GLN D 390 18.70 -20.58 16.40
N ILE D 391 19.05 -19.52 17.14
CA ILE D 391 18.61 -19.33 18.51
C ILE D 391 17.48 -18.31 18.52
N ILE D 392 16.33 -18.70 19.10
CA ILE D 392 15.12 -17.89 19.02
C ILE D 392 14.27 -18.14 20.25
N ASN D 393 13.62 -17.07 20.73
CA ASN D 393 12.51 -17.16 21.68
C ASN D 393 11.52 -16.08 21.29
N MET D 394 10.42 -16.46 20.66
CA MET D 394 9.54 -15.50 20.01
C MET D 394 8.50 -14.94 20.96
N TRP D 395 7.80 -13.90 20.49
CA TRP D 395 6.78 -13.19 21.27
C TRP D 395 7.38 -12.54 22.51
N GLN D 396 8.63 -12.09 22.39
CA GLN D 396 9.34 -11.42 23.48
C GLN D 396 9.30 -12.24 24.75
N ARG D 397 9.24 -13.57 24.59
CA ARG D 397 9.13 -14.49 25.71
C ARG D 397 10.52 -14.75 26.28
N ILE D 398 10.77 -14.23 27.48
CA ILE D 398 12.04 -14.40 28.17
C ILE D 398 12.08 -15.68 29.01
N GLY D 399 11.06 -16.52 28.94
CA GLY D 399 11.08 -17.76 29.71
C GLY D 399 12.08 -18.80 29.27
N GLN D 400 11.97 -19.24 28.03
CA GLN D 400 12.86 -20.26 27.50
C GLN D 400 13.02 -20.10 25.99
N ALA D 401 14.25 -20.15 25.51
CA ALA D 401 14.56 -20.06 24.09
C ALA D 401 14.80 -21.44 23.50
N MET D 402 14.73 -21.53 22.17
CA MET D 402 14.87 -22.79 21.48
C MET D 402 15.90 -22.68 20.37
N TYR D 403 16.59 -23.79 20.12
CA TYR D 403 17.56 -23.89 19.02
C TYR D 403 16.90 -24.61 17.86
N ALA D 404 16.80 -23.93 16.73
CA ALA D 404 16.28 -24.55 15.52
C ALA D 404 17.39 -25.32 14.82
N PRO D 405 17.29 -26.63 14.69
CA PRO D 405 18.36 -27.38 14.04
C PRO D 405 18.47 -26.99 12.57
N PRO D 406 19.67 -27.01 12.01
CA PRO D 406 19.83 -26.65 10.60
C PRO D 406 19.12 -27.65 9.71
N ILE D 407 18.45 -27.14 8.69
CA ILE D 407 17.69 -27.99 7.77
C ILE D 407 18.63 -28.53 6.71
N GLN D 408 18.80 -29.85 6.69
CA GLN D 408 19.68 -30.48 5.71
C GLN D 408 19.09 -30.37 4.31
N GLY D 409 19.90 -29.89 3.37
CA GLY D 409 19.48 -29.80 1.99
C GLY D 409 19.26 -28.39 1.47
N VAL D 410 18.36 -28.24 0.53
CA VAL D 410 18.09 -26.97 -0.13
C VAL D 410 16.88 -26.32 0.53
N ILE D 411 16.85 -24.99 0.51
CA ILE D 411 15.77 -24.22 1.11
C ILE D 411 15.21 -23.30 0.03
N ARG D 412 13.89 -23.26 -0.05
CA ARG D 412 13.19 -22.34 -0.93
C ARG D 412 11.76 -22.06 -0.45
N CYS D 413 11.42 -20.81 -0.16
CA CYS D 413 10.05 -20.49 0.19
C CYS D 413 9.49 -19.62 -0.92
N VAL D 414 8.18 -19.78 -1.17
CA VAL D 414 7.45 -19.01 -2.17
C VAL D 414 6.04 -18.58 -1.69
N SER D 415 5.95 -17.63 -0.76
CA SER D 415 4.65 -17.18 -0.22
C SER D 415 4.20 -15.77 -0.63
N ASN D 416 2.88 -15.58 -0.82
CA ASN D 416 2.34 -14.30 -1.23
C ASN D 416 2.56 -13.42 0.00
N ILE D 417 2.74 -12.13 -0.25
CA ILE D 417 2.76 -11.12 0.81
C ILE D 417 1.48 -10.31 0.67
N THR D 418 0.64 -10.35 1.70
CA THR D 418 -0.70 -9.79 1.64
C THR D 418 -0.93 -8.62 2.57
N GLY D 419 -0.15 -8.47 3.64
CA GLY D 419 -0.40 -7.45 4.63
C GLY D 419 0.86 -6.66 4.95
N LEU D 420 0.66 -5.60 5.72
CA LEU D 420 1.75 -4.70 6.10
C LEU D 420 1.51 -4.19 7.52
N ILE D 421 2.56 -3.60 8.09
CA ILE D 421 2.50 -2.97 9.41
C ILE D 421 3.33 -1.67 9.40
N LEU D 422 2.71 -0.55 9.77
CA LEU D 422 3.39 0.75 9.75
C LEU D 422 3.37 1.40 11.14
N THR D 423 4.08 2.52 11.27
CA THR D 423 4.19 3.18 12.57
C THR D 423 4.23 4.70 12.43
N ARG D 424 4.98 5.37 13.30
CA ARG D 424 4.84 6.80 13.56
C ARG D 424 5.63 7.64 12.56
N ASP D 425 5.47 8.96 12.69
CA ASP D 425 6.42 9.94 12.19
C ASP D 425 6.87 10.80 13.36
N GLY D 426 7.22 10.14 14.47
CA GLY D 426 7.62 10.85 15.68
C GLY D 426 6.50 11.64 16.30
N GLY D 427 6.72 12.94 16.48
CA GLY D 427 5.71 13.82 17.04
C GLY D 427 5.70 15.19 16.40
N SER D 428 5.67 15.22 15.06
CA SER D 428 5.68 16.48 14.32
C SER D 428 4.37 17.22 14.58
N THR D 429 4.44 18.28 15.39
CA THR D 429 3.25 19.08 15.71
C THR D 429 2.79 19.80 14.45
N ASN D 430 1.69 19.32 13.87
CA ASN D 430 1.15 19.87 12.63
C ASN D 430 2.21 19.94 11.54
N SER D 431 2.52 21.12 10.99
CA SER D 431 3.61 21.23 10.01
C SER D 431 3.45 20.72 8.56
N THR D 432 4.60 20.55 7.90
CA THR D 432 4.75 20.13 6.49
C THR D 432 4.49 18.73 5.89
N THR D 433 4.92 17.64 6.53
CA THR D 433 4.75 16.30 5.90
C THR D 433 4.68 15.07 6.84
N GLU D 434 4.24 13.93 6.27
CA GLU D 434 4.08 12.68 7.01
C GLU D 434 4.85 11.48 6.43
N THR D 435 5.58 10.78 7.30
CA THR D 435 6.34 9.57 6.95
C THR D 435 5.93 8.35 7.78
N PHE D 436 5.86 7.20 7.10
CA PHE D 436 5.45 5.95 7.72
C PHE D 436 6.48 4.88 7.40
N ARG D 437 7.17 4.41 8.44
CA ARG D 437 8.18 3.37 8.40
C ARG D 437 7.67 2.10 9.08
N PRO D 438 8.09 0.92 8.63
CA PRO D 438 7.53 -0.32 9.16
C PRO D 438 8.01 -0.64 10.57
N GLY D 439 7.15 -1.32 11.32
CA GLY D 439 7.46 -1.70 12.67
C GLY D 439 6.53 -2.75 13.22
N GLY D 440 6.67 -3.99 12.77
CA GLY D 440 5.89 -5.09 13.31
C GLY D 440 6.26 -5.36 14.76
N GLY D 441 5.85 -4.45 15.65
CA GLY D 441 6.28 -4.53 17.03
C GLY D 441 5.66 -5.67 17.80
N ASP D 442 4.45 -6.09 17.42
CA ASP D 442 3.73 -7.13 18.14
C ASP D 442 3.26 -8.20 17.17
N MET D 443 2.99 -9.39 17.73
CA MET D 443 2.57 -10.53 16.93
C MET D 443 1.06 -10.66 16.82
N ARG D 444 0.31 -10.15 17.80
CA ARG D 444 -1.14 -10.31 17.77
C ARG D 444 -1.79 -9.52 16.65
N ASP D 445 -1.16 -8.44 16.21
CA ASP D 445 -1.70 -7.67 15.10
C ASP D 445 -1.69 -8.46 13.80
N ASN D 446 -0.79 -9.44 13.68
CA ASN D 446 -0.72 -10.25 12.47
C ASN D 446 -2.02 -11.02 12.28
N TRP D 447 -2.60 -11.53 13.36
CA TRP D 447 -3.86 -12.25 13.26
C TRP D 447 -5.05 -11.29 13.13
N ARG D 448 -4.91 -10.08 13.66
CA ARG D 448 -5.94 -9.07 13.45
C ARG D 448 -6.12 -8.75 11.97
N SER D 449 -5.07 -8.96 11.16
CA SER D 449 -5.20 -8.82 9.72
C SER D 449 -6.06 -9.91 9.10
N GLU D 450 -6.33 -10.97 9.87
CA GLU D 450 -7.17 -12.05 9.41
C GLU D 450 -8.53 -12.08 10.09
N LEU D 451 -8.72 -11.31 11.17
CA LEU D 451 -9.91 -11.38 12.01
C LEU D 451 -10.65 -10.05 12.09
N TYR D 452 -10.41 -9.13 11.15
CA TYR D 452 -11.06 -7.83 11.21
C TYR D 452 -12.58 -7.95 11.07
N LYS D 453 -13.04 -8.98 10.36
CA LYS D 453 -14.44 -9.09 9.99
C LYS D 453 -15.26 -9.98 10.92
N TYR D 454 -14.63 -10.68 11.86
CA TYR D 454 -15.35 -11.64 12.68
C TYR D 454 -15.60 -11.10 14.08
N LYS D 455 -16.64 -11.66 14.71
CA LYS D 455 -17.01 -11.38 16.09
C LYS D 455 -18.06 -12.40 16.56
N VAL D 456 -17.86 -12.95 17.75
CA VAL D 456 -18.72 -14.02 18.25
C VAL D 456 -19.79 -13.43 19.16
N VAL D 457 -20.98 -14.04 19.16
CA VAL D 457 -22.11 -13.55 19.94
C VAL D 457 -22.78 -14.71 20.65
N LYS D 458 -23.47 -14.38 21.74
CA LYS D 458 -24.15 -15.37 22.58
C LYS D 458 -25.63 -15.36 22.29
N ILE D 459 -26.15 -16.47 21.77
CA ILE D 459 -27.58 -16.57 21.46
C ILE D 459 -28.36 -16.70 22.76
N GLU D 460 -29.47 -15.96 22.87
CA GLU D 460 -30.38 -16.03 24.01
C GLU D 460 -31.75 -16.46 23.50
N PRO D 461 -32.06 -17.76 23.54
CA PRO D 461 -33.29 -18.24 22.89
C PRO D 461 -34.57 -17.90 23.64
N LEU D 462 -34.51 -17.26 24.80
CA LEU D 462 -35.68 -17.02 25.63
C LEU D 462 -36.20 -15.61 25.39
N GLY D 463 -37.39 -15.52 24.81
CA GLY D 463 -38.06 -14.24 24.64
C GLY D 463 -39.50 -14.31 25.09
N VAL D 464 -39.95 -13.26 25.76
CA VAL D 464 -41.33 -13.16 26.23
C VAL D 464 -41.98 -11.97 25.56
N ALA D 465 -43.23 -12.16 25.13
CA ALA D 465 -43.97 -11.14 24.40
C ALA D 465 -45.44 -11.28 24.74
N PRO D 466 -46.20 -10.17 24.72
CA PRO D 466 -47.64 -10.25 25.01
C PRO D 466 -48.49 -10.52 23.79
N THR D 467 -49.56 -11.28 24.01
CA THR D 467 -50.62 -11.45 23.04
C THR D 467 -51.89 -11.85 23.76
N ARG D 468 -53.04 -11.48 23.20
CA ARG D 468 -54.32 -11.79 23.82
C ARG D 468 -54.62 -13.28 23.75
N CYS D 469 -53.81 -14.10 24.43
CA CYS D 469 -53.95 -15.54 24.37
C CYS D 469 -53.58 -16.12 25.72
N LYS D 470 -54.49 -16.90 26.30
CA LYS D 470 -54.23 -17.58 27.56
C LYS D 470 -54.66 -19.05 27.43
N ARG D 471 -53.96 -19.92 28.15
CA ARG D 471 -54.28 -21.35 28.11
C ARG D 471 -55.55 -21.62 28.91
N ARG D 472 -55.85 -22.91 29.07
CA ARG D 472 -57.08 -23.33 29.74
C ARG D 472 -57.18 -22.73 31.13
N VAL D 473 -58.41 -22.55 31.60
CA VAL D 473 -58.65 -21.80 32.82
C VAL D 473 -58.18 -22.58 34.05
N VAL D 474 -58.58 -23.84 34.16
CA VAL D 474 -58.28 -24.66 35.33
C VAL D 474 -57.43 -25.85 34.90
N GLY D 475 -56.35 -26.10 35.65
CA GLY D 475 -55.46 -27.22 35.38
C GLY D 475 -54.12 -27.13 36.09
N VAL E 2 36.64 -14.28 -28.38
CA VAL E 2 37.82 -15.08 -28.09
C VAL E 2 39.08 -14.28 -28.37
N GLN E 3 39.07 -13.53 -29.48
CA GLN E 3 40.20 -12.73 -29.89
C GLN E 3 39.83 -11.25 -29.85
N LEU E 4 40.87 -10.42 -29.81
CA LEU E 4 40.70 -8.97 -29.82
C LEU E 4 42.03 -8.34 -30.19
N ARG E 5 41.97 -7.22 -30.90
CA ARG E 5 43.15 -6.45 -31.28
C ARG E 5 42.90 -4.97 -31.02
N GLU E 6 43.98 -4.26 -30.69
CA GLU E 6 43.91 -2.83 -30.48
C GLU E 6 43.65 -2.12 -31.82
N SER E 7 43.50 -0.81 -31.75
CA SER E 7 43.24 0.00 -32.93
C SER E 7 43.44 1.46 -32.57
N GLY E 8 43.99 2.23 -33.51
CA GLY E 8 44.13 3.66 -33.34
C GLY E 8 45.52 4.17 -33.70
N PRO E 9 45.66 5.50 -33.71
CA PRO E 9 46.97 6.10 -34.01
C PRO E 9 47.96 5.90 -32.87
N GLY E 10 49.24 5.89 -33.23
CA GLY E 10 50.28 5.46 -32.31
C GLY E 10 51.38 6.44 -31.95
N LEU E 11 51.23 7.70 -32.35
CA LEU E 11 52.17 8.74 -31.95
C LEU E 11 51.38 9.94 -31.46
N VAL E 12 52.07 10.84 -30.77
CA VAL E 12 51.42 12.04 -30.27
C VAL E 12 52.50 13.11 -30.06
N LYS E 13 52.14 14.34 -30.38
CA LYS E 13 52.89 15.50 -29.93
C LYS E 13 52.78 15.59 -28.41
N PRO E 14 53.72 16.28 -27.75
CA PRO E 14 53.67 16.34 -26.27
C PRO E 14 52.37 16.90 -25.72
N SER E 15 51.76 17.86 -26.41
CA SER E 15 50.50 18.41 -25.95
C SER E 15 49.33 17.53 -26.43
N GLU E 16 48.12 18.00 -26.17
CA GLU E 16 46.89 17.41 -26.69
C GLU E 16 46.65 16.00 -26.18
N THR E 17 45.57 15.38 -26.66
CA THR E 17 45.08 14.10 -26.17
C THR E 17 45.27 13.01 -27.23
N LEU E 18 45.12 11.75 -26.78
CA LEU E 18 45.27 10.59 -27.66
C LEU E 18 44.06 9.67 -27.51
N SER E 19 43.70 9.02 -28.62
CA SER E 19 42.54 8.13 -28.66
C SER E 19 43.00 6.75 -29.13
N LEU E 20 42.73 5.73 -28.32
CA LEU E 20 43.05 4.35 -28.65
C LEU E 20 41.81 3.49 -28.40
N SER E 21 41.49 2.62 -29.37
CA SER E 21 40.30 1.79 -29.33
C SER E 21 40.69 0.32 -29.43
N CYS E 22 39.92 -0.53 -28.75
CA CYS E 22 40.17 -1.97 -28.73
C CYS E 22 38.90 -2.70 -29.15
N THR E 23 38.93 -3.35 -30.30
CA THR E 23 37.81 -4.13 -30.80
C THR E 23 37.90 -5.56 -30.30
N VAL E 24 36.76 -6.12 -29.89
CA VAL E 24 36.68 -7.50 -29.45
C VAL E 24 35.54 -8.18 -30.19
N SER E 25 35.79 -9.39 -30.67
CA SER E 25 34.81 -10.17 -31.42
C SER E 25 34.87 -11.61 -30.96
N GLN E 26 33.92 -12.40 -31.46
CA GLN E 26 33.77 -13.83 -31.17
C GLN E 26 33.57 -14.11 -29.67
N ASP E 27 33.34 -13.08 -28.86
CA ASP E 27 33.05 -13.29 -27.46
C ASP E 27 31.64 -13.81 -27.29
N SER E 28 31.47 -14.88 -26.52
CA SER E 28 30.16 -15.49 -26.38
C SER E 28 29.25 -14.70 -25.45
N ARG E 29 29.83 -13.93 -24.51
CA ARG E 29 29.05 -13.05 -23.65
C ARG E 29 29.95 -11.93 -23.12
N PRO E 30 30.09 -10.83 -23.85
CA PRO E 30 30.95 -9.72 -23.39
C PRO E 30 30.25 -8.67 -22.56
N SER E 31 28.97 -8.84 -22.24
CA SER E 31 28.27 -7.84 -21.43
C SER E 31 28.77 -7.85 -19.99
N ASP E 32 28.73 -9.01 -19.34
CA ASP E 32 29.14 -9.09 -17.94
C ASP E 32 30.63 -8.86 -17.76
N HIS E 33 31.45 -9.27 -18.73
CA HIS E 33 32.89 -9.17 -18.60
C HIS E 33 33.33 -7.70 -18.65
N SER E 34 34.23 -7.33 -17.74
CA SER E 34 34.73 -5.97 -17.62
C SER E 34 36.11 -5.85 -18.25
N TRP E 35 36.43 -4.64 -18.73
CA TRP E 35 37.60 -4.40 -19.56
C TRP E 35 38.49 -3.34 -18.92
N THR E 36 39.73 -3.28 -19.39
CA THR E 36 40.72 -2.40 -18.79
C THR E 36 41.91 -2.22 -19.72
N TRP E 37 42.65 -1.14 -19.50
CA TRP E 37 43.88 -0.84 -20.21
C TRP E 37 45.07 -0.89 -19.25
N VAL E 38 46.27 -1.09 -19.82
CA VAL E 38 47.52 -1.09 -19.07
C VAL E 38 48.60 -0.47 -19.93
N ARG E 39 49.78 -0.29 -19.33
CA ARG E 39 50.91 0.28 -20.03
C ARG E 39 52.20 -0.32 -19.49
N GLN E 40 53.25 -0.24 -20.31
CA GLN E 40 54.58 -0.70 -19.93
C GLN E 40 55.57 0.39 -20.33
N SER E 41 56.07 1.13 -19.35
CA SER E 41 57.04 2.19 -19.60
C SER E 41 58.29 1.61 -20.27
N PRO E 42 59.05 2.45 -20.98
CA PRO E 42 60.28 1.95 -21.61
C PRO E 42 61.28 1.37 -20.64
N GLY E 43 61.20 1.74 -19.35
CA GLY E 43 62.09 1.18 -18.35
C GLY E 43 61.59 -0.13 -17.78
N LYS E 44 60.73 -0.82 -18.52
CA LYS E 44 60.18 -2.11 -18.14
C LYS E 44 59.55 -2.04 -16.75
N ALA E 45 58.51 -1.22 -16.64
CA ALA E 45 57.75 -1.04 -15.41
C ALA E 45 56.27 -1.02 -15.77
N LEU E 46 55.60 -2.16 -15.58
CA LEU E 46 54.19 -2.28 -15.93
C LEU E 46 53.31 -1.51 -14.92
N GLU E 47 52.14 -1.11 -15.38
CA GLU E 47 51.22 -0.34 -14.56
C GLU E 47 49.79 -0.63 -15.01
N TRP E 48 48.83 -0.01 -14.33
CA TRP E 48 47.42 -0.27 -14.56
C TRP E 48 46.68 1.03 -14.86
N ILE E 49 45.62 0.92 -15.65
CA ILE E 49 44.72 2.02 -15.97
C ILE E 49 43.28 1.52 -15.89
N GLY E 50 42.40 2.39 -15.38
CA GLY E 50 40.94 2.30 -15.37
C GLY E 50 40.19 1.00 -15.62
N ASP E 51 39.17 0.75 -14.80
CA ASP E 51 38.24 -0.35 -15.05
C ASP E 51 36.97 0.19 -15.72
N ILE E 52 36.45 -0.56 -16.69
CA ILE E 52 35.23 -0.18 -17.38
C ILE E 52 34.37 -1.42 -17.54
N HIS E 53 33.05 -1.25 -17.47
CA HIS E 53 32.12 -2.36 -17.56
C HIS E 53 30.87 -1.94 -18.31
N TYR E 54 30.10 -2.93 -18.77
CA TYR E 54 28.92 -2.63 -19.59
C TYR E 54 27.82 -1.95 -18.80
N ASN E 55 27.91 -1.96 -17.47
CA ASN E 55 26.90 -1.28 -16.68
C ASN E 55 27.06 0.24 -16.75
N GLY E 56 28.29 0.73 -16.89
CA GLY E 56 28.55 2.15 -16.92
C GLY E 56 29.36 2.63 -15.73
N ALA E 57 30.28 1.79 -15.27
CA ALA E 57 31.11 2.07 -14.09
C ALA E 57 32.53 2.39 -14.54
N THR E 58 33.00 3.60 -14.22
CA THR E 58 34.34 4.05 -14.56
C THR E 58 35.10 4.38 -13.29
N THR E 59 36.34 3.92 -13.20
CA THR E 59 37.25 4.32 -12.13
C THR E 59 38.66 4.03 -12.60
N TYR E 60 39.49 5.06 -12.66
CA TYR E 60 40.85 4.92 -13.16
C TYR E 60 41.86 5.16 -12.04
N ASN E 61 43.12 4.96 -12.38
CA ASN E 61 44.22 5.08 -11.43
C ASN E 61 44.27 6.49 -10.87
N PRO E 62 44.24 6.66 -9.54
CA PRO E 62 44.21 8.03 -8.99
C PRO E 62 45.42 8.85 -9.35
N SER E 63 46.57 8.19 -9.58
CA SER E 63 47.76 8.89 -10.07
C SER E 63 47.63 9.31 -11.53
N LEU E 64 46.54 8.96 -12.20
CA LEU E 64 46.33 9.34 -13.59
C LEU E 64 44.95 9.92 -13.86
N ARG E 65 44.10 10.03 -12.84
CA ARG E 65 42.71 10.45 -13.06
C ARG E 65 42.60 11.81 -13.74
N SER E 66 43.61 12.66 -13.56
CA SER E 66 43.53 14.01 -14.11
C SER E 66 43.43 14.00 -15.63
N ARG E 67 43.97 12.97 -16.28
CA ARG E 67 44.00 12.90 -17.73
C ARG E 67 43.05 11.86 -18.29
N VAL E 68 43.03 10.66 -17.73
CA VAL E 68 42.32 9.55 -18.35
C VAL E 68 40.82 9.72 -18.19
N ARG E 69 40.09 9.43 -19.27
CA ARG E 69 38.63 9.36 -19.25
C ARG E 69 38.24 8.27 -20.22
N ILE E 70 37.68 7.18 -19.70
CA ILE E 70 37.40 5.99 -20.49
C ILE E 70 35.91 5.94 -20.79
N GLU E 71 35.57 5.49 -22.00
CA GLU E 71 34.19 5.40 -22.45
C GLU E 71 33.96 4.07 -23.15
N LEU E 72 32.74 3.56 -23.03
CA LEU E 72 32.34 2.30 -23.64
C LEU E 72 31.24 2.56 -24.66
N ASP E 73 31.44 2.05 -25.87
CA ASP E 73 30.43 2.18 -26.90
C ASP E 73 29.33 1.15 -26.68
N GLN E 74 28.09 1.57 -26.93
CA GLN E 74 26.92 0.80 -26.52
C GLN E 74 26.45 -0.21 -27.55
N SER E 75 26.50 0.15 -28.84
CA SER E 75 25.93 -0.71 -29.87
C SER E 75 26.71 -2.01 -30.02
N ILE E 76 28.03 -1.91 -30.09
CA ILE E 76 28.90 -3.06 -30.32
C ILE E 76 30.10 -2.95 -29.39
N PRO E 77 30.71 -4.08 -29.02
CA PRO E 77 31.90 -4.01 -28.16
C PRO E 77 33.14 -3.45 -28.86
N ARG E 78 33.55 -2.24 -28.45
CA ARG E 78 34.77 -1.60 -28.94
C ARG E 78 35.06 -0.34 -28.13
N PHE E 79 35.59 -0.51 -26.92
CA PHE E 79 35.80 0.60 -25.99
C PHE E 79 37.02 1.43 -26.40
N SER E 80 37.14 2.61 -25.78
CA SER E 80 38.20 3.55 -26.10
C SER E 80 38.76 4.17 -24.83
N LEU E 81 39.98 4.70 -24.95
CA LEU E 81 40.70 5.31 -23.83
C LEU E 81 41.23 6.68 -24.26
N LYS E 82 41.06 7.67 -23.38
CA LYS E 82 41.54 9.02 -23.61
C LYS E 82 42.56 9.38 -22.52
N MET E 83 43.57 10.16 -22.89
CA MET E 83 44.54 10.70 -21.95
C MET E 83 44.81 12.15 -22.29
N THR E 84 44.60 13.04 -21.31
CA THR E 84 44.64 14.47 -21.56
C THR E 84 46.05 15.04 -21.49
N SER E 85 46.31 15.87 -20.49
CA SER E 85 47.53 16.66 -20.41
C SER E 85 48.79 15.79 -20.33
N MET E 86 48.95 15.09 -19.20
CA MET E 86 50.13 14.27 -18.96
C MET E 86 50.28 13.18 -20.02
N THR E 87 51.29 13.32 -20.89
CA THR E 87 51.57 12.33 -21.91
C THR E 87 53.05 12.08 -22.15
N ALA E 88 53.94 13.03 -21.85
CA ALA E 88 55.35 12.82 -22.08
C ALA E 88 55.92 11.78 -21.12
N ALA E 89 56.86 10.99 -21.62
CA ALA E 89 57.53 9.90 -20.89
C ALA E 89 56.58 8.77 -20.55
N ASP E 90 55.29 9.08 -20.33
CA ASP E 90 54.30 8.04 -20.10
C ASP E 90 54.29 7.02 -21.23
N THR E 91 54.73 7.44 -22.41
CA THR E 91 54.66 6.61 -23.59
C THR E 91 55.68 5.48 -23.53
N GLY E 92 55.46 4.49 -24.38
CA GLY E 92 56.28 3.30 -24.46
C GLY E 92 55.55 2.24 -25.25
N MET E 93 54.61 1.57 -24.61
CA MET E 93 53.67 0.68 -25.28
C MET E 93 52.50 0.44 -24.36
N TYR E 94 51.30 0.35 -24.93
CA TYR E 94 50.06 0.18 -24.17
C TYR E 94 49.34 -1.07 -24.66
N TYR E 95 48.77 -1.82 -23.72
CA TYR E 95 48.07 -3.06 -24.00
C TYR E 95 46.57 -2.92 -23.77
N CYS E 96 45.82 -3.86 -24.34
CA CYS E 96 44.39 -3.98 -24.14
C CYS E 96 44.12 -5.36 -23.57
N ALA E 97 43.49 -5.42 -22.39
CA ALA E 97 43.24 -6.67 -21.71
C ALA E 97 41.81 -6.71 -21.20
N ARG E 98 41.32 -7.92 -20.96
CA ARG E 98 39.98 -8.17 -20.45
C ARG E 98 40.06 -8.65 -19.02
N ASN E 99 39.45 -7.90 -18.11
CA ASN E 99 39.34 -8.31 -16.72
C ASN E 99 38.24 -9.37 -16.64
N ALA E 100 38.64 -10.63 -16.57
CA ALA E 100 37.69 -11.73 -16.58
C ALA E 100 36.90 -11.73 -15.28
N ILE E 101 35.57 -11.71 -15.40
CA ILE E 101 34.69 -11.71 -14.24
C ILE E 101 33.89 -13.01 -14.27
N ARG E 102 34.31 -13.97 -13.46
CA ARG E 102 33.52 -15.18 -13.26
C ARG E 102 32.67 -14.97 -12.01
N ILE E 103 31.37 -15.20 -12.13
CA ILE E 103 30.43 -14.97 -11.05
C ILE E 103 29.92 -16.31 -10.54
N TYR E 104 29.76 -16.41 -9.22
CA TYR E 104 29.32 -17.65 -8.59
C TYR E 104 27.99 -17.54 -7.87
N GLY E 105 27.49 -16.34 -7.60
CA GLY E 105 26.25 -16.19 -6.87
C GLY E 105 25.27 -15.23 -7.51
N VAL E 106 24.85 -14.22 -6.75
CA VAL E 106 23.88 -13.23 -7.21
C VAL E 106 24.57 -11.89 -7.34
N VAL E 107 24.34 -11.21 -8.46
CA VAL E 107 24.91 -9.89 -8.69
C VAL E 107 24.24 -8.90 -7.74
N ALA E 108 24.81 -7.69 -7.65
CA ALA E 108 24.28 -6.60 -6.85
C ALA E 108 24.29 -6.91 -5.35
N LEU E 109 24.68 -8.13 -4.98
CA LEU E 109 24.89 -8.47 -3.58
C LEU E 109 26.37 -8.52 -3.21
N GLY E 110 27.23 -8.92 -4.12
CA GLY E 110 28.65 -8.94 -3.85
C GLY E 110 29.22 -10.35 -3.93
N GLU E 111 28.85 -11.08 -4.97
CA GLU E 111 29.29 -12.46 -5.16
C GLU E 111 29.80 -12.63 -6.60
N TRP E 112 30.91 -11.94 -6.90
CA TRP E 112 31.39 -11.77 -8.26
C TRP E 112 32.92 -11.69 -8.25
N PHE E 113 33.57 -12.61 -7.56
CA PHE E 113 35.00 -12.53 -7.38
C PHE E 113 35.72 -12.51 -8.72
N HIS E 114 36.99 -12.10 -8.68
CA HIS E 114 37.70 -11.77 -9.90
C HIS E 114 38.59 -12.90 -10.37
N TYR E 115 38.72 -12.99 -11.70
CA TYR E 115 39.56 -13.96 -12.36
C TYR E 115 40.83 -13.36 -12.93
N GLY E 116 40.87 -12.04 -13.11
CA GLY E 116 42.04 -11.38 -13.63
C GLY E 116 42.09 -11.37 -15.15
N MET E 117 43.27 -11.02 -15.65
CA MET E 117 43.49 -10.95 -17.09
C MET E 117 43.66 -12.35 -17.66
N ASP E 118 42.90 -12.65 -18.71
CA ASP E 118 42.95 -13.94 -19.38
C ASP E 118 43.27 -13.82 -20.86
N VAL E 119 42.83 -12.76 -21.52
CA VAL E 119 43.07 -12.52 -22.95
C VAL E 119 43.50 -11.08 -23.12
N TRP E 120 44.64 -10.87 -23.76
CA TRP E 120 45.19 -9.55 -24.04
C TRP E 120 45.14 -9.28 -25.53
N GLY E 121 45.44 -8.03 -25.89
CA GLY E 121 45.51 -7.66 -27.27
C GLY E 121 46.85 -8.01 -27.89
N GLN E 122 46.97 -7.70 -29.18
CA GLN E 122 48.23 -7.91 -29.88
C GLN E 122 49.35 -7.07 -29.28
N GLY E 123 49.03 -5.99 -28.57
CA GLY E 123 50.03 -5.14 -27.97
C GLY E 123 50.61 -4.14 -28.94
N THR E 124 50.19 -2.89 -28.82
CA THR E 124 50.68 -1.81 -29.67
C THR E 124 51.62 -0.90 -28.88
N ALA E 125 52.40 -0.13 -29.62
CA ALA E 125 53.42 0.74 -29.03
C ALA E 125 53.16 2.19 -29.42
N VAL E 126 53.40 3.09 -28.47
CA VAL E 126 53.24 4.53 -28.69
C VAL E 126 54.38 5.26 -28.00
N THR E 127 54.91 6.29 -28.67
CA THR E 127 55.93 7.14 -28.07
C THR E 127 55.66 8.59 -28.45
N VAL E 128 55.92 9.50 -27.51
CA VAL E 128 55.80 10.94 -27.74
C VAL E 128 57.20 11.51 -27.87
N SER E 129 57.43 12.26 -28.96
CA SER E 129 58.75 12.87 -29.16
C SER E 129 58.72 13.97 -30.22
N SER E 130 57.56 14.56 -30.53
CA SER E 130 57.42 15.56 -31.59
C SER E 130 57.92 15.01 -32.91
N ALA E 131 58.32 15.91 -33.82
CA ALA E 131 58.81 15.56 -35.15
C ALA E 131 57.77 14.80 -35.96
N SER E 132 58.10 14.48 -37.21
CA SER E 132 57.21 13.76 -38.10
C SER E 132 57.95 12.58 -38.71
N THR E 133 57.25 11.80 -39.52
CA THR E 133 57.83 10.64 -40.18
C THR E 133 58.40 11.02 -41.54
N LYS E 134 59.43 10.29 -41.95
CA LYS E 134 60.02 10.46 -43.27
C LYS E 134 59.66 9.34 -44.23
N GLY E 135 59.47 8.13 -43.72
CA GLY E 135 59.14 7.00 -44.55
C GLY E 135 60.34 6.11 -44.79
N PRO E 136 60.10 4.82 -45.00
CA PRO E 136 61.22 3.90 -45.26
C PRO E 136 61.77 4.04 -46.67
N SER E 137 63.05 3.74 -46.81
CA SER E 137 63.74 3.72 -48.09
C SER E 137 64.07 2.27 -48.41
N VAL E 138 63.43 1.73 -49.46
CA VAL E 138 63.47 0.30 -49.72
C VAL E 138 64.86 -0.11 -50.19
N PHE E 139 65.38 -1.21 -49.63
CA PHE E 139 66.79 -1.54 -49.88
C PHE E 139 67.15 -3.02 -49.80
N PRO E 140 68.00 -3.50 -50.71
CA PRO E 140 68.43 -4.91 -50.67
C PRO E 140 69.90 -5.07 -50.29
N LEU E 141 70.23 -6.12 -49.51
CA LEU E 141 71.58 -6.24 -48.98
C LEU E 141 72.45 -7.27 -49.72
N ALA E 142 71.84 -8.20 -50.48
CA ALA E 142 72.45 -9.09 -51.48
C ALA E 142 73.03 -10.38 -50.91
N PRO E 143 73.16 -11.42 -51.74
CA PRO E 143 73.82 -12.66 -51.28
C PRO E 143 75.07 -13.01 -52.07
N SER E 144 75.84 -13.98 -51.60
CA SER E 144 77.05 -14.43 -52.28
C SER E 144 77.02 -15.94 -52.53
N SER E 145 77.26 -16.35 -53.78
CA SER E 145 77.26 -17.76 -54.13
C SER E 145 78.61 -18.45 -53.95
N LYS E 146 79.02 -18.64 -52.70
CA LYS E 146 80.31 -19.24 -52.39
C LYS E 146 80.43 -20.68 -52.86
N SER E 147 79.39 -21.46 -52.66
CA SER E 147 79.38 -22.86 -53.08
C SER E 147 78.05 -23.26 -53.68
N THR E 148 78.09 -24.14 -54.67
CA THR E 148 76.89 -24.61 -55.31
C THR E 148 76.01 -25.39 -54.33
N SER E 149 76.65 -26.20 -53.50
CA SER E 149 75.95 -27.02 -52.52
C SER E 149 75.38 -26.22 -51.35
N GLY E 150 74.37 -26.80 -50.69
CA GLY E 150 73.73 -26.16 -49.56
C GLY E 150 74.60 -25.92 -48.33
N GLY E 151 74.40 -24.75 -47.73
CA GLY E 151 75.11 -24.30 -46.55
C GLY E 151 74.41 -23.14 -45.87
N THR E 152 75.13 -22.46 -44.97
CA THR E 152 74.56 -21.31 -44.29
C THR E 152 74.24 -20.19 -45.28
N ALA E 153 73.11 -19.52 -45.07
CA ALA E 153 72.59 -18.55 -46.02
C ALA E 153 72.56 -17.17 -45.40
N ALA E 154 73.07 -16.18 -46.14
CA ALA E 154 72.99 -14.78 -45.75
C ALA E 154 72.00 -14.09 -46.68
N LEU E 155 71.04 -13.38 -46.10
CA LEU E 155 70.02 -12.69 -46.87
C LEU E 155 69.84 -11.28 -46.31
N GLY E 156 69.33 -10.38 -47.15
CA GLY E 156 69.16 -9.02 -46.73
C GLY E 156 68.08 -8.22 -47.41
N CYS E 157 67.41 -7.38 -46.62
CA CYS E 157 66.37 -6.48 -47.12
C CYS E 157 66.22 -5.33 -46.14
N LEU E 158 67.34 -4.70 -45.78
CA LEU E 158 67.37 -3.70 -44.72
C LEU E 158 66.76 -2.39 -45.19
N VAL E 159 66.45 -1.53 -44.22
CA VAL E 159 65.91 -0.20 -44.47
C VAL E 159 66.48 0.76 -43.44
N LYS E 160 66.83 1.97 -43.89
CA LYS E 160 67.61 2.89 -43.08
C LYS E 160 66.75 3.80 -42.20
N ASP E 161 65.57 4.22 -42.66
CA ASP E 161 64.89 5.30 -41.96
C ASP E 161 63.40 5.01 -41.82
N TYR E 162 62.82 5.69 -40.82
CA TYR E 162 61.44 5.63 -40.37
C TYR E 162 61.42 6.32 -39.01
N PHE E 163 60.27 6.88 -38.60
CA PHE E 163 60.27 7.49 -37.27
C PHE E 163 59.53 6.64 -36.24
N PRO E 164 58.33 6.14 -36.50
CA PRO E 164 57.65 5.33 -35.48
C PRO E 164 58.43 4.08 -35.16
N GLU E 165 58.59 3.83 -33.86
CA GLU E 165 59.28 2.62 -33.40
C GLU E 165 58.67 1.32 -33.92
N PRO E 166 57.34 1.13 -34.03
CA PRO E 166 56.83 -0.15 -34.56
C PRO E 166 57.34 -0.44 -35.96
N VAL E 167 57.33 -1.72 -36.32
CA VAL E 167 57.94 -2.22 -37.56
C VAL E 167 57.07 -3.35 -38.13
N THR E 168 56.92 -3.37 -39.46
CA THR E 168 56.23 -4.44 -40.17
C THR E 168 57.18 -5.00 -41.22
N VAL E 169 57.51 -6.28 -41.08
CA VAL E 169 58.40 -6.97 -42.01
C VAL E 169 57.87 -8.38 -42.23
N SER E 170 57.96 -8.85 -43.46
CA SER E 170 57.52 -10.19 -43.81
C SER E 170 58.36 -10.70 -44.98
N TRP E 171 58.43 -12.02 -45.10
CA TRP E 171 59.27 -12.67 -46.10
C TRP E 171 58.41 -13.53 -47.02
N ASN E 172 58.61 -13.34 -48.33
CA ASN E 172 57.78 -13.97 -49.37
C ASN E 172 56.31 -13.65 -49.16
N SER E 173 56.04 -12.42 -48.70
CA SER E 173 54.69 -11.95 -48.42
C SER E 173 53.96 -12.88 -47.46
N GLY E 174 54.67 -13.30 -46.42
CA GLY E 174 54.10 -14.18 -45.41
C GLY E 174 53.87 -15.59 -45.90
N ALA E 175 54.96 -16.32 -46.15
CA ALA E 175 54.86 -17.70 -46.63
C ALA E 175 55.67 -18.64 -45.76
N LEU E 176 56.98 -18.42 -45.68
CA LEU E 176 57.88 -19.28 -44.91
C LEU E 176 58.65 -18.44 -43.90
N THR E 177 58.27 -18.58 -42.62
CA THR E 177 58.99 -17.97 -41.52
C THR E 177 59.82 -19.01 -40.77
N SER E 178 60.37 -19.98 -41.50
CA SER E 178 61.18 -21.02 -40.87
C SER E 178 62.43 -20.46 -40.21
N GLY E 179 62.89 -19.29 -40.64
CA GLY E 179 64.05 -18.68 -40.05
C GLY E 179 64.08 -17.17 -40.20
N VAL E 180 63.03 -16.51 -39.73
CA VAL E 180 62.95 -15.05 -39.78
C VAL E 180 63.60 -14.47 -38.54
N HIS E 181 64.22 -13.29 -38.70
CA HIS E 181 64.84 -12.58 -37.61
C HIS E 181 64.54 -11.10 -37.72
N THR E 182 64.51 -10.43 -36.57
CA THR E 182 64.30 -8.99 -36.51
C THR E 182 65.06 -8.44 -35.33
N PHE E 183 65.82 -7.37 -35.55
CA PHE E 183 66.67 -6.79 -34.52
C PHE E 183 66.40 -5.30 -34.41
N PRO E 184 66.26 -4.77 -33.19
CA PRO E 184 65.96 -3.34 -33.03
C PRO E 184 67.16 -2.48 -33.39
N ALA E 185 66.90 -1.18 -33.51
CA ALA E 185 67.92 -0.19 -33.84
C ALA E 185 67.88 0.94 -32.83
N VAL E 186 68.89 1.80 -32.90
CA VAL E 186 69.05 2.90 -31.96
C VAL E 186 68.68 4.20 -32.67
N LEU E 187 68.62 5.29 -31.89
CA LEU E 187 68.18 6.57 -32.43
C LEU E 187 69.22 7.22 -33.33
N GLN E 188 70.46 6.73 -33.30
CA GLN E 188 71.62 7.29 -33.99
C GLN E 188 71.62 8.83 -33.97
N SER E 189 71.20 9.41 -32.84
CA SER E 189 71.25 10.85 -32.58
C SER E 189 70.35 11.66 -33.52
N SER E 190 70.23 11.24 -34.79
CA SER E 190 69.42 11.99 -35.74
C SER E 190 67.93 11.91 -35.38
N GLY E 191 67.51 10.86 -34.71
CA GLY E 191 66.11 10.71 -34.35
C GLY E 191 65.48 9.48 -34.98
N LEU E 192 65.63 9.36 -36.30
CA LEU E 192 65.09 8.20 -36.99
C LEU E 192 65.94 6.96 -36.72
N TYR E 193 65.26 5.84 -36.49
CA TYR E 193 65.93 4.57 -36.26
C TYR E 193 66.19 3.86 -37.60
N SER E 194 67.00 2.81 -37.54
CA SER E 194 67.47 2.10 -38.74
C SER E 194 67.34 0.59 -38.53
N LEU E 195 66.11 0.10 -38.52
CA LEU E 195 65.89 -1.33 -38.29
C LEU E 195 66.15 -2.12 -39.55
N SER E 196 66.78 -3.28 -39.38
CA SER E 196 67.04 -4.21 -40.47
C SER E 196 66.53 -5.59 -40.07
N SER E 197 66.12 -6.36 -41.07
CA SER E 197 65.58 -7.70 -40.85
C SER E 197 66.29 -8.69 -41.74
N VAL E 198 66.79 -9.77 -41.14
CA VAL E 198 67.48 -10.83 -41.85
C VAL E 198 66.63 -12.09 -41.76
N VAL E 199 66.72 -12.92 -42.81
CA VAL E 199 66.06 -14.22 -42.85
C VAL E 199 67.12 -15.27 -43.15
N THR E 200 66.89 -16.48 -42.66
CA THR E 200 67.80 -17.62 -42.87
C THR E 200 66.98 -18.77 -43.44
N VAL E 201 66.91 -18.85 -44.77
CA VAL E 201 66.17 -19.89 -45.46
C VAL E 201 67.16 -20.83 -46.14
N PRO E 202 66.79 -22.07 -46.45
CA PRO E 202 67.74 -22.99 -47.07
C PRO E 202 68.23 -22.49 -48.43
N SER E 203 69.55 -22.40 -48.57
CA SER E 203 70.18 -21.91 -49.78
C SER E 203 70.89 -23.06 -50.49
N SER E 204 70.67 -23.16 -51.80
CA SER E 204 71.36 -24.11 -52.65
C SER E 204 71.27 -23.63 -54.09
N SER E 205 70.05 -23.50 -54.58
CA SER E 205 69.79 -22.95 -55.90
C SER E 205 68.48 -22.17 -55.84
N LEU E 206 68.58 -20.84 -55.90
CA LEU E 206 67.43 -19.96 -55.80
C LEU E 206 67.24 -19.26 -57.14
N GLY E 207 66.18 -19.64 -57.86
CA GLY E 207 65.94 -19.11 -59.18
C GLY E 207 64.67 -18.27 -59.28
N THR E 208 63.52 -18.92 -59.37
CA THR E 208 62.23 -18.23 -59.42
C THR E 208 61.70 -17.88 -58.03
N GLN E 209 61.98 -18.71 -57.03
CA GLN E 209 61.55 -18.45 -55.66
C GLN E 209 62.69 -17.76 -54.93
N THR E 210 62.85 -16.47 -55.23
CA THR E 210 63.88 -15.65 -54.60
C THR E 210 63.37 -14.87 -53.39
N TYR E 211 62.07 -14.99 -53.08
CA TYR E 211 61.45 -14.37 -51.91
C TYR E 211 61.33 -12.86 -52.04
N ILE E 212 60.46 -12.26 -51.22
CA ILE E 212 60.11 -10.84 -51.32
C ILE E 212 60.04 -10.27 -49.90
N CYS E 213 59.97 -8.94 -49.83
CA CYS E 213 59.89 -8.22 -48.57
C CYS E 213 58.66 -7.34 -48.55
N ASN E 214 57.93 -7.35 -47.43
CA ASN E 214 56.68 -6.60 -47.34
C ASN E 214 56.94 -5.10 -47.34
N VAL E 215 57.70 -4.62 -46.36
CA VAL E 215 57.99 -3.19 -46.18
C VAL E 215 56.67 -2.42 -46.13
N ASN E 216 55.87 -2.67 -45.10
CA ASN E 216 54.50 -2.16 -45.05
C ASN E 216 54.41 -0.74 -44.53
N HIS E 217 55.50 -0.18 -44.00
CA HIS E 217 55.50 1.15 -43.41
C HIS E 217 54.52 1.24 -42.23
N LYS E 218 54.42 2.43 -41.63
CA LYS E 218 53.93 2.45 -40.25
C LYS E 218 52.97 3.61 -39.94
N PRO E 219 53.40 4.89 -39.94
CA PRO E 219 52.45 5.96 -39.60
C PRO E 219 51.59 6.32 -40.80
N SER E 220 52.25 6.57 -41.92
CA SER E 220 51.63 6.56 -43.24
C SER E 220 51.96 5.22 -43.90
N ASN E 221 50.91 4.51 -44.34
CA ASN E 221 51.11 3.21 -44.98
C ASN E 221 51.74 3.42 -46.35
N THR E 222 52.97 2.93 -46.52
CA THR E 222 53.70 3.00 -47.78
C THR E 222 54.28 1.61 -48.05
N LYS E 223 53.40 0.66 -48.34
CA LYS E 223 53.80 -0.73 -48.58
C LYS E 223 54.53 -0.81 -49.91
N VAL E 224 55.81 -1.15 -49.86
CA VAL E 224 56.66 -1.22 -51.04
C VAL E 224 57.23 -2.63 -51.10
N ASP E 225 56.49 -3.54 -51.72
CA ASP E 225 56.96 -4.91 -51.90
C ASP E 225 58.13 -4.92 -52.87
N LYS E 226 59.30 -5.34 -52.39
CA LYS E 226 60.52 -5.38 -53.18
C LYS E 226 61.10 -6.78 -53.17
N ARG E 227 61.47 -7.29 -54.34
CA ARG E 227 61.99 -8.64 -54.48
C ARG E 227 63.51 -8.61 -54.58
N VAL E 228 64.14 -9.62 -54.01
CA VAL E 228 65.60 -9.72 -53.97
C VAL E 228 66.09 -10.51 -55.17
N GLU E 229 67.35 -10.31 -55.53
CA GLU E 229 67.96 -11.00 -56.66
C GLU E 229 68.96 -12.05 -56.18
N GLU F 5 51.53 0.47 -5.29
CA GLU F 5 52.22 0.70 -4.03
C GLU F 5 52.45 -0.60 -3.29
N LEU F 6 53.13 -1.54 -3.95
CA LEU F 6 53.51 -2.80 -3.33
C LEU F 6 54.98 -3.08 -3.65
N THR F 7 55.50 -4.14 -3.04
CA THR F 7 56.90 -4.52 -3.16
C THR F 7 57.03 -5.85 -3.87
N GLN F 8 58.01 -5.95 -4.76
CA GLN F 8 58.29 -7.18 -5.48
C GLN F 8 59.79 -7.25 -5.71
N PRO F 9 60.40 -8.42 -5.60
CA PRO F 9 61.84 -8.54 -5.84
C PRO F 9 62.13 -8.51 -7.33
N PRO F 10 63.03 -7.66 -7.78
CA PRO F 10 63.23 -7.53 -9.24
C PRO F 10 64.08 -8.64 -9.84
N SER F 11 64.99 -9.19 -9.05
CA SER F 11 65.99 -10.12 -9.59
C SER F 11 66.25 -11.22 -8.58
N VAL F 12 65.75 -12.42 -8.87
CA VAL F 12 66.13 -13.64 -8.16
C VAL F 12 66.62 -14.62 -9.20
N SER F 13 67.64 -15.40 -8.85
CA SER F 13 68.14 -16.45 -9.73
C SER F 13 68.16 -17.77 -8.97
N VAL F 14 67.88 -18.88 -9.67
CA VAL F 14 67.78 -20.19 -9.03
C VAL F 14 68.21 -21.27 -10.01
N SER F 15 68.46 -22.46 -9.47
CA SER F 15 68.98 -23.53 -10.30
C SER F 15 67.87 -24.12 -11.17
N PRO F 16 68.16 -24.50 -12.42
CA PRO F 16 67.13 -25.11 -13.26
C PRO F 16 66.74 -26.50 -12.76
N GLY F 17 65.50 -26.89 -13.04
CA GLY F 17 64.99 -28.15 -12.53
C GLY F 17 64.74 -28.17 -11.05
N GLN F 18 64.86 -27.03 -10.36
CA GLN F 18 64.62 -26.91 -8.93
C GLN F 18 63.49 -25.93 -8.67
N THR F 19 62.98 -25.94 -7.45
CA THR F 19 61.88 -25.07 -7.08
C THR F 19 62.36 -23.64 -6.85
N ALA F 20 61.43 -22.69 -7.02
CA ALA F 20 61.75 -21.26 -6.92
C ALA F 20 60.70 -20.56 -6.07
N ARG F 21 60.98 -19.31 -5.73
CA ARG F 21 60.18 -18.54 -4.79
C ARG F 21 60.02 -17.12 -5.30
N ILE F 22 58.77 -16.67 -5.45
CA ILE F 22 58.46 -15.30 -5.82
C ILE F 22 57.60 -14.69 -4.73
N THR F 23 57.87 -13.42 -4.41
CA THR F 23 57.17 -12.73 -3.34
C THR F 23 56.56 -11.44 -3.84
N CYS F 24 55.47 -11.02 -3.19
CA CYS F 24 54.88 -9.71 -3.41
C CYS F 24 54.25 -9.28 -2.09
N SER F 25 54.79 -8.22 -1.51
CA SER F 25 54.43 -7.78 -0.16
C SER F 25 53.61 -6.50 -0.22
N GLY F 26 52.59 -6.42 0.64
CA GLY F 26 51.74 -5.25 0.69
C GLY F 26 50.68 -5.43 1.76
N ALA F 27 49.95 -4.34 2.00
CA ALA F 27 48.91 -4.32 3.02
C ALA F 27 47.57 -4.84 2.52
N PRO F 28 47.09 -4.42 1.33
CA PRO F 28 45.76 -4.90 0.90
C PRO F 28 45.76 -6.34 0.39
N LEU F 29 46.58 -7.20 0.97
CA LEU F 29 46.59 -8.62 0.61
C LEU F 29 45.44 -9.39 1.24
N THR F 30 44.41 -8.69 1.73
CA THR F 30 43.21 -9.30 2.26
C THR F 30 41.99 -9.13 1.37
N SER F 31 42.04 -8.21 0.40
CA SER F 31 40.86 -7.82 -0.36
C SER F 31 40.67 -8.64 -1.62
N ARG F 32 41.76 -8.96 -2.34
CA ARG F 32 41.59 -9.63 -3.63
C ARG F 32 42.83 -10.40 -4.08
N PHE F 33 43.12 -11.51 -3.40
CA PHE F 33 44.05 -12.53 -3.89
C PHE F 33 45.38 -11.90 -4.28
N THR F 34 45.99 -12.32 -5.41
CA THR F 34 47.34 -11.95 -5.78
C THR F 34 47.50 -11.72 -7.29
N TYR F 35 47.55 -12.81 -8.07
CA TYR F 35 47.86 -12.80 -9.51
C TYR F 35 49.34 -12.49 -9.74
N TRP F 36 49.85 -12.81 -10.93
CA TRP F 36 51.23 -12.50 -11.28
C TRP F 36 51.40 -12.19 -12.76
N TYR F 37 51.21 -13.21 -13.61
CA TYR F 37 51.45 -13.20 -15.05
C TYR F 37 52.94 -13.16 -15.38
N ARG F 38 53.30 -13.54 -16.60
CA ARG F 38 54.69 -13.57 -17.06
C ARG F 38 54.82 -12.82 -18.37
N GLN F 39 55.93 -12.10 -18.53
CA GLN F 39 56.16 -11.21 -19.67
C GLN F 39 57.36 -11.72 -20.46
N LYS F 40 57.11 -12.43 -21.55
CA LYS F 40 58.17 -12.79 -22.47
C LYS F 40 58.63 -11.57 -23.24
N PRO F 41 59.86 -11.58 -23.76
CA PRO F 41 60.31 -10.44 -24.58
C PRO F 41 59.47 -10.25 -25.83
N GLY F 42 58.76 -9.13 -25.90
CA GLY F 42 57.95 -8.81 -27.06
C GLY F 42 56.65 -9.57 -27.19
N GLN F 43 56.11 -10.08 -26.09
CA GLN F 43 54.86 -10.83 -26.12
C GLN F 43 53.94 -10.33 -25.00
N ALA F 44 52.66 -10.70 -25.11
CA ALA F 44 51.65 -10.30 -24.13
C ALA F 44 51.64 -11.27 -22.95
N PRO F 45 51.29 -10.78 -21.76
CA PRO F 45 51.27 -11.65 -20.58
C PRO F 45 50.19 -12.72 -20.66
N VAL F 46 50.36 -13.76 -19.86
CA VAL F 46 49.46 -14.90 -19.80
C VAL F 46 49.14 -15.21 -18.35
N LEU F 47 47.96 -15.76 -18.10
CA LEU F 47 47.56 -16.12 -16.75
C LEU F 47 48.48 -17.19 -16.16
N ILE F 48 49.27 -16.80 -15.17
CA ILE F 48 50.05 -17.80 -14.43
C ILE F 48 49.13 -18.57 -13.50
N ILE F 49 48.15 -17.89 -12.92
CA ILE F 49 47.33 -18.46 -11.86
C ILE F 49 45.98 -17.75 -11.92
N SER F 50 44.95 -18.44 -11.45
CA SER F 50 43.60 -17.95 -11.59
C SER F 50 42.81 -18.34 -10.35
N ARG F 51 41.51 -18.02 -10.36
CA ARG F 51 40.65 -18.35 -9.23
C ARG F 51 39.25 -18.65 -9.74
N SER F 52 38.80 -19.89 -9.52
CA SER F 52 37.50 -20.34 -9.97
C SER F 52 36.46 -20.42 -8.86
N SER F 53 36.91 -20.64 -7.62
CA SER F 53 36.15 -20.41 -6.38
C SER F 53 36.94 -20.89 -5.17
N GLN F 54 37.25 -19.95 -4.27
CA GLN F 54 37.80 -20.26 -2.96
C GLN F 54 39.16 -20.94 -3.13
N ARG F 55 39.42 -22.11 -2.52
CA ARG F 55 40.78 -22.64 -2.48
C ARG F 55 41.28 -23.15 -3.84
N SER F 56 40.38 -23.70 -4.65
CA SER F 56 40.76 -24.35 -5.91
C SER F 56 41.24 -23.29 -6.90
N SER F 57 42.51 -22.93 -6.78
CA SER F 57 43.10 -21.88 -7.59
C SER F 57 44.47 -22.30 -8.11
N GLY F 58 45.45 -22.40 -7.22
CA GLY F 58 46.79 -22.87 -7.58
C GLY F 58 46.76 -24.29 -8.10
N TRP F 59 46.51 -25.23 -7.19
CA TRP F 59 46.31 -26.65 -7.47
C TRP F 59 47.33 -27.25 -8.43
N SER F 60 46.89 -27.72 -9.60
CA SER F 60 47.62 -28.75 -10.33
C SER F 60 48.06 -28.36 -11.74
N GLY F 61 47.89 -27.11 -12.15
CA GLY F 61 48.59 -26.67 -13.35
C GLY F 61 50.09 -26.84 -13.27
N ARG F 62 50.62 -26.89 -12.04
CA ARG F 62 52.01 -26.85 -11.57
C ARG F 62 51.99 -25.70 -10.55
N PHE F 63 53.08 -24.94 -10.44
CA PHE F 63 53.08 -23.75 -9.58
C PHE F 63 52.65 -24.11 -8.18
N SER F 64 51.60 -23.40 -7.76
CA SER F 64 51.03 -23.48 -6.43
C SER F 64 51.49 -22.21 -5.72
N ALA F 65 50.67 -21.72 -4.79
CA ALA F 65 51.03 -20.51 -4.09
C ALA F 65 50.64 -20.56 -2.64
N SER F 66 51.35 -19.79 -1.82
CA SER F 66 51.05 -19.76 -0.39
C SER F 66 50.95 -18.32 0.08
N TRP F 67 50.07 -18.10 1.04
CA TRP F 67 49.86 -16.74 1.56
C TRP F 67 50.09 -16.78 3.06
N SER F 68 51.29 -16.37 3.49
CA SER F 68 51.67 -16.41 4.89
C SER F 68 50.99 -15.28 5.66
N GLY F 69 51.56 -14.08 5.60
CA GLY F 69 51.01 -12.93 6.30
C GLY F 69 50.98 -11.68 5.45
N THR F 70 51.99 -10.82 5.62
CA THR F 70 52.05 -9.60 4.83
C THR F 70 52.41 -9.89 3.38
N THR F 71 53.33 -10.81 3.14
CA THR F 71 53.77 -11.18 1.80
C THR F 71 53.23 -12.55 1.43
N VAL F 72 53.04 -12.75 0.13
CA VAL F 72 52.54 -14.02 -0.39
C VAL F 72 53.67 -14.69 -1.16
N THR F 73 53.50 -15.99 -1.38
CA THR F 73 54.52 -16.82 -2.00
C THR F 73 53.96 -17.53 -3.22
N LEU F 74 54.77 -17.62 -4.27
CA LEU F 74 54.44 -18.35 -5.49
C LEU F 74 55.38 -19.55 -5.58
N THR F 75 55.10 -20.57 -4.76
CA THR F 75 55.89 -21.79 -4.78
C THR F 75 55.62 -22.50 -6.11
N ILE F 76 56.55 -22.34 -7.06
CA ILE F 76 56.40 -22.91 -8.40
C ILE F 76 56.79 -24.38 -8.37
N ARG F 77 56.52 -25.11 -9.47
CA ARG F 77 56.73 -26.55 -9.52
C ARG F 77 58.22 -26.88 -9.48
N GLY F 78 58.52 -28.19 -9.59
CA GLY F 78 59.90 -28.63 -9.47
C GLY F 78 60.75 -28.24 -10.67
N VAL F 79 60.30 -28.59 -11.87
CA VAL F 79 61.05 -28.28 -13.08
C VAL F 79 60.96 -26.78 -13.37
N GLN F 80 62.11 -26.17 -13.65
CA GLN F 80 62.19 -24.76 -13.99
C GLN F 80 62.99 -24.55 -15.26
N ALA F 81 62.94 -25.51 -16.18
CA ALA F 81 63.77 -25.48 -17.38
C ALA F 81 63.13 -24.56 -18.42
N ASP F 82 63.82 -23.45 -18.72
CA ASP F 82 63.55 -22.57 -19.86
C ASP F 82 62.32 -21.66 -19.67
N ASP F 83 61.41 -22.00 -18.76
CA ASP F 83 60.26 -21.13 -18.50
C ASP F 83 60.69 -19.85 -17.79
N GLU F 84 61.43 -19.00 -18.48
CA GLU F 84 62.03 -17.82 -17.86
C GLU F 84 61.59 -16.55 -18.58
N ALA F 85 61.10 -15.60 -17.78
CA ALA F 85 60.67 -14.30 -18.29
C ALA F 85 60.57 -13.37 -17.08
N ASP F 86 59.91 -12.23 -17.26
CA ASP F 86 59.66 -11.28 -16.20
C ASP F 86 58.25 -11.50 -15.63
N TYR F 87 58.15 -11.47 -14.30
CA TYR F 87 56.90 -11.71 -13.59
C TYR F 87 56.53 -10.48 -12.77
N TYR F 88 55.25 -10.10 -12.81
CA TYR F 88 54.74 -8.95 -12.10
C TYR F 88 53.75 -9.40 -11.01
N CYS F 89 52.87 -8.50 -10.59
CA CYS F 89 51.82 -8.73 -9.59
C CYS F 89 50.69 -7.75 -9.84
N GLN F 90 49.44 -8.22 -9.67
CA GLN F 90 48.26 -7.42 -10.02
C GLN F 90 47.55 -7.04 -8.74
N SER F 91 46.44 -7.68 -8.38
CA SER F 91 45.67 -7.40 -7.14
C SER F 91 45.00 -6.03 -7.11
N SER F 92 43.98 -5.89 -6.28
CA SER F 92 43.20 -4.66 -6.10
C SER F 92 43.36 -4.16 -4.67
N ASP F 93 42.65 -3.09 -4.37
CA ASP F 93 42.75 -2.41 -3.08
C ASP F 93 41.63 -2.84 -2.14
N THR F 94 41.74 -2.41 -0.88
CA THR F 94 40.76 -2.77 0.13
C THR F 94 39.38 -2.22 -0.20
N SER F 95 39.31 -1.02 -0.79
CA SER F 95 38.05 -0.44 -1.22
C SER F 95 37.71 -0.82 -2.65
N ASP F 96 38.34 -1.87 -3.19
CA ASP F 96 38.10 -2.36 -4.55
C ASP F 96 38.43 -1.33 -5.61
N SER F 97 38.46 -0.05 -5.24
CA SER F 97 38.81 1.00 -6.18
C SER F 97 40.26 0.85 -6.62
N TYR F 98 40.48 1.04 -7.93
CA TYR F 98 41.79 0.99 -8.60
C TYR F 98 42.61 -0.27 -8.31
N LYS F 99 43.70 -0.40 -9.06
CA LYS F 99 44.63 -1.52 -8.96
C LYS F 99 46.04 -0.98 -8.97
N MET F 100 46.88 -1.52 -8.10
CA MET F 100 48.28 -1.11 -8.04
C MET F 100 49.15 -2.27 -8.53
N PHE F 101 50.10 -1.93 -9.40
CA PHE F 101 51.16 -2.82 -9.84
C PHE F 101 52.47 -2.33 -9.24
N GLY F 102 53.23 -3.26 -8.64
CA GLY F 102 54.46 -2.88 -7.98
C GLY F 102 55.70 -3.54 -8.54
N GLY F 103 55.80 -3.61 -9.87
CA GLY F 103 56.95 -4.25 -10.48
C GLY F 103 56.95 -5.74 -10.16
N GLY F 104 58.07 -6.36 -10.49
CA GLY F 104 58.21 -7.78 -10.26
C GLY F 104 59.56 -8.30 -10.67
N THR F 105 59.64 -9.62 -10.77
CA THR F 105 60.92 -10.32 -10.87
C THR F 105 61.23 -10.75 -12.29
N LYS F 106 62.53 -10.88 -12.57
CA LYS F 106 63.04 -11.51 -13.78
C LYS F 106 64.03 -12.59 -13.34
N LEU F 107 63.64 -13.85 -13.49
CA LEU F 107 64.45 -14.98 -13.06
C LEU F 107 65.25 -15.52 -14.24
N THR F 108 66.42 -16.07 -13.94
CA THR F 108 67.33 -16.62 -14.95
C THR F 108 67.81 -17.98 -14.51
N VAL F 109 67.89 -18.91 -15.46
CA VAL F 109 68.36 -20.26 -15.21
C VAL F 109 69.86 -20.33 -15.48
N LEU F 110 70.59 -20.96 -14.56
CA LEU F 110 72.02 -21.18 -14.74
C LEU F 110 72.25 -22.49 -15.50
N GLY F 111 73.52 -22.83 -15.71
CA GLY F 111 73.87 -24.06 -16.38
C GLY F 111 73.84 -24.01 -17.88
N GLN F 112 73.37 -22.93 -18.49
CA GLN F 112 73.39 -22.81 -19.93
C GLN F 112 74.76 -22.35 -20.41
N PRO F 113 75.19 -22.81 -21.60
CA PRO F 113 76.53 -22.45 -22.09
C PRO F 113 76.68 -20.96 -22.39
N ALA F 114 77.89 -20.56 -22.81
CA ALA F 114 78.21 -19.16 -22.99
C ALA F 114 77.95 -18.74 -24.43
N ALA F 115 78.39 -17.52 -24.78
CA ALA F 115 78.13 -16.97 -26.10
C ALA F 115 78.87 -17.76 -27.18
N ALA F 116 78.31 -17.71 -28.39
CA ALA F 116 78.88 -18.38 -29.54
C ALA F 116 78.41 -17.68 -30.82
N PRO F 117 79.17 -16.70 -31.32
CA PRO F 117 78.72 -15.95 -32.50
C PRO F 117 78.67 -16.82 -33.74
N SER F 118 77.77 -16.45 -34.66
CA SER F 118 77.59 -17.19 -35.91
C SER F 118 76.76 -16.40 -36.91
N VAL F 119 77.04 -15.11 -37.06
CA VAL F 119 76.34 -14.24 -38.00
C VAL F 119 77.37 -13.59 -38.91
N THR F 120 77.10 -13.60 -40.21
CA THR F 120 78.01 -13.02 -41.19
C THR F 120 77.71 -11.54 -41.36
N LEU F 121 78.76 -10.74 -41.53
CA LEU F 121 78.63 -9.30 -41.71
C LEU F 121 78.18 -8.99 -43.13
N PHE F 122 77.41 -7.90 -43.27
CA PHE F 122 76.86 -7.47 -44.54
C PHE F 122 77.45 -6.14 -44.99
N PRO F 123 77.79 -6.00 -46.27
CA PRO F 123 78.24 -4.71 -46.77
C PRO F 123 77.18 -4.05 -47.63
N PRO F 124 77.21 -2.71 -47.75
CA PRO F 124 76.25 -2.04 -48.64
C PRO F 124 76.56 -2.33 -50.09
N SER F 125 75.56 -2.79 -50.82
CA SER F 125 75.74 -3.20 -52.22
C SER F 125 74.56 -2.71 -53.04
N SER F 126 74.84 -1.91 -54.07
CA SER F 126 73.86 -1.37 -55.00
C SER F 126 72.84 -0.45 -54.31
N GLU F 127 72.14 0.35 -55.10
CA GLU F 127 71.05 1.21 -54.64
C GLU F 127 71.50 2.28 -53.66
N GLU F 128 72.32 1.93 -52.66
CA GLU F 128 72.70 2.89 -51.63
C GLU F 128 73.86 3.75 -52.09
N LEU F 129 74.92 3.10 -52.55
CA LEU F 129 76.17 3.75 -52.88
C LEU F 129 76.03 4.66 -54.09
N GLN F 130 74.90 4.62 -54.79
CA GLN F 130 74.66 5.44 -55.96
C GLN F 130 73.82 6.68 -55.67
N ALA F 131 73.30 6.81 -54.45
CA ALA F 131 72.48 7.97 -54.10
C ALA F 131 73.33 9.15 -53.66
N ASN F 132 73.65 9.22 -52.38
CA ASN F 132 74.52 10.26 -51.85
C ASN F 132 75.37 9.73 -50.72
N LYS F 133 74.86 8.73 -49.99
CA LYS F 133 75.57 8.11 -48.88
C LYS F 133 75.53 6.61 -49.05
N ALA F 134 76.71 6.01 -49.28
CA ALA F 134 76.82 4.56 -49.27
C ALA F 134 76.53 3.99 -47.89
N THR F 135 76.91 4.72 -46.84
CA THR F 135 76.79 4.28 -45.44
C THR F 135 77.41 2.91 -45.23
N LEU F 136 77.33 2.38 -44.01
CA LEU F 136 78.04 1.16 -43.65
C LEU F 136 77.09 0.26 -42.89
N VAL F 137 76.78 -0.85 -43.54
CA VAL F 137 75.96 -1.89 -42.99
C VAL F 137 77.08 -2.67 -42.39
N CYS F 138 77.07 -2.73 -41.07
CA CYS F 138 78.17 -3.40 -40.39
C CYS F 138 77.47 -4.11 -39.24
N LEU F 139 76.87 -5.25 -39.51
CA LEU F 139 76.11 -5.89 -38.47
C LEU F 139 76.52 -7.31 -38.16
N ILE F 140 76.21 -7.66 -36.92
CA ILE F 140 76.41 -9.01 -36.40
C ILE F 140 75.37 -9.25 -35.30
N SER F 141 75.11 -10.51 -34.99
CA SER F 141 74.11 -10.87 -33.99
C SER F 141 74.46 -12.22 -33.35
N ASP F 142 73.52 -12.73 -32.54
CA ASP F 142 73.60 -14.00 -31.82
C ASP F 142 74.71 -14.03 -30.78
N PHE F 143 74.39 -13.67 -29.54
CA PHE F 143 75.38 -13.58 -28.47
C PHE F 143 74.66 -13.40 -27.14
N TYR F 144 75.34 -13.78 -26.05
CA TYR F 144 74.83 -13.63 -24.69
C TYR F 144 75.92 -13.91 -23.66
N PRO F 145 76.20 -12.95 -22.76
CA PRO F 145 75.61 -11.61 -22.73
C PRO F 145 76.27 -10.67 -23.74
N GLY F 146 75.94 -9.38 -23.67
CA GLY F 146 76.48 -8.43 -24.62
C GLY F 146 77.88 -7.96 -24.26
N ALA F 147 78.12 -6.66 -24.40
CA ALA F 147 79.35 -5.96 -24.02
C ALA F 147 80.56 -6.33 -24.89
N VAL F 148 80.36 -7.07 -25.97
CA VAL F 148 81.45 -7.39 -26.90
C VAL F 148 81.53 -6.28 -27.94
N THR F 149 82.73 -5.75 -28.16
CA THR F 149 82.92 -4.65 -29.09
C THR F 149 83.18 -5.16 -30.49
N VAL F 150 82.65 -4.44 -31.47
CA VAL F 150 82.82 -4.84 -32.87
C VAL F 150 84.07 -4.21 -33.48
N ALA F 151 84.48 -3.03 -33.00
CA ALA F 151 85.72 -2.37 -33.37
C ALA F 151 85.97 -2.38 -34.87
N TRP F 152 85.26 -1.53 -35.62
CA TRP F 152 85.42 -1.52 -37.06
C TRP F 152 86.75 -0.87 -37.45
N LYS F 153 87.51 -1.53 -38.32
CA LYS F 153 88.85 -1.12 -38.70
C LYS F 153 88.82 -0.30 -39.99
N ALA F 154 89.87 0.53 -40.15
CA ALA F 154 90.02 1.35 -41.35
C ALA F 154 90.76 0.63 -42.47
N ASP F 155 91.71 -0.24 -42.12
CA ASP F 155 92.46 -0.98 -43.11
C ASP F 155 92.77 -2.38 -42.59
N SER F 156 93.37 -2.43 -41.40
CA SER F 156 93.68 -3.69 -40.71
C SER F 156 93.87 -3.42 -39.22
N SER F 157 93.73 -2.15 -38.83
CA SER F 157 93.83 -1.72 -37.44
C SER F 157 92.54 -1.03 -37.01
N PRO F 158 92.05 -1.32 -35.81
CA PRO F 158 90.75 -0.77 -35.39
C PRO F 158 90.77 0.75 -35.24
N VAL F 159 90.18 1.45 -36.19
CA VAL F 159 89.92 2.88 -36.03
C VAL F 159 88.69 3.04 -35.15
N LYS F 160 88.82 3.84 -34.09
CA LYS F 160 87.65 4.15 -33.27
C LYS F 160 86.55 4.79 -34.12
N ALA F 161 86.88 5.77 -34.95
CA ALA F 161 85.85 6.32 -35.85
C ALA F 161 84.68 6.99 -35.13
N GLY F 162 83.56 7.09 -35.84
CA GLY F 162 82.35 7.70 -35.30
C GLY F 162 80.98 7.21 -35.75
N VAL F 163 80.50 6.07 -35.25
CA VAL F 163 79.16 5.62 -35.56
C VAL F 163 78.49 4.89 -34.40
N GLU F 164 77.16 4.89 -34.39
CA GLU F 164 76.36 4.29 -33.32
C GLU F 164 76.24 2.76 -33.20
N THR F 165 75.92 2.30 -31.99
CA THR F 165 75.73 0.89 -31.68
C THR F 165 74.44 0.73 -30.89
N THR F 166 73.84 -0.45 -30.93
CA THR F 166 72.57 -0.66 -30.24
C THR F 166 72.75 -1.49 -28.98
N THR F 167 71.95 -1.17 -27.96
CA THR F 167 72.01 -1.90 -26.71
C THR F 167 71.35 -3.27 -26.87
N PRO F 168 71.99 -4.35 -26.44
CA PRO F 168 71.43 -5.69 -26.68
C PRO F 168 70.08 -5.88 -26.02
N SER F 169 69.21 -6.63 -26.69
CA SER F 169 67.90 -6.99 -26.18
C SER F 169 67.65 -8.47 -26.46
N LYS F 170 67.02 -9.16 -25.52
CA LYS F 170 66.84 -10.59 -25.64
C LYS F 170 65.77 -10.94 -26.67
N GLN F 171 65.85 -12.17 -27.17
CA GLN F 171 64.89 -12.69 -28.13
C GLN F 171 64.86 -14.21 -28.05
N SER F 172 63.66 -14.78 -28.14
CA SER F 172 63.44 -16.22 -28.16
C SER F 172 64.05 -16.81 -26.90
N ASN F 173 65.05 -17.69 -26.98
CA ASN F 173 65.71 -18.27 -25.81
C ASN F 173 66.89 -17.38 -25.45
N ASN F 174 66.61 -16.37 -24.61
CA ASN F 174 67.60 -15.38 -24.20
C ASN F 174 68.18 -14.65 -25.41
N LYS F 175 69.42 -14.97 -25.77
CA LYS F 175 70.02 -14.49 -27.01
C LYS F 175 69.96 -12.98 -27.16
N TYR F 176 70.86 -12.25 -26.48
CA TYR F 176 70.96 -10.81 -26.69
C TYR F 176 71.28 -10.52 -28.16
N ALA F 177 70.67 -9.47 -28.69
CA ALA F 177 70.82 -9.17 -30.12
C ALA F 177 70.97 -7.67 -30.37
N ALA F 178 70.01 -7.10 -31.10
CA ALA F 178 69.94 -5.67 -31.42
C ALA F 178 71.06 -5.22 -32.35
N SER F 179 72.19 -5.95 -32.35
CA SER F 179 73.27 -5.72 -33.30
C SER F 179 73.89 -4.33 -33.16
N SER F 180 74.76 -3.97 -34.12
CA SER F 180 75.44 -2.68 -34.13
C SER F 180 75.57 -2.18 -35.55
N TYR F 181 75.30 -0.90 -35.75
CA TYR F 181 75.29 -0.29 -37.08
C TYR F 181 76.36 0.78 -37.19
N LEU F 182 76.66 1.17 -38.42
CA LEU F 182 77.69 2.16 -38.72
C LEU F 182 77.17 3.09 -39.80
N SER F 183 77.85 4.21 -40.01
CA SER F 183 77.33 5.25 -40.90
C SER F 183 78.47 6.21 -41.27
N LEU F 184 79.05 5.99 -42.44
CA LEU F 184 80.02 6.92 -43.02
C LEU F 184 79.59 7.26 -44.45
N THR F 185 80.21 8.27 -45.02
CA THR F 185 79.91 8.70 -46.37
C THR F 185 80.64 7.82 -47.40
N PRO F 186 80.20 7.83 -48.66
CA PRO F 186 80.95 7.10 -49.70
C PRO F 186 82.34 7.66 -49.93
N GLU F 187 82.56 8.95 -49.68
CA GLU F 187 83.89 9.55 -49.73
C GLU F 187 84.87 8.87 -48.79
N GLN F 188 84.40 8.10 -47.81
CA GLN F 188 85.26 7.25 -46.99
C GLN F 188 85.13 5.78 -47.30
N TRP F 189 83.97 5.33 -47.78
CA TRP F 189 83.82 3.93 -48.16
C TRP F 189 84.49 3.63 -49.50
N LYS F 190 84.37 4.54 -50.48
CA LYS F 190 84.97 4.35 -51.79
C LYS F 190 86.34 5.00 -51.93
N SER F 191 87.10 5.11 -50.86
CA SER F 191 88.34 5.90 -50.96
C SER F 191 89.44 5.49 -49.99
N HIS F 192 89.11 4.86 -48.87
CA HIS F 192 90.13 4.60 -47.85
C HIS F 192 90.86 3.27 -48.09
N LYS F 193 90.17 2.15 -47.87
CA LYS F 193 90.82 0.85 -47.98
C LYS F 193 89.83 -0.22 -48.41
N SER F 194 90.00 -1.44 -47.89
CA SER F 194 89.13 -2.56 -48.21
C SER F 194 88.13 -2.90 -47.12
N TYR F 195 88.36 -2.43 -45.88
CA TYR F 195 87.45 -2.60 -44.75
C TYR F 195 87.34 -4.04 -44.28
N SER F 196 87.21 -4.22 -42.96
CA SER F 196 86.99 -5.52 -42.34
C SER F 196 86.67 -5.29 -40.87
N CYS F 197 85.72 -6.06 -40.36
CA CYS F 197 85.26 -5.96 -38.99
C CYS F 197 85.83 -7.10 -38.16
N GLN F 198 85.65 -7.02 -36.84
CA GLN F 198 86.18 -8.01 -35.92
C GLN F 198 85.19 -8.28 -34.79
N VAL F 199 85.48 -9.33 -34.03
CA VAL F 199 84.72 -9.69 -32.84
C VAL F 199 85.70 -10.06 -31.74
N THR F 200 85.51 -9.48 -30.55
CA THR F 200 86.40 -9.70 -29.40
C THR F 200 85.56 -9.94 -28.16
N HIS F 201 85.08 -11.19 -28.00
CA HIS F 201 84.39 -11.58 -26.78
C HIS F 201 85.41 -12.06 -25.75
N GLU F 202 85.80 -13.33 -25.85
CA GLU F 202 86.88 -13.86 -25.02
C GLU F 202 87.33 -15.18 -25.63
N GLY F 203 88.62 -15.46 -25.48
CA GLY F 203 89.19 -16.70 -26.00
C GLY F 203 89.28 -16.73 -27.51
N SER F 204 88.35 -17.43 -28.16
CA SER F 204 88.34 -17.59 -29.60
C SER F 204 87.12 -16.89 -30.17
N THR F 205 87.36 -15.93 -31.06
CA THR F 205 86.28 -15.19 -31.73
C THR F 205 86.67 -14.96 -33.18
N VAL F 206 85.79 -15.35 -34.11
CA VAL F 206 86.07 -15.31 -35.54
C VAL F 206 85.06 -14.36 -36.20
N GLU F 207 85.44 -13.86 -37.38
CA GLU F 207 84.61 -12.90 -38.11
C GLU F 207 84.92 -13.01 -39.60
N LYS F 208 84.46 -12.03 -40.39
CA LYS F 208 84.48 -12.10 -41.84
C LYS F 208 85.00 -10.80 -42.43
N THR F 209 85.59 -10.89 -43.62
CA THR F 209 86.13 -9.75 -44.36
C THR F 209 85.05 -9.10 -45.23
N VAL F 210 85.36 -7.89 -45.73
CA VAL F 210 84.41 -7.12 -46.52
C VAL F 210 84.78 -7.16 -48.01
N ALA F 211 85.44 -6.09 -48.49
CA ALA F 211 85.86 -5.86 -49.88
C ALA F 211 84.67 -5.56 -50.79
N PRO F 212 84.87 -4.75 -51.84
CA PRO F 212 83.76 -4.42 -52.74
C PRO F 212 83.75 -5.32 -53.98
N THR F 213 84.07 -4.75 -55.14
CA THR F 213 84.17 -5.49 -56.40
C THR F 213 82.85 -6.18 -56.76
N GLU F 214 81.72 -5.50 -56.50
CA GLU F 214 80.43 -6.03 -56.92
C GLU F 214 80.24 -5.92 -58.43
N CYS F 215 80.77 -4.87 -59.06
CA CYS F 215 80.65 -4.68 -60.49
C CYS F 215 81.91 -5.12 -61.24
#